data_5OXV
#
_entry.id   5OXV
#
_cell.length_a   348.839
_cell.length_b   63.274
_cell.length_c   271.361
_cell.angle_alpha   90.00
_cell.angle_beta   124.74
_cell.angle_gamma   90.00
#
_symmetry.space_group_name_H-M   'C 1 2 1'
#
loop_
_entity.id
_entity.type
_entity.pdbx_description
1 polymer 'DNA STRAND 1 (601-based sequence model)'
2 polymer 'Histone H2B 1.1'
3 polymer 'Histone H2A'
4 polymer 'Histone H4'
5 polymer 'Histone H3.2'
6 polymer 'DNA STRAND 2 (601-based sequence model)'
#
loop_
_entity_poly.entity_id
_entity_poly.type
_entity_poly.pdbx_seq_one_letter_code
_entity_poly.pdbx_strand_id
1 'polydeoxyribonucleotide'
;(DC)(DT)(DG)(DC)(DG)(DC)(DA)(DG)(DG)(DA)(DT)(DG)(DT)(DA)(DT)(DA)(DT)(DA)(DT)(DC)
(DT)(DG)(DA)(DC)(DA)(DC)(DG)(DT)(DG)(DC)(DC)(DT)(DG)(DG)(DA)(DG)(DA)(DC)(DT)(DA)
(DG)(DG)(DG)(DA)(DG)(DT)(DA)(DA)(DT)(DC)(DC)(DC)(DC)(DT)(DT)(DG)(DG)(DC)(DG)(DG)
(DT)(DT)(DA)(DA)(DA)(DA)(DC)(DG)(DC)(DG)(DG)(DG)(DG)(DG)(DA)(DC)(DA)(DG)(DC)(DG)
(DC)(DG)(DT)(DA)(DC)(DG)(DT)(DG)(DC)(DG)(DT)(DT)(DT)(DA)(DA)(DG)(DC)(DG)(DG)(DT)
(DG)(DC)(DT)(DA)(DG)(DA)(DG)(DC)(DT)(DG)(DT)(DC)(DT)(DA)(DC)(DG)(DA)(DC)(DC)(DA)
(DA)(DT)(DT)(DG)(DA)(DG)(DC)(DG)(DG)(DC)(DC)(DT)(DC)(DG)(DG)(DC)(DA)(DC)(DC)(DG)
(DG)(DG)(DA)(DT)(DT)(DC)(DT)(DC)(DC)(DA)(DG)(DG)(DA)(DG)(DT)(DA)(DC)(DT)(DG)(DC)
(DA)(DC)(DA)(DG)(DG)(DA)(DT)(DG)(DT)(DA)(DT)(DA)(DT)(DA)(DT)(DC)(DT)(DG)(DA)(DC)
(DA)(DC)(DG)(DT)(DG)(DC)(DC)(DT)(DG)(DG)(DA)(DG)(DA)(DC)(DT)(DA)(DG)(DG)(DG)(DA)
(DG)(DT)(DA)(DA)(DT)(DC)(DC)(DC)(DC)(DT)(DT)(DG)(DG)(DC)(DG)(DG)(DT)(DT)(DA)(DA)
(DA)(DA)(DC)(DG)(DC)(DG)(DG)(DG)(DG)(DG)(DA)(DC)(DA)(DG)(DC)(DG)(DC)(DG)(DT)(DA)
(DC)(DG)(DT)(DG)(DC)(DG)(DT)(DT)(DT)(DA)(DA)(DG)(DC)(DG)(DG)(DT)(DG)(DC)(DT)(DA)
(DG)(DA)(DG)(DC)(DT)(DG)(DT)(DC)(DT)(DA)(DC)(DG)(DA)(DC)(DC)(DA)(DA)(DT)(DT)(DG)
(DA)(DG)(DC)(DG)(DG)(DC)(DC)(DT)(DC)(DG)(DG)(DC)(DA)(DC)(DC)(DG)(DG)(DG)(DA)(DT)
(DT)(DC)(DT)(DC)(DC)(DA)(DG)(DG)(DG)(DA)(DG)(DT)
;
J
2 'polypeptide(L)'
;MPEPAKSAPAPKKGSKKAVTKTQKKDGKKRRKTRKESYAIYVYKVLKQVHPDTGISSKAMSIMNSFVNDVFERIAGEASR
LAHYNKRSTITSREIQTAVRLLLPGELAKHAVSEGTKAVTKYTSAK
;
R,N,H,D
3 'polypeptide(L)'
;MSGRGKQGGKTRAKAKTRSSRAGLQFPVGRVHRLLRKGNYAERVGAGAPVYLAAVLEYLTAEILELAGNAARDNKKTRII
PRHLQLAVRNDEELNKLLGRVTIAQGGVLPNIQSVLLPKKTESSKSAKSK
;
Q,M,G,C
4 'polypeptide(L)'
;SGRGKGGKGLGKGGAKRHRKVLRDNIQGITKPAIRRLARRGGVKRISGLIYEETRGVLKVFLENVIRDAVTYTEHAKRKT
VTAMDVVYALKRQGRTLYGFGG
;
P,L,F,B
5 'polypeptide(L)'
;ARTKQTARKSTGGKAPRKQLATKAARKSAPATGGVKKPHRYRPGTVALREIRRYQKSTELLIRKLPFQRLVREIAQDFKT
DLRFQSSAVMALQEASEAYLVALFEDTNLCAIHAKRVTIMPKDIQLARRIRGERA
;
O,K,E,A
6 'polydeoxyribonucleotide'
;(DA)(DT)(DC)(DC)(DC)(DC)(DT)(DG)(DG)(DA)(DG)(DA)(DA)(DT)(DC)(DC)(DC)(DG)(DG)(DT)
(DG)(DC)(DC)(DG)(DA)(DG)(DG)(DC)(DC)(DG)(DC)(DT)(DC)(DA)(DA)(DT)(DT)(DG)(DG)(DT)
(DC)(DG)(DT)(DA)(DG)(DA)(DC)(DA)(DG)(DC)(DT)(DC)(DT)(DA)(DG)(DC)(DA)(DC)(DC)(DG)
(DC)(DT)(DT)(DA)(DA)(DA)(DC)(DG)(DC)(DA)(DC)(DG)(DT)(DA)(DC)(DG)(DC)(DG)(DC)(DT)
(DG)(DT)(DC)(DC)(DC)(DC)(DC)(DG)(DC)(DG)(DT)(DT)(DT)(DT)(DA)(DA)(DC)(DC)(DG)(DC)
(DC)(DA)(DA)(DG)(DG)(DG)(DG)(DA)(DT)(DT)(DA)(DC)(DT)(DC)(DC)(DC)(DT)(DA)(DG)(DT)
(DC)(DT)(DC)(DC)(DA)(DG)(DG)(DC)(DA)(DC)(DG)(DT)(DG)(DT)(DC)(DA)(DG)(DA)(DT)(DA)
(DT)(DA)(DT)(DA)(DC)(DA)(DT)(DC)(DC)(DT)(DG)(DT)(DG)(DC)(DA)(DG)(DT)(DA)(DC)(DT)
(DC)(DC)(DT)(DG)(DG)(DA)(DG)(DA)(DA)(DT)(DC)(DC)(DC)(DG)(DG)(DT)(DG)(DC)(DC)(DG)
(DA)(DG)(DG)(DC)(DC)(DG)(DC)(DT)(DC)(DA)(DA)(DT)(DT)(DG)(DG)(DT)(DC)(DG)(DT)(DA)
(DG)(DA)(DC)(DA)(DG)(DC)(DT)(DC)(DT)(DA)(DG)(DC)(DA)(DC)(DC)(DG)(DC)(DT)(DT)(DA)
(DA)(DA)(DC)(DG)(DC)(DA)(DC)(DG)(DT)(DA)(DC)(DG)(DC)(DG)(DC)(DT)(DG)(DT)(DC)(DC)
(DC)(DC)(DC)(DG)(DC)(DG)(DT)(DT)(DT)(DT)(DA)(DA)(DC)(DC)(DG)(DC)(DC)(DA)(DA)(DG)
(DG)(DG)(DG)(DA)(DT)(DT)(DA)(DC)(DT)(DC)(DC)(DC)(DT)(DA)(DG)(DT)(DC)(DT)(DC)(DC)
(DA)(DG)(DG)(DC)(DA)(DC)(DG)(DT)(DG)(DT)(DC)(DA)(DG)(DA)(DT)(DA)(DT)(DA)(DT)(DA)
(DC)(DA)(DT)(DC)(DC)(DT)(DG)(DT)(DG)(DC)(DA)(DG)(DT)
;
I
#
# COMPACT_ATOMS: atom_id res chain seq x y z
N THR B 33 91.59 -25.87 -20.14
CA THR B 33 90.99 -26.90 -21.04
C THR B 33 89.95 -26.30 -22.00
N ARG B 34 89.48 -27.12 -22.94
CA ARG B 34 88.49 -26.68 -23.94
C ARG B 34 87.11 -26.48 -23.32
N LYS B 35 86.66 -25.23 -23.30
CA LYS B 35 85.27 -24.93 -23.01
C LYS B 35 84.56 -24.55 -24.32
N GLU B 36 83.78 -25.49 -24.85
CA GLU B 36 83.00 -25.23 -26.05
C GLU B 36 81.92 -24.19 -25.81
N SER B 37 81.48 -23.56 -26.89
CA SER B 37 80.54 -22.44 -26.85
C SER B 37 80.02 -22.17 -28.26
N TYR B 38 78.82 -21.59 -28.32
CA TYR B 38 78.26 -21.09 -29.54
C TYR B 38 78.70 -19.65 -29.78
N ALA B 39 79.86 -19.27 -29.26
CA ALA B 39 80.27 -17.87 -29.32
C ALA B 39 80.60 -17.41 -30.75
N ILE B 40 81.09 -18.33 -31.56
CA ILE B 40 81.48 -17.97 -32.93
C ILE B 40 80.25 -17.87 -33.80
N TYR B 41 79.43 -18.91 -33.78
CA TYR B 41 78.18 -18.93 -34.53
C TYR B 41 77.29 -17.75 -34.15
N VAL B 42 77.25 -17.39 -32.87
CA VAL B 42 76.45 -16.23 -32.53
C VAL B 42 77.09 -14.98 -33.12
N TYR B 43 78.41 -14.85 -33.04
CA TYR B 43 79.06 -13.70 -33.69
C TYR B 43 78.68 -13.67 -35.18
N LYS B 44 78.97 -14.77 -35.88
CA LYS B 44 78.69 -14.86 -37.28
C LYS B 44 77.34 -14.25 -37.56
N VAL B 45 76.27 -14.84 -37.02
CA VAL B 45 74.90 -14.36 -37.23
C VAL B 45 74.71 -12.89 -36.86
N LEU B 46 75.19 -12.46 -35.69
CA LEU B 46 75.16 -11.03 -35.40
C LEU B 46 75.80 -10.19 -36.53
N LYS B 47 76.93 -10.65 -37.08
CA LYS B 47 77.60 -9.84 -38.12
C LYS B 47 76.77 -9.77 -39.38
N GLN B 48 76.28 -10.93 -39.79
CA GLN B 48 75.22 -10.97 -40.79
C GLN B 48 74.07 -10.01 -40.51
N VAL B 49 73.71 -9.75 -39.26
CA VAL B 49 72.47 -9.01 -39.02
C VAL B 49 72.64 -7.59 -38.54
N HIS B 50 73.73 -7.32 -37.82
CA HIS B 50 74.03 -5.96 -37.40
C HIS B 50 75.54 -5.74 -37.45
N PRO B 51 76.12 -5.67 -38.67
CA PRO B 51 77.58 -5.65 -38.89
C PRO B 51 78.40 -4.60 -38.13
N ASP B 52 77.83 -3.49 -37.69
CA ASP B 52 78.64 -2.56 -36.90
C ASP B 52 78.36 -2.72 -35.40
N THR B 53 78.21 -3.96 -34.95
CA THR B 53 77.70 -4.17 -33.59
C THR B 53 78.36 -5.33 -32.86
N GLY B 54 78.83 -5.02 -31.65
CA GLY B 54 79.53 -6.01 -30.83
C GLY B 54 78.75 -6.49 -29.63
N ILE B 55 79.18 -7.63 -29.09
CA ILE B 55 78.50 -8.20 -27.94
C ILE B 55 79.42 -8.26 -26.74
N SER B 56 78.88 -7.89 -25.58
CA SER B 56 79.60 -7.97 -24.29
C SER B 56 79.74 -9.40 -23.81
N SER B 57 80.80 -9.63 -23.04
CA SER B 57 81.03 -10.90 -22.36
C SER B 57 79.80 -11.54 -21.71
N LYS B 58 79.05 -10.74 -20.93
CA LYS B 58 77.84 -11.19 -20.27
C LYS B 58 76.74 -11.54 -21.27
N ALA B 59 76.46 -10.57 -22.15
CA ALA B 59 75.54 -10.77 -23.27
C ALA B 59 75.84 -12.06 -24.03
N MET B 60 77.10 -12.25 -24.41
CA MET B 60 77.44 -13.47 -25.10
C MET B 60 76.95 -14.61 -24.24
N SER B 61 77.43 -14.63 -22.98
CA SER B 61 77.11 -15.68 -22.02
C SER B 61 75.60 -15.98 -22.06
N ILE B 62 74.78 -14.96 -21.82
CA ILE B 62 73.33 -15.07 -21.92
C ILE B 62 72.89 -15.75 -23.21
N MET B 63 73.18 -15.13 -24.37
CA MET B 63 72.95 -15.78 -25.66
C MET B 63 73.29 -17.26 -25.56
N ASN B 64 74.55 -17.53 -25.25
CA ASN B 64 75.01 -18.91 -25.08
C ASN B 64 74.10 -19.78 -24.23
N SER B 65 73.47 -19.19 -23.22
CA SER B 65 72.52 -19.93 -22.42
C SER B 65 71.28 -20.26 -23.23
N PHE B 66 70.71 -19.21 -23.82
CA PHE B 66 69.48 -19.30 -24.61
C PHE B 66 69.53 -20.42 -25.65
N VAL B 67 70.65 -20.52 -26.35
CA VAL B 67 70.78 -21.59 -27.34
C VAL B 67 70.62 -22.94 -26.66
N ASN B 68 71.43 -23.17 -25.60
CA ASN B 68 71.34 -24.42 -24.83
C ASN B 68 69.90 -24.75 -24.27
N ASP B 69 69.19 -23.74 -23.76
CA ASP B 69 67.89 -23.95 -23.19
C ASP B 69 66.95 -24.52 -24.24
N VAL B 70 66.83 -23.76 -25.34
CA VAL B 70 65.98 -24.10 -26.49
C VAL B 70 66.42 -25.40 -27.15
N PHE B 71 67.73 -25.63 -27.20
CA PHE B 71 68.19 -26.98 -27.57
C PHE B 71 67.54 -28.10 -26.76
N GLU B 72 67.63 -28.06 -25.41
CA GLU B 72 67.06 -29.13 -24.59
C GLU B 72 65.57 -29.18 -24.78
N ARG B 73 64.94 -28.02 -24.77
CA ARG B 73 63.51 -27.97 -24.78
C ARG B 73 62.99 -28.70 -26.01
N ILE B 74 63.57 -28.35 -27.15
CA ILE B 74 63.29 -28.99 -28.41
C ILE B 74 63.65 -30.47 -28.35
N ALA B 75 64.93 -30.75 -28.12
CA ALA B 75 65.44 -32.12 -28.11
C ALA B 75 64.61 -33.04 -27.22
N GLY B 76 64.36 -32.59 -25.99
CA GLY B 76 63.52 -33.33 -25.04
C GLY B 76 62.15 -33.67 -25.58
N GLU B 77 61.43 -32.66 -26.05
CA GLU B 77 60.04 -32.85 -26.51
C GLU B 77 59.98 -33.74 -27.75
N ALA B 78 61.07 -33.73 -28.52
CA ALA B 78 61.20 -34.64 -29.64
C ALA B 78 61.30 -36.07 -29.12
N SER B 79 62.20 -36.23 -28.14
CA SER B 79 62.41 -37.50 -27.44
C SER B 79 61.13 -38.12 -26.88
N ARG B 80 60.29 -37.31 -26.26
CA ARG B 80 58.97 -37.76 -25.84
C ARG B 80 58.14 -38.28 -27.01
N LEU B 81 58.19 -37.59 -28.15
CA LEU B 81 57.43 -37.97 -29.35
C LEU B 81 57.86 -39.30 -29.95
N ALA B 82 59.17 -39.49 -30.08
CA ALA B 82 59.67 -40.81 -30.42
C ALA B 82 59.04 -41.83 -29.48
N HIS B 83 59.27 -41.66 -28.17
CA HIS B 83 58.78 -42.59 -27.15
C HIS B 83 57.30 -42.86 -27.23
N TYR B 84 56.49 -41.81 -27.32
CA TYR B 84 55.04 -41.95 -27.28
C TYR B 84 54.53 -42.80 -28.42
N ASN B 85 55.33 -42.86 -29.47
CA ASN B 85 54.96 -43.54 -30.71
C ASN B 85 55.80 -44.79 -30.93
N LYS B 86 56.15 -45.43 -29.82
CA LYS B 86 57.05 -46.58 -29.83
C LYS B 86 58.08 -46.52 -30.97
N ARG B 87 58.91 -45.47 -30.95
CA ARG B 87 59.85 -45.27 -32.04
C ARG B 87 61.28 -45.01 -31.55
N SER B 88 62.25 -45.67 -32.19
CA SER B 88 63.63 -45.74 -31.68
C SER B 88 64.52 -44.59 -32.13
N THR B 89 63.96 -43.65 -32.88
CA THR B 89 64.80 -42.68 -33.61
C THR B 89 64.17 -41.30 -33.77
N ILE B 90 64.98 -40.28 -33.49
CA ILE B 90 64.57 -38.89 -33.66
C ILE B 90 65.00 -38.40 -35.03
N THR B 91 64.03 -38.26 -35.92
CA THR B 91 64.23 -37.72 -37.27
C THR B 91 63.66 -36.32 -37.27
N SER B 92 64.06 -35.51 -38.24
CA SER B 92 63.54 -34.14 -38.35
C SER B 92 62.01 -34.02 -38.37
N ARG B 93 61.30 -35.09 -38.64
CA ARG B 93 59.85 -35.04 -38.49
C ARG B 93 59.50 -34.71 -37.03
N GLU B 94 60.15 -35.44 -36.11
CA GLU B 94 60.10 -35.20 -34.64
C GLU B 94 60.49 -33.78 -34.26
N ILE B 95 61.71 -33.38 -34.63
CA ILE B 95 62.23 -32.03 -34.38
C ILE B 95 61.27 -30.97 -34.91
N GLN B 96 60.65 -31.26 -36.05
CA GLN B 96 59.60 -30.37 -36.50
C GLN B 96 58.45 -30.31 -35.55
N THR B 97 57.74 -31.43 -35.33
CA THR B 97 56.53 -31.31 -34.53
C THR B 97 56.81 -30.84 -33.12
N ALA B 98 57.96 -31.26 -32.58
CA ALA B 98 58.54 -30.66 -31.37
C ALA B 98 58.44 -29.15 -31.41
N VAL B 99 58.85 -28.58 -32.53
CA VAL B 99 58.83 -27.13 -32.72
C VAL B 99 57.43 -26.57 -32.67
N ARG B 100 56.47 -27.32 -33.20
CA ARG B 100 55.10 -26.83 -33.27
C ARG B 100 54.41 -26.80 -31.91
N LEU B 101 54.95 -27.57 -30.95
CA LEU B 101 54.47 -27.55 -29.56
C LEU B 101 55.15 -26.45 -28.75
N LEU B 102 56.47 -26.39 -28.85
CA LEU B 102 57.29 -25.43 -28.10
C LEU B 102 57.13 -23.95 -28.37
N LEU B 103 57.17 -23.56 -29.65
CA LEU B 103 57.23 -22.15 -30.04
C LEU B 103 55.83 -21.53 -30.18
N PRO B 104 55.73 -20.20 -29.97
CA PRO B 104 54.49 -19.52 -30.35
C PRO B 104 54.41 -19.25 -31.88
N GLY B 105 53.18 -19.16 -32.39
CA GLY B 105 52.88 -19.00 -33.83
C GLY B 105 53.92 -18.44 -34.82
N GLU B 106 53.99 -17.13 -34.95
CA GLU B 106 54.83 -16.57 -35.98
C GLU B 106 56.26 -17.11 -35.90
N LEU B 107 56.75 -17.20 -34.66
CA LEU B 107 58.04 -17.81 -34.38
C LEU B 107 58.08 -19.25 -34.91
N ALA B 108 57.09 -20.06 -34.52
CA ALA B 108 57.02 -21.46 -34.95
C ALA B 108 57.02 -21.59 -36.48
N LYS B 109 56.05 -20.92 -37.12
CA LYS B 109 55.88 -21.00 -38.57
C LYS B 109 57.17 -20.71 -39.33
N HIS B 110 57.71 -19.52 -39.13
CA HIS B 110 58.99 -19.18 -39.73
C HIS B 110 60.09 -20.22 -39.47
N ALA B 111 60.31 -20.55 -38.20
CA ALA B 111 61.30 -21.56 -37.80
C ALA B 111 61.14 -22.89 -38.53
N VAL B 112 59.89 -23.39 -38.61
CA VAL B 112 59.56 -24.58 -39.40
C VAL B 112 60.02 -24.42 -40.84
N SER B 113 59.60 -23.34 -41.50
CA SER B 113 59.96 -23.12 -42.89
C SER B 113 61.49 -23.11 -43.01
N GLU B 114 62.10 -22.20 -42.26
CA GLU B 114 63.54 -22.10 -42.14
C GLU B 114 64.24 -23.45 -42.01
N GLY B 115 63.67 -24.31 -41.17
CA GLY B 115 64.23 -25.61 -40.89
C GLY B 115 64.12 -26.57 -42.04
N THR B 116 62.89 -26.78 -42.54
CA THR B 116 62.64 -27.78 -43.59
C THR B 116 63.31 -27.36 -44.90
N LYS B 117 63.61 -26.06 -44.99
CA LYS B 117 64.39 -25.53 -46.08
C LYS B 117 65.81 -26.10 -46.07
N ALA B 118 66.52 -25.96 -44.95
CA ALA B 118 67.94 -26.37 -44.89
C ALA B 118 68.13 -27.88 -45.02
N VAL B 119 67.06 -28.62 -44.77
CA VAL B 119 67.03 -30.08 -44.90
C VAL B 119 66.99 -30.45 -46.36
N THR B 120 65.94 -29.97 -47.02
CA THR B 120 65.86 -29.97 -48.46
C THR B 120 67.22 -29.58 -49.06
N LYS B 121 67.72 -28.38 -48.73
CA LYS B 121 69.05 -27.93 -49.18
C LYS B 121 70.15 -28.96 -48.91
N TYR B 122 70.06 -29.60 -47.75
CA TYR B 122 71.05 -30.58 -47.30
C TYR B 122 71.02 -31.92 -48.05
N THR B 123 69.83 -32.45 -48.28
CA THR B 123 69.64 -33.66 -49.08
C THR B 123 70.35 -33.53 -50.44
N SER B 124 69.90 -32.56 -51.23
CA SER B 124 70.37 -32.33 -52.60
C SER B 124 71.89 -32.20 -52.70
N ALA B 125 72.49 -31.42 -51.80
CA ALA B 125 73.93 -31.17 -51.78
C ALA B 125 74.71 -32.25 -51.02
N ALA C 15 81.72 -28.22 -50.82
CA ALA C 15 82.04 -27.94 -49.38
C ALA C 15 82.05 -29.22 -48.52
N LYS C 16 82.88 -29.21 -47.48
CA LYS C 16 83.00 -30.35 -46.56
C LYS C 16 82.04 -30.23 -45.38
N THR C 17 82.09 -29.09 -44.67
CA THR C 17 81.18 -28.79 -43.55
C THR C 17 79.72 -29.03 -43.91
N ARG C 18 79.07 -29.93 -43.16
CA ARG C 18 77.63 -30.19 -43.30
C ARG C 18 76.82 -28.92 -43.13
N SER C 19 77.42 -27.96 -42.44
CA SER C 19 76.83 -26.64 -42.27
C SER C 19 76.68 -25.99 -43.62
N SER C 20 77.74 -26.06 -44.42
CA SER C 20 77.72 -25.46 -45.75
C SER C 20 76.74 -26.17 -46.67
N ARG C 21 76.76 -27.49 -46.68
CA ARG C 21 75.75 -28.25 -47.42
C ARG C 21 74.33 -27.78 -47.11
N ALA C 22 74.12 -27.23 -45.92
CA ALA C 22 72.80 -26.78 -45.52
C ALA C 22 72.72 -25.27 -45.58
N GLY C 23 73.83 -24.64 -45.92
CA GLY C 23 73.91 -23.20 -45.98
C GLY C 23 73.47 -22.62 -44.66
N LEU C 24 74.20 -23.00 -43.62
CA LEU C 24 73.91 -22.59 -42.25
C LEU C 24 75.17 -22.11 -41.56
N GLN C 25 74.95 -21.20 -40.62
CA GLN C 25 76.00 -20.71 -39.74
C GLN C 25 76.29 -21.65 -38.56
N PHE C 26 75.30 -22.43 -38.16
CA PHE C 26 75.41 -23.27 -36.98
C PHE C 26 76.10 -24.60 -37.26
N PRO C 27 76.90 -25.09 -36.28
CA PRO C 27 77.67 -26.32 -36.52
C PRO C 27 76.80 -27.59 -36.39
N VAL C 28 76.40 -28.13 -37.54
CA VAL C 28 75.53 -29.29 -37.64
C VAL C 28 76.20 -30.55 -37.10
N GLY C 29 77.54 -30.55 -37.08
CA GLY C 29 78.30 -31.65 -36.49
C GLY C 29 78.15 -31.66 -34.97
N ARG C 30 78.24 -30.47 -34.37
CA ARG C 30 78.04 -30.30 -32.94
C ARG C 30 76.61 -30.74 -32.57
N VAL C 31 75.62 -30.11 -33.17
CA VAL C 31 74.23 -30.46 -32.88
C VAL C 31 74.00 -31.96 -33.06
N HIS C 32 74.87 -32.63 -33.80
CA HIS C 32 74.71 -34.06 -34.04
C HIS C 32 75.27 -34.87 -32.88
N ARG C 33 76.48 -34.52 -32.47
CA ARG C 33 77.11 -35.17 -31.34
C ARG C 33 76.22 -35.02 -30.12
N LEU C 34 75.82 -33.78 -29.82
CA LEU C 34 74.98 -33.51 -28.67
C LEU C 34 73.74 -34.39 -28.64
N LEU C 35 72.99 -34.44 -29.72
CA LEU C 35 71.77 -35.26 -29.73
C LEU C 35 72.00 -36.73 -29.37
N ARG C 36 73.22 -37.22 -29.63
CA ARG C 36 73.55 -38.61 -29.28
C ARG C 36 74.07 -38.76 -27.85
N LYS C 37 75.06 -37.96 -27.48
CA LYS C 37 75.53 -37.89 -26.09
C LYS C 37 74.48 -37.20 -25.21
N GLY C 38 73.22 -37.60 -25.35
CA GLY C 38 72.13 -36.90 -24.67
C GLY C 38 70.92 -37.78 -24.44
N ASN C 39 70.98 -39.02 -24.91
CA ASN C 39 70.00 -40.00 -24.52
C ASN C 39 68.59 -39.46 -24.73
N TYR C 40 68.29 -39.12 -25.99
CA TYR C 40 66.95 -38.69 -26.36
C TYR C 40 66.30 -39.85 -27.11
N ALA C 41 67.15 -40.61 -27.80
CA ALA C 41 66.75 -41.86 -28.41
C ALA C 41 67.96 -42.69 -28.81
N GLU C 42 67.72 -43.98 -29.01
CA GLU C 42 68.72 -44.89 -29.53
C GLU C 42 69.46 -44.20 -30.66
N ARG C 43 68.69 -43.94 -31.71
CA ARG C 43 69.24 -43.51 -32.99
C ARG C 43 68.73 -42.12 -33.35
N VAL C 44 69.57 -41.39 -34.08
CA VAL C 44 69.23 -40.06 -34.57
C VAL C 44 69.22 -40.06 -36.09
N GLY C 45 68.18 -39.49 -36.69
CA GLY C 45 68.17 -39.23 -38.13
C GLY C 45 69.29 -38.30 -38.53
N ALA C 46 69.35 -37.96 -39.82
CA ALA C 46 70.41 -37.05 -40.28
C ALA C 46 69.85 -35.70 -40.65
N GLY C 47 68.53 -35.61 -40.74
CA GLY C 47 67.88 -34.33 -41.03
C GLY C 47 67.54 -33.54 -39.78
N ALA C 48 67.35 -34.29 -38.69
CA ALA C 48 67.06 -33.73 -37.37
C ALA C 48 68.14 -32.75 -36.85
N PRO C 49 69.44 -33.12 -36.89
CA PRO C 49 70.46 -32.12 -36.53
C PRO C 49 70.31 -30.86 -37.36
N VAL C 50 70.25 -31.06 -38.69
CA VAL C 50 70.16 -29.99 -39.69
C VAL C 50 69.03 -29.05 -39.35
N TYR C 51 67.82 -29.62 -39.29
CA TYR C 51 66.63 -28.89 -38.92
C TYR C 51 66.85 -28.11 -37.63
N LEU C 52 67.16 -28.83 -36.56
CA LEU C 52 67.43 -28.20 -35.27
C LEU C 52 68.54 -27.13 -35.36
N ALA C 53 69.65 -27.42 -36.04
CA ALA C 53 70.75 -26.45 -36.09
C ALA C 53 70.30 -25.15 -36.73
N ALA C 54 69.35 -25.28 -37.65
CA ALA C 54 68.74 -24.16 -38.37
C ALA C 54 67.77 -23.37 -37.51
N VAL C 55 66.88 -24.09 -36.83
CA VAL C 55 65.93 -23.46 -35.90
C VAL C 55 66.66 -22.73 -34.79
N LEU C 56 67.73 -23.32 -34.28
CA LEU C 56 68.56 -22.58 -33.35
C LEU C 56 68.97 -21.23 -33.94
N GLU C 57 69.47 -21.24 -35.18
CA GLU C 57 69.88 -20.04 -35.96
C GLU C 57 68.77 -19.02 -36.20
N TYR C 58 67.60 -19.50 -36.61
CA TYR C 58 66.49 -18.59 -36.83
C TYR C 58 66.34 -17.74 -35.57
N LEU C 59 66.20 -18.41 -34.41
CA LEU C 59 65.99 -17.75 -33.12
C LEU C 59 67.15 -16.85 -32.64
N THR C 60 68.40 -17.32 -32.72
CA THR C 60 69.47 -16.41 -32.30
C THR C 60 69.44 -15.16 -33.16
N ALA C 61 69.16 -15.35 -34.46
CA ALA C 61 68.98 -14.24 -35.40
C ALA C 61 67.81 -13.36 -35.05
N GLU C 62 66.62 -13.94 -34.99
CA GLU C 62 65.41 -13.24 -34.55
C GLU C 62 65.67 -12.39 -33.31
N ILE C 63 66.48 -12.88 -32.36
CA ILE C 63 66.70 -12.15 -31.10
C ILE C 63 67.76 -11.09 -31.28
N LEU C 64 68.94 -11.50 -31.74
CA LEU C 64 70.02 -10.56 -32.02
C LEU C 64 69.53 -9.33 -32.82
N GLU C 65 68.59 -9.56 -33.75
CA GLU C 65 68.00 -8.48 -34.54
C GLU C 65 67.43 -7.43 -33.62
N LEU C 66 66.45 -7.83 -32.81
CA LEU C 66 65.78 -6.91 -31.85
C LEU C 66 66.67 -6.35 -30.74
N ALA C 67 67.72 -7.08 -30.39
CA ALA C 67 68.66 -6.61 -29.38
C ALA C 67 69.46 -5.44 -29.92
N GLY C 68 70.08 -5.64 -31.08
CA GLY C 68 70.78 -4.58 -31.84
C GLY C 68 70.00 -3.30 -32.02
N ASN C 69 68.70 -3.45 -32.28
CA ASN C 69 67.86 -2.28 -32.37
C ASN C 69 67.76 -1.61 -31.04
N ALA C 70 67.72 -2.43 -29.99
CA ALA C 70 67.63 -1.93 -28.63
C ALA C 70 68.94 -1.26 -28.30
N ALA C 71 70.04 -1.84 -28.75
CA ALA C 71 71.35 -1.29 -28.50
C ALA C 71 71.45 0.07 -29.17
N ARG C 72 70.93 0.13 -30.40
CA ARG C 72 70.97 1.33 -31.27
C ARG C 72 70.29 2.53 -30.60
N ASP C 73 69.03 2.36 -30.19
CA ASP C 73 68.30 3.43 -29.52
C ASP C 73 69.07 3.90 -28.29
N ASN C 74 69.69 2.97 -27.57
CA ASN C 74 70.50 3.35 -26.42
C ASN C 74 71.91 3.81 -26.84
N LYS C 75 72.02 4.29 -28.07
CA LYS C 75 73.27 4.79 -28.68
C LYS C 75 74.49 3.92 -28.45
N LYS C 76 74.36 2.60 -28.60
CA LYS C 76 75.48 1.75 -28.27
C LYS C 76 75.86 0.74 -29.33
N THR C 77 77.18 0.60 -29.48
CA THR C 77 77.90 -0.32 -30.36
C THR C 77 77.75 -1.77 -29.92
N ARG C 78 77.54 -1.99 -28.63
CA ARG C 78 77.72 -3.33 -28.07
C ARG C 78 76.51 -3.77 -27.30
N ILE C 79 75.95 -4.92 -27.70
CA ILE C 79 74.78 -5.55 -27.05
C ILE C 79 75.09 -6.10 -25.64
N ILE C 80 74.55 -5.44 -24.63
CA ILE C 80 74.63 -5.84 -23.23
C ILE C 80 73.24 -6.37 -22.77
N PRO C 81 73.17 -7.22 -21.73
CA PRO C 81 71.89 -7.92 -21.46
C PRO C 81 70.63 -7.06 -21.33
N ARG C 82 70.73 -5.83 -20.81
CA ARG C 82 69.56 -4.96 -20.85
C ARG C 82 68.99 -5.03 -22.27
N HIS C 83 69.88 -4.88 -23.25
CA HIS C 83 69.49 -4.92 -24.65
C HIS C 83 68.80 -6.23 -25.01
N LEU C 84 69.22 -7.35 -24.41
CA LEU C 84 68.52 -8.59 -24.71
C LEU C 84 67.15 -8.56 -24.02
N GLN C 85 67.12 -8.01 -22.80
CA GLN C 85 65.92 -8.00 -21.99
C GLN C 85 64.83 -7.15 -22.65
N LEU C 86 65.11 -5.87 -22.86
CA LEU C 86 64.28 -4.99 -23.72
C LEU C 86 63.77 -5.69 -25.00
N ALA C 87 64.69 -6.31 -25.75
CA ALA C 87 64.33 -7.11 -26.87
C ALA C 87 63.21 -8.12 -26.48
N VAL C 88 63.54 -9.08 -25.61
CA VAL C 88 62.64 -10.15 -25.24
C VAL C 88 61.24 -9.77 -24.73
N ARG C 89 61.16 -8.79 -23.83
CA ARG C 89 59.88 -8.52 -23.18
C ARG C 89 59.05 -7.55 -24.00
N ASN C 90 59.68 -6.92 -24.99
CA ASN C 90 58.93 -6.12 -25.95
C ASN C 90 58.27 -6.94 -27.07
N ASP C 91 58.82 -8.10 -27.38
CA ASP C 91 58.22 -8.99 -28.34
C ASP C 91 57.18 -9.99 -27.76
N GLU C 92 55.90 -9.67 -27.86
CA GLU C 92 54.86 -10.59 -27.37
C GLU C 92 55.37 -12.02 -27.39
N GLU C 93 55.74 -12.52 -28.56
CA GLU C 93 56.07 -13.93 -28.76
C GLU C 93 57.38 -14.46 -28.13
N LEU C 94 58.50 -13.77 -28.34
CA LEU C 94 59.77 -14.16 -27.70
C LEU C 94 59.60 -14.17 -26.20
N ASN C 95 58.95 -13.11 -25.71
CA ASN C 95 58.62 -12.98 -24.30
C ASN C 95 57.89 -14.16 -23.70
N LYS C 96 57.19 -14.95 -24.51
CA LYS C 96 56.40 -16.06 -24.02
C LYS C 96 57.27 -17.30 -24.05
N LEU C 97 57.98 -17.51 -25.15
CA LEU C 97 59.05 -18.52 -25.15
C LEU C 97 59.92 -18.44 -23.88
N LEU C 98 60.27 -17.22 -23.45
CA LEU C 98 61.09 -17.03 -22.25
C LEU C 98 60.29 -16.42 -21.12
N GLY C 99 59.05 -16.87 -20.97
CA GLY C 99 58.17 -16.35 -19.97
C GLY C 99 58.52 -16.81 -18.58
N ARG C 100 59.23 -17.93 -18.45
CA ARG C 100 59.78 -18.34 -17.15
C ARG C 100 61.31 -18.25 -17.10
N VAL C 101 61.91 -17.14 -17.59
CA VAL C 101 63.37 -17.11 -17.64
C VAL C 101 63.98 -15.79 -17.18
N THR C 102 65.15 -15.86 -16.60
CA THR C 102 65.68 -14.66 -16.05
C THR C 102 66.95 -14.35 -16.72
N ILE C 103 67.10 -13.09 -17.06
CA ILE C 103 68.36 -12.68 -17.68
C ILE C 103 69.17 -11.91 -16.69
N ALA C 104 70.25 -12.52 -16.22
CA ALA C 104 71.27 -11.75 -15.45
C ALA C 104 71.43 -10.30 -15.97
N GLN C 105 71.29 -9.29 -15.12
CA GLN C 105 71.46 -7.91 -15.55
C GLN C 105 70.39 -7.31 -16.53
N GLY C 106 69.41 -8.13 -16.92
CA GLY C 106 68.19 -7.63 -17.54
C GLY C 106 67.57 -6.36 -16.99
N GLY C 107 67.17 -6.31 -15.73
CA GLY C 107 66.37 -5.17 -15.26
C GLY C 107 64.94 -5.46 -15.65
N VAL C 108 64.03 -4.50 -15.48
CA VAL C 108 62.63 -4.69 -15.95
C VAL C 108 62.17 -3.60 -16.95
N LEU C 109 61.02 -3.81 -17.60
CA LEU C 109 60.46 -2.78 -18.51
C LEU C 109 59.87 -1.61 -17.75
N PRO C 110 60.17 -0.35 -18.19
CA PRO C 110 59.57 0.82 -17.55
C PRO C 110 58.08 0.81 -17.80
N ASN C 111 57.34 0.58 -16.72
CA ASN C 111 55.89 0.55 -16.71
C ASN C 111 55.45 0.95 -15.29
N ILE C 112 54.74 2.07 -15.20
CA ILE C 112 54.23 2.60 -13.94
C ILE C 112 52.72 2.63 -14.02
N GLN C 113 52.06 2.06 -13.03
CA GLN C 113 50.60 1.92 -13.05
C GLN C 113 49.95 3.29 -13.00
N SER C 114 48.76 3.37 -13.64
CA SER C 114 47.98 4.60 -13.77
C SER C 114 47.73 5.28 -12.45
N VAL C 115 47.01 4.58 -11.57
CA VAL C 115 46.53 5.10 -10.29
C VAL C 115 47.64 5.66 -9.38
N LEU C 116 48.88 5.44 -9.76
CA LEU C 116 50.02 5.94 -8.97
C LEU C 116 50.55 7.27 -9.51
N LEU C 117 50.02 7.67 -10.68
CA LEU C 117 50.36 8.94 -11.34
C LEU C 117 49.53 10.10 -10.80
N PRO C 118 50.18 11.26 -10.55
CA PRO C 118 49.49 12.46 -10.05
C PRO C 118 48.46 13.01 -11.04
N LYS C 119 47.42 13.67 -10.53
CA LYS C 119 46.33 14.18 -11.38
C LYS C 119 46.38 15.69 -11.58
N ASN D 25 26.63 -23.09 -29.80
CA ASN D 25 27.76 -23.99 -29.43
C ASN D 25 28.46 -23.64 -28.10
N ILE D 26 29.25 -22.57 -28.11
CA ILE D 26 29.88 -22.07 -26.89
C ILE D 26 28.78 -21.76 -25.88
N GLN D 27 27.76 -21.03 -26.31
CA GLN D 27 26.62 -20.70 -25.47
C GLN D 27 25.91 -21.96 -24.99
N GLY D 28 26.38 -23.12 -25.47
CA GLY D 28 25.94 -24.42 -24.97
C GLY D 28 26.43 -24.69 -23.55
N ILE D 29 27.49 -23.97 -23.16
CA ILE D 29 27.96 -23.95 -21.78
C ILE D 29 26.97 -23.07 -21.01
N THR D 30 25.97 -23.73 -20.42
CA THR D 30 24.82 -23.03 -19.84
C THR D 30 25.19 -22.26 -18.56
N LYS D 31 24.48 -21.15 -18.34
CA LYS D 31 24.55 -20.38 -17.11
C LYS D 31 24.49 -21.27 -15.85
N PRO D 32 23.46 -22.15 -15.74
CA PRO D 32 23.42 -23.02 -14.55
C PRO D 32 24.64 -23.93 -14.39
N ALA D 33 25.17 -24.43 -15.50
CA ALA D 33 26.37 -25.28 -15.45
C ALA D 33 27.56 -24.50 -14.89
N ILE D 34 27.76 -23.29 -15.42
CA ILE D 34 28.77 -22.37 -14.93
C ILE D 34 28.54 -22.03 -13.46
N ARG D 35 27.28 -22.00 -13.06
CA ARG D 35 26.92 -21.68 -11.69
C ARG D 35 27.39 -22.80 -10.76
N ARG D 36 27.11 -24.04 -11.15
CA ARG D 36 27.50 -25.22 -10.38
C ARG D 36 29.01 -25.27 -10.17
N LEU D 37 29.77 -25.01 -11.22
CA LEU D 37 31.23 -25.03 -11.17
C LEU D 37 31.74 -24.01 -10.17
N ALA D 38 31.12 -22.83 -10.16
CA ALA D 38 31.51 -21.81 -9.21
C ALA D 38 31.11 -22.19 -7.78
N ARG D 39 30.03 -22.97 -7.62
CA ARG D 39 29.60 -23.43 -6.31
C ARG D 39 30.61 -24.41 -5.73
N ARG D 40 30.95 -25.44 -6.50
CA ARG D 40 32.04 -26.35 -6.19
C ARG D 40 33.33 -25.56 -6.03
N GLY D 41 33.34 -24.37 -6.63
CA GLY D 41 34.48 -23.45 -6.55
C GLY D 41 34.55 -22.69 -5.24
N GLY D 42 33.46 -22.67 -4.50
CA GLY D 42 33.41 -21.98 -3.20
C GLY D 42 32.78 -20.60 -3.28
N VAL D 43 32.24 -20.27 -4.45
CA VAL D 43 31.70 -18.94 -4.75
C VAL D 43 30.23 -18.80 -4.33
N LYS D 44 29.90 -17.70 -3.66
CA LYS D 44 28.53 -17.49 -3.18
C LYS D 44 27.67 -16.66 -4.13
N ARG D 45 28.24 -15.55 -4.63
CA ARG D 45 27.49 -14.60 -5.43
C ARG D 45 28.15 -14.31 -6.78
N ILE D 46 27.37 -14.36 -7.85
CA ILE D 46 27.91 -14.26 -9.21
C ILE D 46 27.31 -13.11 -10.06
N SER D 47 28.17 -12.19 -10.49
CA SER D 47 27.84 -11.14 -11.46
C SER D 47 27.39 -11.73 -12.81
N GLY D 48 26.60 -10.96 -13.55
CA GLY D 48 26.10 -11.40 -14.85
C GLY D 48 27.18 -11.56 -15.91
N LEU D 49 28.15 -10.67 -15.87
CA LEU D 49 29.20 -10.61 -16.91
C LEU D 49 30.21 -11.76 -16.82
N ILE D 50 30.28 -12.36 -15.64
CA ILE D 50 31.09 -13.55 -15.38
C ILE D 50 30.86 -14.65 -16.42
N TYR D 51 29.60 -15.01 -16.63
CA TYR D 51 29.22 -16.15 -17.47
C TYR D 51 29.93 -16.13 -18.81
N GLU D 52 29.83 -15.01 -19.52
CA GLU D 52 30.52 -14.82 -20.78
C GLU D 52 32.03 -14.85 -20.59
N GLU D 53 32.53 -14.20 -19.55
CA GLU D 53 33.97 -14.22 -19.26
C GLU D 53 34.49 -15.64 -19.11
N THR D 54 33.78 -16.43 -18.29
CA THR D 54 34.03 -17.85 -18.14
C THR D 54 34.20 -18.55 -19.49
N ARG D 55 33.33 -18.19 -20.44
CA ARG D 55 33.30 -18.83 -21.75
C ARG D 55 34.57 -18.58 -22.55
N GLY D 56 34.98 -17.34 -22.65
CA GLY D 56 36.25 -17.02 -23.30
C GLY D 56 37.40 -17.79 -22.66
N VAL D 57 37.42 -17.76 -21.33
CA VAL D 57 38.37 -18.49 -20.52
C VAL D 57 38.41 -19.98 -20.85
N LEU D 58 37.25 -20.61 -20.85
CA LEU D 58 37.16 -22.04 -21.11
C LEU D 58 37.62 -22.34 -22.51
N LYS D 59 37.23 -21.46 -23.44
CA LYS D 59 37.55 -21.59 -24.85
C LYS D 59 39.08 -21.61 -25.02
N VAL D 60 39.74 -20.56 -24.51
CA VAL D 60 41.19 -20.44 -24.56
C VAL D 60 41.83 -21.71 -24.06
N PHE D 61 41.31 -22.20 -22.94
CA PHE D 61 41.79 -23.42 -22.32
C PHE D 61 41.77 -24.60 -23.28
N LEU D 62 40.57 -25.00 -23.72
CA LEU D 62 40.44 -26.10 -24.67
C LEU D 62 41.31 -25.90 -25.91
N GLU D 63 41.24 -24.71 -26.50
CA GLU D 63 42.02 -24.44 -27.68
C GLU D 63 43.44 -24.93 -27.45
N ASN D 64 44.13 -24.33 -26.48
CA ASN D 64 45.55 -24.64 -26.26
C ASN D 64 45.78 -26.14 -26.07
N VAL D 65 44.89 -26.77 -25.30
CA VAL D 65 45.02 -28.20 -24.98
C VAL D 65 44.74 -29.04 -26.21
N ILE D 66 43.70 -28.66 -26.95
CA ILE D 66 43.35 -29.37 -28.17
C ILE D 66 44.34 -29.10 -29.33
N ARG D 67 44.89 -27.91 -29.37
CA ARG D 67 45.94 -27.62 -30.35
C ARG D 67 47.10 -28.59 -30.17
N ASP D 68 47.59 -28.67 -28.94
CA ASP D 68 48.68 -29.59 -28.57
C ASP D 68 48.25 -31.06 -28.81
N ALA D 69 47.03 -31.39 -28.38
CA ALA D 69 46.49 -32.73 -28.58
C ALA D 69 46.57 -33.10 -30.05
N VAL D 70 45.90 -32.32 -30.88
CA VAL D 70 45.81 -32.62 -32.29
C VAL D 70 47.22 -32.80 -32.86
N THR D 71 48.11 -31.84 -32.59
CA THR D 71 49.51 -31.97 -33.00
C THR D 71 50.07 -33.35 -32.74
N TYR D 72 49.69 -33.97 -31.61
CA TYR D 72 50.12 -35.33 -31.33
C TYR D 72 49.47 -36.29 -32.32
N THR D 73 48.15 -36.14 -32.53
CA THR D 73 47.44 -36.96 -33.52
C THR D 73 48.01 -36.77 -34.92
N GLU D 74 48.15 -35.52 -35.36
CA GLU D 74 48.78 -35.23 -36.66
C GLU D 74 50.12 -35.94 -36.79
N HIS D 75 50.87 -36.04 -35.69
CA HIS D 75 52.19 -36.66 -35.73
C HIS D 75 52.12 -38.17 -35.64
N ALA D 76 50.99 -38.67 -35.14
CA ALA D 76 50.76 -40.10 -35.02
C ALA D 76 50.07 -40.62 -36.28
N LYS D 77 49.87 -39.70 -37.23
CA LYS D 77 49.19 -40.01 -38.48
C LYS D 77 47.87 -40.73 -38.24
N ARG D 78 47.02 -40.14 -37.43
CA ARG D 78 45.73 -40.75 -37.15
C ARG D 78 44.60 -39.76 -37.38
N LYS D 79 43.45 -40.27 -37.78
CA LYS D 79 42.25 -39.45 -37.92
C LYS D 79 41.43 -39.50 -36.64
N THR D 80 41.96 -40.18 -35.62
CA THR D 80 41.27 -40.28 -34.35
C THR D 80 42.14 -39.86 -33.15
N VAL D 81 41.90 -38.62 -32.69
CA VAL D 81 42.46 -38.11 -31.43
C VAL D 81 42.16 -39.07 -30.28
N THR D 82 43.22 -39.53 -29.63
CA THR D 82 43.12 -40.52 -28.55
C THR D 82 43.05 -39.82 -27.20
N ALA D 83 42.91 -40.59 -26.12
CA ALA D 83 43.02 -40.03 -24.77
C ALA D 83 44.48 -39.65 -24.48
N MET D 84 45.40 -40.46 -24.97
CA MET D 84 46.81 -40.27 -24.71
C MET D 84 47.38 -38.98 -25.31
N ASP D 85 46.81 -38.54 -26.43
CA ASP D 85 47.17 -37.26 -27.01
C ASP D 85 46.73 -36.16 -26.07
N VAL D 86 45.47 -36.23 -25.63
CA VAL D 86 44.96 -35.33 -24.61
C VAL D 86 45.91 -35.34 -23.41
N VAL D 87 46.02 -36.49 -22.75
CA VAL D 87 46.89 -36.65 -21.59
C VAL D 87 48.29 -36.06 -21.84
N TYR D 88 48.88 -36.33 -22.99
CA TYR D 88 50.20 -35.77 -23.27
C TYR D 88 50.15 -34.26 -23.34
N ALA D 89 49.00 -33.74 -23.75
CA ALA D 89 48.86 -32.32 -23.94
C ALA D 89 48.83 -31.63 -22.59
N LEU D 90 47.97 -32.14 -21.72
CA LEU D 90 47.83 -31.64 -20.37
C LEU D 90 49.17 -31.66 -19.63
N LYS D 91 49.96 -32.70 -19.85
CA LYS D 91 51.31 -32.75 -19.28
C LYS D 91 52.13 -31.56 -19.78
N ARG D 92 52.38 -31.52 -21.10
CA ARG D 92 52.95 -30.34 -21.75
C ARG D 92 52.58 -29.04 -21.07
N GLN D 93 51.30 -28.87 -20.77
CA GLN D 93 50.77 -27.61 -20.24
C GLN D 93 50.79 -27.51 -18.71
N GLY D 94 51.33 -28.53 -18.05
CA GLY D 94 51.41 -28.51 -16.60
C GLY D 94 50.07 -28.61 -15.92
N ARG D 95 49.17 -29.37 -16.54
CA ARG D 95 47.85 -29.65 -15.96
C ARG D 95 47.58 -31.15 -16.01
N THR D 96 48.60 -31.91 -15.61
CA THR D 96 48.60 -33.38 -15.59
C THR D 96 47.32 -33.97 -15.07
N LEU D 97 46.81 -34.98 -15.75
CA LEU D 97 45.57 -35.66 -15.34
C LEU D 97 45.79 -37.18 -15.19
N TYR D 98 45.20 -37.73 -14.15
CA TYR D 98 45.32 -39.13 -13.80
C TYR D 98 44.03 -39.87 -14.10
N GLY D 99 44.14 -41.05 -14.69
CA GLY D 99 42.97 -41.89 -14.87
C GLY D 99 42.58 -42.14 -16.30
N PHE D 100 43.51 -41.92 -17.22
CA PHE D 100 43.26 -42.18 -18.63
C PHE D 100 44.50 -42.78 -19.28
N GLY D 101 45.23 -43.57 -18.49
CA GLY D 101 46.46 -44.17 -18.94
C GLY D 101 47.62 -43.21 -18.70
N GLY D 102 47.95 -42.94 -17.44
CA GLY D 102 49.10 -42.11 -17.10
C GLY D 102 50.36 -42.72 -17.70
N HIS E 39 7.29 -20.90 2.61
CA HIS E 39 7.88 -19.54 2.77
C HIS E 39 9.06 -19.29 1.82
N ARG E 40 9.89 -18.30 2.16
CA ARG E 40 11.00 -17.85 1.33
C ARG E 40 12.32 -17.91 2.10
N TYR E 41 13.32 -18.52 1.49
CA TYR E 41 14.69 -18.55 2.03
C TYR E 41 15.43 -17.27 1.69
N ARG E 42 16.09 -16.70 2.69
CA ARG E 42 16.83 -15.45 2.55
C ARG E 42 17.91 -15.56 1.47
N PRO E 43 17.92 -14.61 0.50
CA PRO E 43 18.93 -14.51 -0.55
C PRO E 43 20.34 -14.87 -0.08
N GLY E 44 20.87 -15.98 -0.61
CA GLY E 44 22.23 -16.43 -0.32
C GLY E 44 22.31 -17.71 0.50
N THR E 45 21.17 -18.21 0.93
CA THR E 45 21.15 -19.31 1.89
C THR E 45 21.06 -20.66 1.21
N VAL E 46 20.49 -20.68 0.02
CA VAL E 46 20.53 -21.86 -0.84
C VAL E 46 21.90 -21.93 -1.52
N ALA E 47 22.51 -20.76 -1.73
CA ALA E 47 23.86 -20.66 -2.26
C ALA E 47 24.82 -21.43 -1.37
N LEU E 48 24.83 -21.10 -0.08
CA LEU E 48 25.63 -21.82 0.90
C LEU E 48 25.29 -23.32 0.89
N ARG E 49 24.00 -23.63 0.86
CA ARG E 49 23.55 -25.03 0.80
C ARG E 49 24.04 -25.77 -0.45
N GLU E 50 24.02 -25.09 -1.59
CA GLU E 50 24.50 -25.67 -2.84
C GLU E 50 26.01 -25.90 -2.83
N ILE E 51 26.77 -24.94 -2.30
CA ILE E 51 28.21 -25.11 -2.17
C ILE E 51 28.49 -26.44 -1.48
N ARG E 52 27.83 -26.64 -0.33
CA ARG E 52 28.00 -27.86 0.47
C ARG E 52 27.77 -29.11 -0.35
N ARG E 53 26.70 -29.08 -1.14
CA ARG E 53 26.26 -30.21 -1.96
C ARG E 53 27.26 -30.61 -3.05
N TYR E 54 27.89 -29.60 -3.65
CA TYR E 54 28.80 -29.82 -4.78
C TYR E 54 30.21 -30.17 -4.38
N GLN E 55 30.66 -29.63 -3.26
CA GLN E 55 31.97 -29.97 -2.72
C GLN E 55 31.94 -31.38 -2.13
N LYS E 56 30.75 -31.86 -1.82
CA LYS E 56 30.56 -33.23 -1.35
C LYS E 56 30.50 -34.25 -2.48
N SER E 57 30.20 -33.79 -3.69
CA SER E 57 30.06 -34.68 -4.82
C SER E 57 31.22 -34.52 -5.80
N THR E 58 31.41 -35.54 -6.65
CA THR E 58 32.50 -35.53 -7.62
C THR E 58 31.99 -35.67 -9.05
N GLU E 59 30.67 -35.64 -9.21
CA GLU E 59 30.08 -35.74 -10.55
C GLU E 59 30.29 -34.45 -11.36
N LEU E 60 30.41 -34.60 -12.68
CA LEU E 60 30.71 -33.49 -13.58
C LEU E 60 29.52 -32.58 -13.77
N LEU E 61 29.81 -31.29 -13.96
CA LEU E 61 28.78 -30.26 -13.82
C LEU E 61 28.31 -29.64 -15.14
N ILE E 62 29.06 -29.85 -16.21
CA ILE E 62 28.59 -29.50 -17.53
C ILE E 62 28.09 -30.78 -18.17
N ARG E 63 26.83 -30.77 -18.61
CA ARG E 63 26.27 -31.93 -19.31
C ARG E 63 27.07 -32.23 -20.58
N LYS E 64 27.31 -33.52 -20.80
CA LYS E 64 28.34 -34.00 -21.72
C LYS E 64 28.21 -33.51 -23.16
N LEU E 65 26.98 -33.48 -23.69
CA LEU E 65 26.79 -33.27 -25.12
C LEU E 65 27.04 -31.86 -25.63
N PRO E 66 26.53 -30.82 -24.92
CA PRO E 66 26.93 -29.47 -25.31
C PRO E 66 28.44 -29.35 -25.30
N PHE E 67 29.06 -29.80 -24.20
CA PHE E 67 30.49 -29.81 -24.04
C PHE E 67 31.14 -30.55 -25.20
N GLN E 68 30.64 -31.75 -25.46
CA GLN E 68 31.18 -32.57 -26.52
C GLN E 68 31.12 -31.83 -27.86
N ARG E 69 30.00 -31.15 -28.10
CA ARG E 69 29.85 -30.40 -29.33
C ARG E 69 30.78 -29.21 -29.38
N LEU E 70 31.04 -28.61 -28.22
CA LEU E 70 32.01 -27.53 -28.15
C LEU E 70 33.41 -28.02 -28.50
N VAL E 71 33.73 -29.23 -28.06
CA VAL E 71 35.06 -29.81 -28.28
C VAL E 71 35.34 -30.05 -29.75
N ARG E 72 34.39 -30.70 -30.42
CA ARG E 72 34.49 -31.01 -31.86
C ARG E 72 34.63 -29.76 -32.71
N GLU E 73 33.82 -28.74 -32.39
CA GLU E 73 33.89 -27.45 -33.05
C GLU E 73 35.32 -26.89 -33.01
N ILE E 74 35.88 -26.82 -31.80
CA ILE E 74 37.19 -26.20 -31.60
C ILE E 74 38.31 -26.93 -32.33
N ALA E 75 38.21 -28.26 -32.38
CA ALA E 75 39.22 -29.11 -33.01
C ALA E 75 39.14 -29.03 -34.54
N GLN E 76 37.91 -28.96 -35.06
CA GLN E 76 37.69 -28.80 -36.50
C GLN E 76 38.51 -27.63 -37.04
N ASP E 77 38.61 -26.57 -36.25
CA ASP E 77 39.41 -25.40 -36.60
C ASP E 77 40.91 -25.71 -36.71
N PHE E 78 41.34 -26.85 -36.18
CA PHE E 78 42.75 -27.24 -36.26
C PHE E 78 42.97 -28.33 -37.29
N LYS E 79 41.99 -29.22 -37.43
CA LYS E 79 42.05 -30.28 -38.43
C LYS E 79 40.68 -30.86 -38.74
N THR E 80 40.47 -31.16 -40.03
CA THR E 80 39.18 -31.60 -40.55
C THR E 80 39.03 -33.11 -40.50
N ASP E 81 37.79 -33.58 -40.51
CA ASP E 81 37.46 -35.02 -40.60
C ASP E 81 38.21 -35.76 -39.51
N LEU E 82 37.85 -35.44 -38.26
CA LEU E 82 38.52 -36.00 -37.07
C LEU E 82 37.56 -36.79 -36.21
N ARG E 83 38.09 -37.79 -35.52
CA ARG E 83 37.30 -38.59 -34.58
C ARG E 83 37.88 -38.53 -33.18
N PHE E 84 37.02 -38.59 -32.17
CA PHE E 84 37.47 -38.55 -30.79
C PHE E 84 37.12 -39.82 -30.06
N GLN E 85 38.07 -40.34 -29.29
CA GLN E 85 37.75 -41.41 -28.35
C GLN E 85 36.90 -40.84 -27.21
N SER E 86 35.86 -41.56 -26.82
CA SER E 86 34.95 -41.11 -25.75
C SER E 86 35.70 -40.84 -24.45
N SER E 87 36.77 -41.59 -24.22
CA SER E 87 37.68 -41.32 -23.11
C SER E 87 38.47 -40.05 -23.35
N ALA E 88 38.72 -39.72 -24.61
CA ALA E 88 39.47 -38.51 -24.95
C ALA E 88 38.65 -37.28 -24.62
N VAL E 89 37.33 -37.40 -24.75
CA VAL E 89 36.43 -36.30 -24.44
C VAL E 89 36.26 -36.16 -22.92
N MET E 90 36.10 -37.28 -22.23
CA MET E 90 36.03 -37.28 -20.77
C MET E 90 37.27 -36.63 -20.18
N ALA E 91 38.45 -37.09 -20.63
CA ALA E 91 39.73 -36.53 -20.19
C ALA E 91 39.74 -35.02 -20.26
N LEU E 92 39.44 -34.49 -21.45
CA LEU E 92 39.27 -33.06 -21.62
C LEU E 92 38.29 -32.48 -20.62
N GLN E 93 37.12 -33.11 -20.50
CA GLN E 93 36.09 -32.60 -19.60
C GLN E 93 36.56 -32.46 -18.17
N GLU E 94 37.15 -33.53 -17.64
CA GLU E 94 37.70 -33.53 -16.29
C GLU E 94 38.71 -32.39 -16.15
N ALA E 95 39.70 -32.38 -17.04
CA ALA E 95 40.79 -31.42 -17.01
C ALA E 95 40.28 -29.99 -16.98
N SER E 96 39.21 -29.73 -17.74
CA SER E 96 38.66 -28.41 -17.92
C SER E 96 37.87 -27.97 -16.71
N GLU E 97 36.95 -28.80 -16.26
CA GLU E 97 36.18 -28.48 -15.07
C GLU E 97 37.11 -28.27 -13.87
N ALA E 98 37.84 -29.31 -13.48
CA ALA E 98 38.83 -29.20 -12.39
C ALA E 98 39.55 -27.86 -12.43
N TYR E 99 39.95 -27.44 -13.63
CA TYR E 99 40.67 -26.18 -13.87
C TYR E 99 39.83 -24.95 -13.55
N LEU E 100 38.56 -25.02 -13.92
CA LEU E 100 37.65 -23.87 -13.80
C LEU E 100 37.29 -23.67 -12.36
N VAL E 101 37.26 -24.78 -11.62
CA VAL E 101 36.86 -24.79 -10.22
C VAL E 101 37.99 -24.16 -9.42
N ALA E 102 39.17 -24.76 -9.53
CA ALA E 102 40.40 -24.13 -9.12
C ALA E 102 40.33 -22.63 -9.41
N LEU E 103 40.05 -22.29 -10.67
CA LEU E 103 39.97 -20.87 -11.04
C LEU E 103 38.96 -20.04 -10.27
N PHE E 104 37.76 -20.56 -10.07
CA PHE E 104 36.78 -19.84 -9.28
C PHE E 104 37.28 -19.64 -7.85
N GLU E 105 37.80 -20.72 -7.24
CA GLU E 105 38.50 -20.64 -5.97
C GLU E 105 39.35 -19.38 -5.93
N ASP E 106 40.32 -19.27 -6.83
CA ASP E 106 41.26 -18.15 -6.77
C ASP E 106 40.55 -16.85 -7.13
N THR E 107 39.55 -16.94 -7.99
CA THR E 107 38.77 -15.76 -8.36
C THR E 107 38.15 -15.23 -7.09
N ASN E 108 37.36 -16.10 -6.46
CA ASN E 108 36.68 -15.83 -5.22
C ASN E 108 37.52 -15.17 -4.13
N LEU E 109 38.81 -15.53 -4.06
CA LEU E 109 39.70 -14.91 -3.09
C LEU E 109 39.93 -13.46 -3.43
N CYS E 110 40.06 -13.15 -4.72
CA CYS E 110 40.23 -11.78 -5.16
C CYS E 110 39.00 -10.93 -4.82
N ALA E 111 37.82 -11.48 -5.11
CA ALA E 111 36.56 -10.85 -4.73
C ALA E 111 36.67 -10.46 -3.28
N ILE E 112 36.93 -11.45 -2.45
CA ILE E 112 37.11 -11.25 -1.01
C ILE E 112 38.22 -10.24 -0.69
N HIS E 113 39.31 -10.26 -1.44
CA HIS E 113 40.39 -9.32 -1.18
C HIS E 113 39.91 -7.87 -1.32
N ALA E 114 38.89 -7.68 -2.16
CA ALA E 114 38.32 -6.37 -2.46
C ALA E 114 37.09 -6.07 -1.57
N LYS E 115 37.05 -6.70 -0.40
CA LYS E 115 35.95 -6.55 0.56
C LYS E 115 34.58 -6.86 -0.07
N ARG E 116 34.61 -7.51 -1.22
CA ARG E 116 33.39 -7.92 -1.93
C ARG E 116 32.96 -9.36 -1.59
N VAL E 117 31.82 -9.79 -2.13
CA VAL E 117 31.31 -11.15 -1.88
C VAL E 117 30.80 -11.75 -3.19
N THR E 118 30.78 -10.90 -4.22
CA THR E 118 30.39 -11.28 -5.56
C THR E 118 31.64 -11.32 -6.42
N ILE E 119 31.85 -12.43 -7.12
CA ILE E 119 32.94 -12.49 -8.09
C ILE E 119 32.57 -11.72 -9.36
N MET E 120 33.56 -11.10 -9.97
CA MET E 120 33.35 -10.23 -11.12
C MET E 120 34.47 -10.46 -12.11
N PRO E 121 34.23 -10.17 -13.40
CA PRO E 121 35.27 -10.46 -14.39
C PRO E 121 36.62 -9.86 -14.03
N LYS E 122 36.63 -8.74 -13.30
CA LYS E 122 37.89 -8.07 -12.97
C LYS E 122 38.77 -8.93 -12.03
N ASP E 123 38.11 -9.87 -11.34
CA ASP E 123 38.78 -10.78 -10.42
C ASP E 123 39.52 -11.85 -11.22
N ILE E 124 38.75 -12.60 -12.01
CA ILE E 124 39.28 -13.57 -12.97
C ILE E 124 40.52 -13.03 -13.69
N GLN E 125 40.42 -11.81 -14.22
CA GLN E 125 41.53 -11.18 -14.93
C GLN E 125 42.76 -11.06 -14.03
N LEU E 126 42.54 -10.63 -12.79
CA LEU E 126 43.63 -10.56 -11.81
C LEU E 126 44.17 -11.95 -11.44
N ALA E 127 43.27 -12.92 -11.28
CA ALA E 127 43.67 -14.26 -10.91
C ALA E 127 44.61 -14.79 -11.97
N ARG E 128 44.08 -14.87 -13.19
CA ARG E 128 44.83 -15.32 -14.35
C ARG E 128 46.11 -14.52 -14.59
N ARG E 129 46.03 -13.21 -14.43
CA ARG E 129 47.20 -12.37 -14.61
C ARG E 129 48.31 -12.87 -13.72
N ILE E 130 47.99 -13.13 -12.46
CA ILE E 130 49.00 -13.49 -11.47
C ILE E 130 49.48 -14.92 -11.63
N ARG E 131 48.57 -15.80 -12.02
CA ARG E 131 48.92 -17.15 -12.46
C ARG E 131 49.94 -17.10 -13.59
N GLY E 132 49.88 -16.02 -14.37
CA GLY E 132 50.70 -15.88 -15.58
C GLY E 132 50.08 -16.63 -16.74
N GLU E 133 48.76 -16.80 -16.72
CA GLU E 133 48.04 -17.42 -17.81
C GLU E 133 47.86 -16.37 -18.90
N ARG E 134 46.95 -15.44 -18.62
CA ARG E 134 46.83 -14.20 -19.36
C ARG E 134 48.11 -13.33 -19.13
N ALA E 135 48.31 -12.37 -20.04
CA ALA E 135 49.44 -11.45 -20.03
C ALA E 135 49.40 -10.52 -18.81
N LYS F 32 44.50 -60.08 -29.19
CA LYS F 32 43.97 -59.01 -28.30
C LYS F 32 45.08 -58.49 -27.39
N THR F 33 45.73 -57.40 -27.82
CA THR F 33 46.99 -56.87 -27.26
C THR F 33 47.13 -56.94 -25.73
N ARG F 34 48.37 -57.20 -25.32
CA ARG F 34 48.71 -57.55 -23.94
C ARG F 34 49.22 -56.35 -23.13
N LYS F 35 48.37 -55.34 -22.98
CA LYS F 35 48.77 -54.09 -22.30
C LYS F 35 49.10 -54.25 -20.81
N GLU F 36 50.31 -53.82 -20.45
CA GLU F 36 50.82 -53.90 -19.08
C GLU F 36 50.26 -52.84 -18.14
N SER F 37 50.46 -53.04 -16.84
CA SER F 37 50.23 -52.00 -15.83
C SER F 37 50.90 -52.39 -14.53
N TYR F 38 50.62 -51.64 -13.46
CA TYR F 38 51.08 -51.97 -12.11
C TYR F 38 49.96 -52.55 -11.24
N ALA F 39 48.77 -52.73 -11.83
CA ALA F 39 47.54 -53.09 -11.12
C ALA F 39 47.68 -54.12 -10.01
N ILE F 40 48.20 -55.30 -10.32
CA ILE F 40 48.27 -56.41 -9.36
C ILE F 40 49.15 -56.13 -8.15
N TYR F 41 50.21 -55.33 -8.35
CA TYR F 41 51.15 -55.00 -7.29
C TYR F 41 50.61 -53.92 -6.37
N VAL F 42 49.92 -52.96 -6.97
CA VAL F 42 49.14 -51.98 -6.21
C VAL F 42 48.25 -52.74 -5.22
N TYR F 43 47.53 -53.74 -5.73
CA TYR F 43 46.65 -54.58 -4.93
C TYR F 43 47.37 -55.27 -3.76
N LYS F 44 48.37 -56.08 -4.08
CA LYS F 44 49.20 -56.73 -3.07
C LYS F 44 49.65 -55.76 -1.97
N VAL F 45 50.09 -54.56 -2.36
CA VAL F 45 50.46 -53.55 -1.38
C VAL F 45 49.25 -53.03 -0.60
N LEU F 46 48.10 -52.93 -1.27
CA LEU F 46 46.85 -52.57 -0.62
C LEU F 46 46.55 -53.55 0.51
N LYS F 47 46.74 -54.84 0.23
CA LYS F 47 46.54 -55.88 1.25
C LYS F 47 47.54 -55.74 2.39
N GLN F 48 48.79 -55.43 2.05
CA GLN F 48 49.82 -55.16 3.04
C GLN F 48 49.45 -54.06 4.03
N VAL F 49 48.53 -53.17 3.67
CA VAL F 49 48.22 -52.02 4.52
C VAL F 49 46.79 -51.98 5.02
N HIS F 50 45.86 -52.46 4.21
CA HIS F 50 44.44 -52.47 4.55
C HIS F 50 43.79 -53.78 4.12
N PRO F 51 44.19 -54.91 4.75
CA PRO F 51 43.82 -56.25 4.29
C PRO F 51 42.34 -56.42 3.94
N ASP F 52 41.46 -55.83 4.74
CA ASP F 52 40.02 -55.96 4.49
C ASP F 52 39.45 -54.75 3.77
N THR F 53 40.06 -54.38 2.64
CA THR F 53 39.61 -53.23 1.83
C THR F 53 39.85 -53.47 0.33
N GLY F 54 38.98 -52.94 -0.52
CA GLY F 54 39.11 -53.09 -1.97
C GLY F 54 39.21 -51.80 -2.77
N ILE F 55 39.22 -51.93 -4.11
CA ILE F 55 39.45 -50.78 -5.00
C ILE F 55 38.59 -50.84 -6.28
N SER F 56 38.25 -49.66 -6.82
CA SER F 56 37.52 -49.58 -8.09
C SER F 56 38.50 -49.43 -9.25
N SER F 57 38.04 -49.79 -10.45
CA SER F 57 38.82 -49.66 -11.67
C SER F 57 39.23 -48.21 -11.88
N LYS F 58 38.28 -47.30 -11.68
CA LYS F 58 38.51 -45.88 -11.83
C LYS F 58 39.63 -45.35 -10.94
N ALA F 59 39.70 -45.84 -9.71
CA ALA F 59 40.78 -45.48 -8.77
C ALA F 59 42.04 -46.24 -9.10
N MET F 60 41.88 -47.40 -9.73
CA MET F 60 43.01 -48.24 -10.11
C MET F 60 43.83 -47.57 -11.19
N SER F 61 43.13 -46.93 -12.12
CA SER F 61 43.78 -46.16 -13.16
C SER F 61 44.61 -45.06 -12.50
N ILE F 62 43.99 -44.32 -11.58
CA ILE F 62 44.67 -43.25 -10.86
C ILE F 62 45.93 -43.72 -10.14
N MET F 63 45.88 -44.91 -9.57
CA MET F 63 47.06 -45.47 -8.92
C MET F 63 48.12 -45.83 -9.94
N ASN F 64 47.70 -46.39 -11.06
CA ASN F 64 48.64 -46.65 -12.14
C ASN F 64 49.22 -45.39 -12.78
N SER F 65 48.38 -44.37 -12.97
CA SER F 65 48.87 -43.09 -13.48
C SER F 65 49.91 -42.55 -12.50
N PHE F 66 49.53 -42.54 -11.22
CA PHE F 66 50.39 -42.04 -10.18
C PHE F 66 51.76 -42.68 -10.23
N VAL F 67 51.78 -44.00 -10.43
CA VAL F 67 53.04 -44.74 -10.45
C VAL F 67 53.94 -44.32 -11.61
N ASN F 68 53.37 -44.30 -12.81
CA ASN F 68 54.10 -43.89 -14.01
C ASN F 68 54.62 -42.44 -13.91
N ASP F 69 53.78 -41.53 -13.42
CA ASP F 69 54.20 -40.14 -13.26
C ASP F 69 55.42 -40.06 -12.34
N VAL F 70 55.32 -40.74 -11.20
CA VAL F 70 56.38 -40.68 -10.22
C VAL F 70 57.64 -41.32 -10.78
N PHE F 71 57.47 -42.45 -11.47
CA PHE F 71 58.57 -43.13 -12.15
C PHE F 71 59.31 -42.21 -13.13
N GLU F 72 58.57 -41.47 -13.97
CA GLU F 72 59.20 -40.53 -14.90
C GLU F 72 59.99 -39.47 -14.15
N ARG F 73 59.33 -38.80 -13.20
CA ARG F 73 59.92 -37.65 -12.53
C ARG F 73 61.25 -38.04 -11.86
N ILE F 74 61.27 -39.22 -11.25
CA ILE F 74 62.46 -39.68 -10.54
C ILE F 74 63.51 -40.09 -11.57
N ALA F 75 63.11 -40.93 -12.52
CA ALA F 75 63.98 -41.36 -13.60
C ALA F 75 64.61 -40.16 -14.35
N GLY F 76 63.76 -39.18 -14.70
CA GLY F 76 64.17 -37.97 -15.38
C GLY F 76 65.25 -37.21 -14.66
N GLU F 77 65.01 -36.91 -13.37
CA GLU F 77 65.96 -36.21 -12.50
C GLU F 77 67.30 -36.90 -12.43
N ALA F 78 67.21 -38.22 -12.27
CA ALA F 78 68.34 -39.09 -12.22
C ALA F 78 69.15 -38.92 -13.49
N SER F 79 68.44 -39.00 -14.62
CA SER F 79 69.03 -38.78 -15.93
C SER F 79 69.86 -37.49 -16.06
N ARG F 80 69.34 -36.36 -15.58
CA ARG F 80 70.06 -35.11 -15.68
C ARG F 80 71.28 -35.14 -14.78
N LEU F 81 71.07 -35.62 -13.54
CA LEU F 81 72.13 -35.86 -12.55
C LEU F 81 73.38 -36.51 -13.17
N ALA F 82 73.19 -37.68 -13.78
CA ALA F 82 74.25 -38.32 -14.56
C ALA F 82 74.93 -37.34 -15.53
N HIS F 83 74.15 -36.80 -16.48
CA HIS F 83 74.68 -35.83 -17.44
C HIS F 83 75.48 -34.72 -16.78
N TYR F 84 74.85 -34.03 -15.83
CA TYR F 84 75.44 -32.94 -15.10
C TYR F 84 76.85 -33.28 -14.60
N ASN F 85 77.03 -34.56 -14.26
CA ASN F 85 78.24 -35.03 -13.64
C ASN F 85 79.10 -35.84 -14.60
N LYS F 86 78.89 -35.63 -15.89
CA LYS F 86 79.68 -36.28 -16.95
C LYS F 86 79.91 -37.75 -16.65
N ARG F 87 78.82 -38.48 -16.46
CA ARG F 87 78.87 -39.90 -16.11
C ARG F 87 77.72 -40.63 -16.80
N SER F 88 77.97 -41.90 -17.14
CA SER F 88 77.11 -42.66 -18.04
C SER F 88 76.13 -43.59 -17.34
N THR F 89 76.18 -43.66 -16.02
CA THR F 89 75.41 -44.68 -15.32
C THR F 89 74.47 -44.10 -14.28
N ILE F 90 73.24 -44.61 -14.29
CA ILE F 90 72.21 -44.28 -13.30
C ILE F 90 72.22 -45.38 -12.24
N THR F 91 72.90 -45.10 -11.14
CA THR F 91 72.97 -46.03 -10.02
C THR F 91 71.91 -45.71 -8.99
N SER F 92 71.81 -46.60 -7.98
CA SER F 92 70.92 -46.39 -6.84
C SER F 92 71.17 -45.04 -6.18
N ARG F 93 72.41 -44.55 -6.27
CA ARG F 93 72.80 -43.27 -5.70
C ARG F 93 72.14 -42.12 -6.46
N GLU F 94 72.31 -42.13 -7.78
CA GLU F 94 71.59 -41.18 -8.62
C GLU F 94 70.12 -41.24 -8.28
N ILE F 95 69.51 -42.43 -8.30
CA ILE F 95 68.11 -42.53 -7.95
C ILE F 95 67.87 -41.86 -6.61
N GLN F 96 68.76 -42.13 -5.66
CA GLN F 96 68.57 -41.62 -4.34
C GLN F 96 68.44 -40.12 -4.37
N THR F 97 69.50 -39.43 -4.81
CA THR F 97 69.48 -37.97 -4.75
C THR F 97 68.32 -37.36 -5.56
N ALA F 98 67.98 -37.98 -6.68
CA ALA F 98 66.77 -37.68 -7.45
C ALA F 98 65.53 -37.57 -6.56
N VAL F 99 65.35 -38.62 -5.76
CA VAL F 99 64.34 -38.71 -4.71
C VAL F 99 64.41 -37.55 -3.75
N ARG F 100 65.62 -37.12 -3.39
CA ARG F 100 65.75 -36.03 -2.42
C ARG F 100 65.40 -34.67 -3.00
N LEU F 101 65.57 -34.53 -4.31
CA LEU F 101 65.14 -33.33 -5.01
C LEU F 101 63.63 -33.42 -5.30
N LEU F 102 63.14 -34.61 -5.59
CA LEU F 102 61.74 -34.70 -5.96
C LEU F 102 60.74 -34.68 -4.82
N LEU F 103 61.16 -35.11 -3.63
CA LEU F 103 60.21 -35.33 -2.53
C LEU F 103 60.33 -34.32 -1.39
N PRO F 104 59.19 -34.02 -0.74
CA PRO F 104 59.04 -33.15 0.45
C PRO F 104 59.62 -33.75 1.73
N GLY F 105 60.64 -33.07 2.28
CA GLY F 105 61.25 -33.40 3.59
C GLY F 105 60.95 -34.75 4.22
N GLU F 106 59.68 -35.00 4.59
CA GLU F 106 59.35 -36.20 5.36
C GLU F 106 59.19 -37.42 4.47
N LEU F 107 58.54 -37.22 3.34
CA LEU F 107 58.22 -38.31 2.41
C LEU F 107 59.48 -38.83 1.75
N ALA F 108 60.40 -37.90 1.48
CA ALA F 108 61.76 -38.19 1.05
C ALA F 108 62.47 -39.08 2.05
N LYS F 109 62.38 -38.66 3.32
CA LYS F 109 63.07 -39.31 4.44
C LYS F 109 62.76 -40.80 4.47
N HIS F 110 61.49 -41.13 4.58
CA HIS F 110 61.07 -42.53 4.56
C HIS F 110 61.51 -43.24 3.29
N ALA F 111 61.29 -42.57 2.15
CA ALA F 111 61.67 -43.10 0.83
C ALA F 111 63.13 -43.56 0.78
N VAL F 112 64.04 -42.73 1.26
CA VAL F 112 65.46 -43.10 1.30
C VAL F 112 65.65 -44.35 2.14
N SER F 113 64.98 -44.41 3.29
CA SER F 113 64.93 -45.62 4.12
C SER F 113 64.65 -46.80 3.25
N GLU F 114 63.37 -46.97 2.91
CA GLU F 114 62.88 -48.11 2.13
C GLU F 114 63.81 -48.41 0.95
N GLY F 115 64.33 -47.34 0.35
CA GLY F 115 65.30 -47.43 -0.71
C GLY F 115 66.58 -48.10 -0.28
N THR F 116 67.26 -47.52 0.71
CA THR F 116 68.52 -48.09 1.19
C THR F 116 68.33 -49.49 1.77
N LYS F 117 67.21 -49.71 2.45
CA LYS F 117 66.83 -51.02 3.00
C LYS F 117 66.76 -52.11 1.94
N ALA F 118 65.77 -52.03 1.05
CA ALA F 118 65.53 -53.06 0.04
C ALA F 118 66.78 -53.35 -0.81
N VAL F 119 67.60 -52.32 -1.02
CA VAL F 119 68.85 -52.47 -1.74
C VAL F 119 69.83 -53.36 -0.97
N THR F 120 70.10 -53.01 0.30
CA THR F 120 70.99 -53.82 1.14
C THR F 120 70.48 -55.24 1.27
N LYS F 121 69.17 -55.38 1.50
CA LYS F 121 68.52 -56.68 1.59
C LYS F 121 68.65 -57.46 0.28
N TYR F 122 68.65 -56.74 -0.83
CA TYR F 122 68.85 -57.33 -2.14
C TYR F 122 70.29 -57.82 -2.25
N THR F 123 71.24 -56.96 -1.93
CA THR F 123 72.66 -57.33 -2.01
C THR F 123 73.06 -58.42 -1.00
N SER F 124 72.15 -58.71 -0.04
CA SER F 124 72.29 -59.86 0.84
C SER F 124 72.15 -61.11 0.00
N ALA F 125 70.92 -61.38 -0.44
CA ALA F 125 70.58 -62.54 -1.27
C ALA F 125 71.28 -62.47 -2.64
N LYS F 126 71.32 -63.62 -3.32
CA LYS F 126 71.96 -63.75 -4.64
C LYS F 126 71.57 -65.09 -5.28
N THR G 17 62.79 -64.55 -8.62
CA THR G 17 62.65 -63.09 -8.95
C THR G 17 63.77 -62.22 -8.35
N ARG G 18 63.40 -61.00 -7.96
CA ARG G 18 64.29 -60.07 -7.26
C ARG G 18 63.45 -59.20 -6.31
N SER G 19 62.15 -59.16 -6.58
CA SER G 19 61.19 -58.53 -5.67
C SER G 19 61.29 -59.25 -4.34
N SER G 20 61.25 -60.58 -4.40
CA SER G 20 61.58 -61.47 -3.30
C SER G 20 62.90 -61.11 -2.63
N ARG G 21 63.98 -61.14 -3.40
CA ARG G 21 65.34 -60.96 -2.90
C ARG G 21 65.59 -59.57 -2.29
N ALA G 22 64.57 -58.72 -2.34
CA ALA G 22 64.63 -57.37 -1.78
C ALA G 22 63.40 -57.09 -0.94
N GLY G 23 62.55 -58.10 -0.80
CA GLY G 23 61.36 -58.04 0.06
C GLY G 23 60.30 -57.13 -0.48
N LEU G 24 60.38 -56.87 -1.78
CA LEU G 24 59.50 -55.93 -2.43
C LEU G 24 58.33 -56.63 -3.07
N GLN G 25 57.23 -55.90 -3.16
CA GLN G 25 56.04 -56.33 -3.86
C GLN G 25 56.07 -55.84 -5.31
N PHE G 26 56.93 -54.85 -5.57
CA PHE G 26 56.93 -54.18 -6.85
C PHE G 26 57.96 -54.75 -7.82
N PRO G 27 57.53 -55.01 -9.07
CA PRO G 27 58.29 -55.78 -10.04
C PRO G 27 59.64 -55.15 -10.30
N VAL G 28 60.66 -55.68 -9.63
CA VAL G 28 62.04 -55.22 -9.77
C VAL G 28 62.58 -55.46 -11.18
N GLY G 29 62.04 -56.45 -11.87
CA GLY G 29 62.38 -56.72 -13.27
C GLY G 29 61.83 -55.66 -14.21
N ARG G 30 60.49 -55.60 -14.32
CA ARG G 30 59.78 -54.54 -15.04
C ARG G 30 60.52 -53.21 -15.01
N VAL G 31 60.91 -52.79 -13.80
CA VAL G 31 61.55 -51.50 -13.59
C VAL G 31 62.91 -51.40 -14.29
N HIS G 32 63.69 -52.47 -14.23
CA HIS G 32 65.03 -52.47 -14.83
C HIS G 32 64.93 -52.37 -16.35
N ARG G 33 63.85 -52.93 -16.89
CA ARG G 33 63.60 -52.90 -18.32
C ARG G 33 63.32 -51.46 -18.71
N LEU G 34 62.40 -50.84 -17.97
CA LEU G 34 61.90 -49.51 -18.28
C LEU G 34 62.95 -48.40 -18.23
N LEU G 35 63.90 -48.55 -17.33
CA LEU G 35 64.97 -47.57 -17.22
C LEU G 35 65.89 -47.63 -18.42
N ARG G 36 66.20 -48.85 -18.86
CA ARG G 36 67.13 -49.07 -19.98
C ARG G 36 66.51 -48.61 -21.28
N LYS G 37 65.23 -48.93 -21.47
CA LYS G 37 64.51 -48.61 -22.69
C LYS G 37 64.02 -47.16 -22.78
N GLY G 38 63.75 -46.52 -21.65
CA GLY G 38 63.23 -45.15 -21.62
C GLY G 38 64.27 -44.06 -21.76
N ASN G 39 65.48 -44.44 -22.14
CA ASN G 39 66.48 -43.47 -22.61
C ASN G 39 66.90 -42.45 -21.56
N TYR G 40 67.22 -42.95 -20.37
CA TYR G 40 67.69 -42.09 -19.27
C TYR G 40 69.21 -42.06 -19.21
N ALA G 41 69.85 -43.18 -19.57
CA ALA G 41 71.31 -43.19 -19.72
C ALA G 41 71.79 -44.39 -20.50
N GLU G 42 73.05 -44.31 -20.92
CA GLU G 42 73.73 -45.38 -21.64
C GLU G 42 73.63 -46.70 -20.88
N ARG G 43 74.18 -46.73 -19.67
CA ARG G 43 74.12 -47.90 -18.79
C ARG G 43 73.30 -47.68 -17.50
N VAL G 44 72.85 -48.79 -16.91
CA VAL G 44 71.93 -48.79 -15.76
C VAL G 44 72.32 -49.80 -14.66
N GLY G 45 72.71 -49.27 -13.51
CA GLY G 45 73.10 -50.08 -12.35
C GLY G 45 72.12 -51.16 -11.87
N ALA G 46 72.64 -52.06 -11.03
CA ALA G 46 71.83 -53.16 -10.50
C ALA G 46 70.98 -52.74 -9.30
N GLY G 47 71.48 -51.78 -8.51
CA GLY G 47 70.77 -51.34 -7.33
C GLY G 47 69.55 -50.49 -7.63
N ALA G 48 69.65 -49.71 -8.71
CA ALA G 48 68.66 -48.67 -9.02
C ALA G 48 67.22 -49.18 -9.32
N PRO G 49 67.08 -50.25 -10.11
CA PRO G 49 65.71 -50.78 -10.27
C PRO G 49 65.13 -51.23 -8.95
N VAL G 50 66.01 -51.56 -8.02
CA VAL G 50 65.60 -52.00 -6.69
C VAL G 50 65.33 -50.78 -5.84
N TYR G 51 66.29 -49.85 -5.76
CA TYR G 51 66.06 -48.64 -5.01
C TYR G 51 64.75 -47.98 -5.41
N LEU G 52 64.55 -47.85 -6.72
CA LEU G 52 63.37 -47.14 -7.23
C LEU G 52 62.06 -47.92 -7.03
N ALA G 53 62.02 -49.18 -7.44
CA ALA G 53 60.83 -50.01 -7.25
C ALA G 53 60.32 -49.90 -5.81
N ALA G 54 61.28 -49.69 -4.90
CA ALA G 54 61.04 -49.61 -3.45
C ALA G 54 60.37 -48.31 -3.10
N VAL G 55 60.90 -47.23 -3.65
CA VAL G 55 60.40 -45.88 -3.44
C VAL G 55 59.03 -45.77 -4.06
N LEU G 56 58.87 -46.39 -5.21
CA LEU G 56 57.56 -46.51 -5.82
C LEU G 56 56.63 -47.27 -4.92
N GLU G 57 57.11 -48.42 -4.42
CA GLU G 57 56.32 -49.24 -3.48
C GLU G 57 55.99 -48.45 -2.22
N TYR G 58 57.02 -47.80 -1.64
CA TYR G 58 56.80 -47.00 -0.45
C TYR G 58 55.63 -46.04 -0.62
N LEU G 59 55.70 -45.19 -1.65
CA LEU G 59 54.74 -44.10 -1.88
C LEU G 59 53.34 -44.60 -2.21
N THR G 60 53.24 -45.68 -2.97
CA THR G 60 51.91 -46.23 -3.27
C THR G 60 51.26 -46.77 -2.00
N ALA G 61 52.09 -47.14 -1.03
CA ALA G 61 51.60 -47.57 0.27
C ALA G 61 50.99 -46.40 1.04
N GLU G 62 51.73 -45.29 1.14
CA GLU G 62 51.25 -44.11 1.85
C GLU G 62 49.91 -43.61 1.34
N ILE G 63 49.72 -43.68 0.03
CA ILE G 63 48.46 -43.27 -0.59
C ILE G 63 47.37 -44.27 -0.23
N LEU G 64 47.65 -45.54 -0.46
CA LEU G 64 46.69 -46.61 -0.21
C LEU G 64 46.28 -46.62 1.27
N GLU G 65 47.28 -46.41 2.14
CA GLU G 65 47.05 -46.13 3.56
C GLU G 65 45.90 -45.12 3.73
N LEU G 66 46.20 -43.86 3.45
CA LEU G 66 45.34 -42.72 3.81
C LEU G 66 44.03 -42.68 3.04
N ALA G 67 44.02 -43.25 1.84
CA ALA G 67 42.78 -43.38 1.08
C ALA G 67 41.88 -44.39 1.76
N GLY G 68 42.40 -45.60 2.00
CA GLY G 68 41.66 -46.63 2.73
C GLY G 68 41.03 -46.09 4.00
N ASN G 69 41.87 -45.53 4.88
CA ASN G 69 41.41 -44.73 6.01
C ASN G 69 40.17 -43.94 5.58
N ALA G 70 40.35 -43.08 4.60
CA ALA G 70 39.28 -42.22 4.08
C ALA G 70 38.04 -42.99 3.63
N ALA G 71 38.23 -44.17 3.04
CA ALA G 71 37.10 -45.00 2.66
C ALA G 71 36.38 -45.58 3.89
N ARG G 72 37.15 -45.88 4.95
CA ARG G 72 36.56 -46.25 6.23
C ARG G 72 35.76 -45.06 6.74
N ASP G 73 36.43 -43.91 6.85
CA ASP G 73 35.80 -42.67 7.31
C ASP G 73 34.53 -42.36 6.53
N ASN G 74 34.55 -42.66 5.23
CA ASN G 74 33.41 -42.41 4.35
C ASN G 74 32.57 -43.68 4.19
N LYS G 75 32.86 -44.67 5.04
CA LYS G 75 32.06 -45.89 5.23
C LYS G 75 31.82 -46.73 3.97
N LYS G 76 32.92 -47.17 3.36
CA LYS G 76 32.89 -48.01 2.17
C LYS G 76 34.06 -48.98 2.27
N THR G 77 33.89 -50.18 1.70
CA THR G 77 35.00 -51.14 1.67
C THR G 77 35.90 -50.92 0.44
N ARG G 78 35.35 -50.32 -0.62
CA ARG G 78 36.11 -50.06 -1.84
C ARG G 78 36.49 -48.61 -2.07
N ILE G 79 37.76 -48.40 -2.41
CA ILE G 79 38.35 -47.09 -2.69
C ILE G 79 37.96 -46.57 -4.06
N ILE G 80 37.28 -45.43 -4.10
CA ILE G 80 37.02 -44.72 -5.35
C ILE G 80 37.93 -43.50 -5.46
N PRO G 81 38.05 -42.91 -6.65
CA PRO G 81 38.90 -41.76 -6.87
C PRO G 81 38.80 -40.68 -5.78
N ARG G 82 37.60 -40.42 -5.30
CA ARG G 82 37.42 -39.41 -4.25
C ARG G 82 38.31 -39.69 -3.05
N HIS G 83 38.31 -40.94 -2.59
CA HIS G 83 39.08 -41.33 -1.42
C HIS G 83 40.54 -41.05 -1.63
N LEU G 84 41.00 -41.19 -2.87
CA LEU G 84 42.35 -40.82 -3.21
C LEU G 84 42.51 -39.30 -3.04
N GLN G 85 41.66 -38.54 -3.72
CA GLN G 85 41.69 -37.09 -3.63
C GLN G 85 41.71 -36.60 -2.17
N LEU G 86 40.75 -37.07 -1.36
CA LEU G 86 40.69 -36.70 0.04
C LEU G 86 42.00 -37.01 0.74
N ALA G 87 42.54 -38.20 0.50
CA ALA G 87 43.79 -38.62 1.13
C ALA G 87 44.90 -37.67 0.77
N VAL G 88 44.86 -37.23 -0.49
CA VAL G 88 45.95 -36.48 -1.09
C VAL G 88 45.92 -35.02 -0.65
N ARG G 89 44.77 -34.39 -0.83
CA ARG G 89 44.64 -32.97 -0.52
C ARG G 89 44.73 -32.72 0.99
N ASN G 90 44.26 -33.67 1.78
CA ASN G 90 44.40 -33.54 3.23
C ASN G 90 45.80 -33.77 3.75
N ASP G 91 46.58 -34.62 3.09
CA ASP G 91 47.99 -34.75 3.43
C ASP G 91 48.80 -33.57 2.90
N GLU G 92 49.43 -32.85 3.82
CA GLU G 92 50.21 -31.66 3.46
C GLU G 92 51.38 -32.02 2.53
N GLU G 93 52.11 -33.08 2.86
CA GLU G 93 53.26 -33.51 2.06
C GLU G 93 52.92 -34.17 0.72
N LEU G 94 51.84 -34.97 0.66
CA LEU G 94 51.43 -35.61 -0.58
C LEU G 94 50.88 -34.58 -1.54
N ASN G 95 50.04 -33.68 -1.02
CA ASN G 95 49.45 -32.61 -1.81
C ASN G 95 50.46 -31.76 -2.51
N LYS G 96 51.59 -31.51 -1.87
CA LYS G 96 52.63 -30.75 -2.52
C LYS G 96 53.04 -31.58 -3.70
N LEU G 97 53.58 -32.76 -3.44
CA LEU G 97 54.03 -33.65 -4.50
C LEU G 97 53.09 -33.62 -5.70
N LEU G 98 51.80 -33.86 -5.48
CA LEU G 98 50.82 -33.79 -6.56
C LEU G 98 50.16 -32.41 -6.60
N GLY G 99 51.01 -31.39 -6.49
CA GLY G 99 50.62 -29.98 -6.62
C GLY G 99 50.10 -29.57 -7.98
N ARG G 100 50.60 -30.20 -9.04
CA ARG G 100 50.13 -29.93 -10.40
C ARG G 100 49.31 -31.06 -11.03
N VAL G 101 48.63 -31.89 -10.23
CA VAL G 101 47.90 -33.02 -10.80
C VAL G 101 46.44 -32.95 -10.52
N THR G 102 45.65 -32.94 -11.57
CA THR G 102 44.22 -33.09 -11.38
C THR G 102 43.86 -34.58 -11.39
N ILE G 103 43.19 -35.05 -10.35
CA ILE G 103 42.77 -36.45 -10.21
C ILE G 103 41.33 -36.61 -10.68
N ALA G 104 41.13 -37.35 -11.77
CA ALA G 104 39.77 -37.59 -12.30
C ALA G 104 38.77 -38.02 -11.21
N GLN G 105 37.60 -37.39 -11.22
CA GLN G 105 36.55 -37.65 -10.24
C GLN G 105 37.04 -37.46 -8.81
N GLY G 106 37.84 -36.42 -8.60
CA GLY G 106 38.34 -36.13 -7.26
C GLY G 106 37.39 -35.28 -6.46
N GLY G 107 36.75 -34.33 -7.13
CA GLY G 107 35.99 -33.31 -6.43
C GLY G 107 36.97 -32.40 -5.71
N VAL G 108 36.45 -31.58 -4.81
CA VAL G 108 37.27 -30.72 -3.99
C VAL G 108 37.05 -31.01 -2.51
N LEU G 109 37.96 -30.54 -1.66
CA LEU G 109 37.73 -30.58 -0.22
C LEU G 109 36.63 -29.58 0.09
N PRO G 110 35.83 -29.84 1.14
CA PRO G 110 34.88 -28.82 1.54
C PRO G 110 35.60 -27.69 2.27
N ASN G 111 35.43 -26.49 1.77
CA ASN G 111 36.02 -25.28 2.34
C ASN G 111 35.16 -24.11 1.90
N ILE G 112 34.63 -23.38 2.88
CA ILE G 112 33.73 -22.24 2.65
C ILE G 112 34.33 -21.06 3.39
N GLN G 113 34.61 -19.97 2.69
CA GLN G 113 35.26 -18.83 3.32
C GLN G 113 34.38 -18.21 4.39
N SER G 114 35.00 -17.87 5.52
CA SER G 114 34.32 -17.23 6.66
C SER G 114 33.29 -16.22 6.21
N VAL G 115 33.74 -15.04 5.76
CA VAL G 115 32.86 -13.92 5.44
C VAL G 115 31.67 -14.28 4.55
N LEU G 116 31.70 -15.48 3.98
CA LEU G 116 30.58 -15.97 3.20
C LEU G 116 29.50 -16.60 4.07
N LEU G 117 29.91 -17.13 5.23
CA LEU G 117 28.99 -17.72 6.21
C LEU G 117 27.98 -16.72 6.79
N PRO G 118 26.78 -17.21 7.19
CA PRO G 118 25.73 -16.34 7.76
C PRO G 118 26.13 -15.75 9.12
N LYS G 119 25.47 -14.67 9.53
CA LYS G 119 25.81 -13.99 10.77
C LYS G 119 24.80 -14.29 11.87
N LYS H 20 83.67 -18.56 12.19
CA LYS H 20 83.00 -17.82 13.29
C LYS H 20 81.47 -17.73 13.10
N VAL H 21 80.75 -17.81 14.21
CA VAL H 21 79.32 -18.14 14.19
C VAL H 21 78.52 -17.05 13.50
N LEU H 22 77.44 -17.44 12.82
CA LEU H 22 76.61 -16.54 12.02
C LEU H 22 75.17 -16.54 12.46
N ARG H 23 74.65 -15.34 12.70
CA ARG H 23 73.40 -15.15 13.41
C ARG H 23 72.70 -13.87 12.95
N ASP H 24 71.38 -13.97 12.76
CA ASP H 24 70.48 -12.86 12.40
C ASP H 24 70.71 -12.17 11.05
N ASN H 25 71.48 -12.82 10.15
CA ASN H 25 71.87 -12.16 8.90
C ASN H 25 70.75 -11.64 7.95
N ILE H 26 69.62 -12.34 7.90
CA ILE H 26 68.41 -11.80 7.25
C ILE H 26 68.22 -10.30 7.53
N GLN H 27 68.75 -9.78 8.63
CA GLN H 27 68.54 -8.34 8.86
C GLN H 27 69.59 -7.50 8.10
N GLY H 28 70.41 -8.20 7.32
CA GLY H 28 71.28 -7.55 6.34
C GLY H 28 70.42 -6.91 5.27
N ILE H 29 69.37 -7.65 4.86
CA ILE H 29 68.31 -7.18 3.98
C ILE H 29 67.63 -5.94 4.57
N THR H 30 68.39 -4.87 4.67
CA THR H 30 67.94 -3.58 5.14
C THR H 30 66.64 -3.12 4.50
N LYS H 31 65.97 -2.15 5.12
CA LYS H 31 64.70 -1.61 4.64
C LYS H 31 64.80 -0.75 3.35
N PRO H 32 65.86 0.09 3.21
CA PRO H 32 66.02 0.79 1.97
C PRO H 32 66.17 -0.11 0.74
N ALA H 33 66.78 -1.29 0.89
CA ALA H 33 66.91 -2.21 -0.23
C ALA H 33 65.56 -2.84 -0.55
N ILE H 34 64.98 -3.58 0.40
CA ILE H 34 63.62 -4.10 0.25
C ILE H 34 62.72 -2.99 -0.33
N ARG H 35 63.21 -1.75 -0.28
CA ARG H 35 62.52 -0.61 -0.87
C ARG H 35 62.86 -0.51 -2.36
N ARG H 36 64.13 -0.25 -2.65
CA ARG H 36 64.68 -0.27 -3.98
C ARG H 36 64.07 -1.39 -4.86
N LEU H 37 64.10 -2.65 -4.42
CA LEU H 37 63.41 -3.69 -5.20
C LEU H 37 61.93 -3.35 -5.47
N ALA H 38 61.19 -2.94 -4.46
CA ALA H 38 59.77 -2.60 -4.65
C ALA H 38 59.52 -1.50 -5.69
N ARG H 39 60.57 -0.72 -5.98
CA ARG H 39 60.44 0.45 -6.85
C ARG H 39 60.60 -0.01 -8.28
N ARG H 40 61.66 -0.76 -8.54
CA ARG H 40 61.78 -1.48 -9.78
C ARG H 40 60.52 -2.33 -9.91
N GLY H 41 59.76 -2.49 -8.85
CA GLY H 41 58.58 -3.35 -8.93
C GLY H 41 57.34 -2.55 -9.20
N GLY H 42 57.49 -1.24 -9.23
CA GLY H 42 56.38 -0.37 -9.58
C GLY H 42 55.51 0.06 -8.43
N VAL H 43 55.94 -0.30 -7.23
CA VAL H 43 55.27 0.07 -6.00
C VAL H 43 55.71 1.47 -5.53
N LYS H 44 54.70 2.26 -5.14
CA LYS H 44 54.83 3.65 -4.76
C LYS H 44 54.70 3.81 -3.25
N ARG H 45 53.68 3.15 -2.69
CA ARG H 45 53.42 3.24 -1.26
C ARG H 45 53.54 1.91 -0.53
N ILE H 46 54.46 1.88 0.43
CA ILE H 46 54.83 0.65 1.14
C ILE H 46 54.43 0.65 2.62
N SER H 47 53.53 -0.26 2.99
CA SER H 47 53.12 -0.46 4.39
C SER H 47 54.27 -1.00 5.25
N GLY H 48 54.38 -0.51 6.47
CA GLY H 48 55.50 -0.86 7.37
C GLY H 48 55.63 -2.34 7.72
N LEU H 49 54.51 -3.06 7.70
CA LEU H 49 54.53 -4.49 7.96
C LEU H 49 55.01 -5.33 6.76
N ILE H 50 55.32 -4.67 5.66
CA ILE H 50 55.87 -5.31 4.47
C ILE H 50 57.29 -5.82 4.68
N TYR H 51 58.18 -5.00 5.26
CA TYR H 51 59.61 -5.34 5.32
C TYR H 51 59.87 -6.68 5.98
N GLU H 52 59.12 -7.05 7.02
CA GLU H 52 59.36 -8.36 7.63
C GLU H 52 58.78 -9.48 6.80
N GLU H 53 57.62 -9.26 6.19
CA GLU H 53 57.07 -10.30 5.33
C GLU H 53 58.02 -10.61 4.15
N THR H 54 58.71 -9.57 3.66
CA THR H 54 59.57 -9.77 2.51
C THR H 54 60.74 -10.65 2.90
N ARG H 55 61.33 -10.36 4.05
CA ARG H 55 62.42 -11.19 4.57
C ARG H 55 61.94 -12.63 4.77
N GLY H 56 60.69 -12.74 5.20
CA GLY H 56 60.10 -14.05 5.42
C GLY H 56 60.20 -14.83 4.14
N VAL H 57 59.68 -14.20 3.09
CA VAL H 57 59.58 -14.72 1.73
C VAL H 57 60.95 -14.99 1.10
N LEU H 58 61.86 -14.04 1.26
CA LEU H 58 63.18 -14.19 0.69
C LEU H 58 63.83 -15.43 1.27
N LYS H 59 63.62 -15.64 2.57
CA LYS H 59 64.16 -16.80 3.27
C LYS H 59 63.60 -18.12 2.72
N VAL H 60 62.25 -18.25 2.65
CA VAL H 60 61.64 -19.46 2.09
C VAL H 60 62.20 -19.64 0.69
N PHE H 61 62.42 -18.52 -0.01
CA PHE H 61 63.00 -18.58 -1.36
C PHE H 61 64.42 -19.15 -1.34
N LEU H 62 65.33 -18.49 -0.61
CA LEU H 62 66.73 -18.98 -0.55
C LEU H 62 66.85 -20.41 0.06
N GLU H 63 65.93 -20.74 0.97
CA GLU H 63 66.00 -22.05 1.55
C GLU H 63 65.64 -23.03 0.48
N ASN H 64 64.80 -22.64 -0.47
CA ASN H 64 64.48 -23.61 -1.51
C ASN H 64 65.55 -23.82 -2.56
N VAL H 65 66.16 -22.73 -3.00
CA VAL H 65 67.13 -22.87 -4.06
C VAL H 65 68.34 -23.58 -3.47
N ILE H 66 68.70 -23.25 -2.22
CA ILE H 66 69.95 -23.81 -1.67
C ILE H 66 69.84 -25.25 -1.16
N ARG H 67 68.68 -25.61 -0.59
CA ARG H 67 68.42 -27.01 -0.35
C ARG H 67 68.78 -27.80 -1.62
N ASP H 68 68.24 -27.38 -2.76
CA ASP H 68 68.54 -28.03 -4.06
C ASP H 68 69.97 -27.83 -4.56
N ALA H 69 70.46 -26.58 -4.54
CA ALA H 69 71.83 -26.33 -4.99
C ALA H 69 72.74 -27.31 -4.28
N VAL H 70 72.58 -27.36 -2.96
CA VAL H 70 73.39 -28.20 -2.06
C VAL H 70 73.27 -29.66 -2.41
N THR H 71 72.06 -30.19 -2.52
CA THR H 71 71.87 -31.56 -2.98
C THR H 71 72.66 -31.90 -4.23
N TYR H 72 72.72 -30.99 -5.21
CA TYR H 72 73.62 -31.18 -6.34
C TYR H 72 75.08 -31.21 -5.85
N THR H 73 75.47 -30.27 -4.97
CA THR H 73 76.86 -30.19 -4.51
C THR H 73 77.28 -31.46 -3.79
N GLU H 74 76.36 -32.02 -3.00
CA GLU H 74 76.58 -33.26 -2.27
C GLU H 74 76.72 -34.41 -3.27
N HIS H 75 75.91 -34.38 -4.31
CA HIS H 75 75.98 -35.47 -5.28
C HIS H 75 77.29 -35.39 -6.07
N ALA H 76 77.67 -34.20 -6.47
CA ALA H 76 78.94 -34.02 -7.14
C ALA H 76 80.12 -34.28 -6.18
N LYS H 77 79.82 -34.71 -4.96
CA LYS H 77 80.83 -35.01 -3.91
C LYS H 77 81.83 -33.87 -3.69
N ARG H 78 81.31 -32.67 -3.45
CA ARG H 78 82.14 -31.47 -3.37
C ARG H 78 81.92 -30.70 -2.06
N LYS H 79 82.90 -29.89 -1.69
CA LYS H 79 82.80 -29.00 -0.53
C LYS H 79 82.59 -27.56 -1.01
N THR H 80 82.58 -27.37 -2.33
CA THR H 80 82.38 -26.05 -2.90
C THR H 80 81.16 -26.06 -3.77
N VAL H 81 80.27 -25.09 -3.53
CA VAL H 81 79.05 -24.92 -4.31
C VAL H 81 79.35 -24.02 -5.51
N THR H 82 79.03 -24.54 -6.69
CA THR H 82 79.37 -23.89 -7.95
C THR H 82 78.22 -23.11 -8.55
N ALA H 83 78.56 -22.15 -9.42
CA ALA H 83 77.54 -21.42 -10.17
C ALA H 83 76.55 -22.39 -10.84
N MET H 84 77.05 -23.51 -11.33
CA MET H 84 76.23 -24.50 -12.00
C MET H 84 75.20 -25.20 -11.11
N ASP H 85 75.55 -25.48 -9.85
CA ASP H 85 74.64 -26.17 -8.94
C ASP H 85 73.47 -25.26 -8.69
N VAL H 86 73.78 -23.99 -8.44
CA VAL H 86 72.75 -22.96 -8.36
C VAL H 86 71.82 -22.96 -9.59
N VAL H 87 72.41 -22.98 -10.79
CA VAL H 87 71.62 -22.74 -11.99
C VAL H 87 70.68 -23.90 -12.27
N TYR H 88 71.18 -25.09 -11.98
CA TYR H 88 70.42 -26.30 -12.09
C TYR H 88 69.25 -26.34 -11.11
N ALA H 89 69.44 -25.67 -9.96
CA ALA H 89 68.46 -25.69 -8.90
C ALA H 89 67.30 -24.84 -9.37
N LEU H 90 67.60 -23.57 -9.66
CA LEU H 90 66.65 -22.66 -10.29
C LEU H 90 65.87 -23.33 -11.45
N LYS H 91 66.60 -23.91 -12.42
CA LYS H 91 65.91 -24.59 -13.50
C LYS H 91 64.87 -25.57 -12.93
N ARG H 92 65.30 -26.38 -11.94
CA ARG H 92 64.45 -27.33 -11.21
C ARG H 92 63.18 -26.69 -10.68
N GLN H 93 63.35 -25.55 -10.01
CA GLN H 93 62.25 -24.82 -9.38
C GLN H 93 61.49 -23.96 -10.39
N GLY H 94 61.69 -24.22 -11.69
CA GLY H 94 61.01 -23.43 -12.70
C GLY H 94 61.31 -21.95 -12.66
N ARG H 95 62.55 -21.60 -12.33
CA ARG H 95 63.02 -20.23 -12.35
C ARG H 95 64.35 -20.17 -13.08
N THR H 96 64.32 -20.64 -14.33
CA THR H 96 65.52 -20.75 -15.18
C THR H 96 66.26 -19.42 -15.26
N LEU H 97 67.59 -19.49 -15.23
CA LEU H 97 68.42 -18.27 -15.23
C LEU H 97 69.54 -18.34 -16.26
N TYR H 98 69.60 -17.30 -17.10
CA TYR H 98 70.66 -17.19 -18.09
C TYR H 98 71.71 -16.22 -17.57
N GLY H 99 72.98 -16.49 -17.93
CA GLY H 99 74.07 -15.59 -17.61
C GLY H 99 75.22 -16.20 -16.83
N PHE H 100 75.06 -17.47 -16.39
CA PHE H 100 76.02 -18.09 -15.51
C PHE H 100 76.47 -19.50 -15.87
N GLY H 101 76.30 -19.89 -17.13
CA GLY H 101 76.61 -21.24 -17.58
C GLY H 101 75.30 -21.97 -17.79
N GLY H 102 75.38 -23.17 -18.36
CA GLY H 102 74.18 -24.00 -18.59
C GLY H 102 73.60 -23.96 -20.00
N PRO I 38 63.18 27.02 3.09
CA PRO I 38 63.61 25.70 2.59
C PRO I 38 62.62 25.09 1.56
N HIS I 39 62.82 23.82 1.23
CA HIS I 39 62.03 23.16 0.19
C HIS I 39 61.69 21.70 0.56
N ARG I 40 60.49 21.26 0.14
CA ARG I 40 59.96 19.96 0.52
C ARG I 40 59.08 19.34 -0.57
N TYR I 41 59.60 18.31 -1.25
CA TYR I 41 58.82 17.53 -2.20
C TYR I 41 57.65 16.87 -1.51
N ARG I 42 56.48 16.94 -2.14
CA ARG I 42 55.25 16.38 -1.61
C ARG I 42 55.32 14.85 -1.51
N PRO I 43 54.52 14.26 -0.59
CA PRO I 43 54.53 12.81 -0.44
C PRO I 43 54.14 12.10 -1.73
N GLY I 44 54.98 11.16 -2.15
CA GLY I 44 54.73 10.33 -3.32
C GLY I 44 55.51 10.81 -4.52
N THR I 45 56.13 11.98 -4.39
CA THR I 45 56.81 12.62 -5.50
C THR I 45 58.16 11.98 -5.72
N VAL I 46 58.85 11.62 -4.64
CA VAL I 46 60.17 10.99 -4.76
C VAL I 46 60.01 9.49 -5.05
N ALA I 47 58.86 8.93 -4.69
CA ALA I 47 58.59 7.52 -4.94
C ALA I 47 58.57 7.29 -6.44
N LEU I 48 57.70 8.03 -7.11
CA LEU I 48 57.60 8.07 -8.57
C LEU I 48 58.96 8.32 -9.22
N ARG I 49 59.73 9.24 -8.69
CA ARG I 49 61.07 9.47 -9.21
C ARG I 49 61.90 8.21 -9.09
N GLU I 50 61.96 7.65 -7.87
CA GLU I 50 62.77 6.47 -7.56
C GLU I 50 62.39 5.25 -8.40
N ILE I 51 61.09 5.05 -8.60
CA ILE I 51 60.61 4.00 -9.49
C ILE I 51 61.33 4.17 -10.82
N ARG I 52 61.21 5.36 -11.41
CA ARG I 52 61.81 5.60 -12.72
C ARG I 52 63.30 5.40 -12.68
N ARG I 53 63.96 5.82 -11.61
CA ARG I 53 65.38 5.55 -11.49
C ARG I 53 65.63 4.06 -11.64
N TYR I 54 65.02 3.28 -10.76
CA TYR I 54 65.37 1.86 -10.65
C TYR I 54 64.84 1.02 -11.81
N GLN I 55 63.83 1.53 -12.50
CA GLN I 55 63.36 0.89 -13.74
C GLN I 55 64.26 1.17 -15.01
N LYS I 56 65.11 2.20 -14.95
CA LYS I 56 66.08 2.41 -16.04
C LYS I 56 67.28 1.50 -15.93
N SER I 57 67.70 1.19 -14.70
CA SER I 57 68.93 0.42 -14.51
C SER I 57 68.69 -1.06 -14.22
N THR I 58 69.80 -1.76 -14.01
CA THR I 58 69.88 -3.22 -13.95
C THR I 58 70.75 -3.74 -12.78
N GLU I 59 71.59 -2.83 -12.25
CA GLU I 59 72.46 -3.07 -11.11
C GLU I 59 71.65 -3.55 -9.92
N LEU I 60 72.22 -4.51 -9.18
CA LEU I 60 71.57 -5.17 -8.06
C LEU I 60 71.23 -4.21 -6.94
N LEU I 61 70.14 -4.50 -6.24
CA LEU I 61 69.58 -3.55 -5.30
C LEU I 61 69.89 -3.86 -3.84
N ILE I 62 70.02 -5.15 -3.55
CA ILE I 62 70.45 -5.63 -2.25
C ILE I 62 71.96 -5.45 -2.24
N ARG I 63 72.51 -5.11 -1.08
CA ARG I 63 73.95 -4.91 -0.97
C ARG I 63 74.62 -6.24 -0.96
N LYS I 64 75.88 -6.25 -1.37
CA LYS I 64 76.52 -7.47 -1.86
C LYS I 64 76.90 -8.34 -0.70
N LEU I 65 77.35 -7.69 0.36
CA LEU I 65 78.00 -8.36 1.47
C LEU I 65 76.97 -8.96 2.40
N PRO I 66 76.03 -8.15 2.93
CA PRO I 66 74.87 -8.68 3.60
C PRO I 66 74.33 -9.91 2.89
N PHE I 67 74.01 -9.77 1.61
CA PHE I 67 73.45 -10.87 0.85
C PHE I 67 74.20 -12.18 1.05
N GLN I 68 75.53 -12.09 1.04
CA GLN I 68 76.37 -13.27 1.04
C GLN I 68 76.29 -13.91 2.42
N ARG I 69 76.56 -13.09 3.44
CA ARG I 69 76.40 -13.54 4.81
C ARG I 69 75.10 -14.32 4.97
N LEU I 70 73.99 -13.76 4.47
CA LEU I 70 72.71 -14.47 4.54
C LEU I 70 72.80 -15.87 3.92
N VAL I 71 73.23 -15.94 2.66
CA VAL I 71 73.28 -17.22 1.95
C VAL I 71 74.20 -18.21 2.67
N ARG I 72 75.38 -17.77 3.09
CA ARG I 72 76.26 -18.66 3.89
C ARG I 72 75.58 -19.23 5.17
N GLU I 73 74.89 -18.37 5.92
CA GLU I 73 74.05 -18.85 6.99
C GLU I 73 73.18 -20.00 6.48
N ILE I 74 72.03 -19.68 5.88
CA ILE I 74 71.08 -20.70 5.41
C ILE I 74 71.73 -22.01 4.92
N ALA I 75 72.86 -21.91 4.25
CA ALA I 75 73.49 -23.08 3.65
C ALA I 75 74.18 -23.92 4.70
N GLN I 76 74.84 -23.24 5.64
CA GLN I 76 75.46 -23.86 6.83
C GLN I 76 74.46 -24.74 7.54
N ASP I 77 73.33 -24.13 7.90
CA ASP I 77 72.19 -24.80 8.53
C ASP I 77 71.54 -25.93 7.70
N PHE I 78 72.20 -26.36 6.63
CA PHE I 78 71.74 -27.47 5.75
C PHE I 78 72.89 -28.46 5.67
N LYS I 79 74.10 -27.91 5.64
CA LYS I 79 75.31 -28.68 5.69
C LYS I 79 76.43 -27.70 6.03
N THR I 80 77.25 -28.12 6.99
CA THR I 80 78.33 -27.29 7.47
C THR I 80 79.45 -27.44 6.45
N ASP I 81 80.45 -26.58 6.57
CA ASP I 81 81.70 -26.74 5.85
C ASP I 81 81.55 -26.68 4.33
N LEU I 82 80.69 -25.74 3.87
CA LEU I 82 80.51 -25.44 2.43
C LEU I 82 81.23 -24.17 2.01
N ARG I 83 81.87 -24.22 0.84
CA ARG I 83 82.37 -23.02 0.17
C ARG I 83 81.54 -22.62 -1.08
N PHE I 84 81.73 -21.38 -1.55
CA PHE I 84 81.02 -20.87 -2.73
C PHE I 84 81.94 -20.21 -3.77
N GLN I 85 81.79 -20.63 -5.03
CA GLN I 85 82.19 -19.81 -6.17
C GLN I 85 81.52 -18.44 -6.10
N SER I 86 82.30 -17.36 -6.16
CA SER I 86 81.75 -16.03 -5.97
C SER I 86 80.67 -15.75 -6.99
N SER I 87 80.79 -16.37 -8.15
CA SER I 87 79.76 -16.33 -9.18
C SER I 87 78.48 -17.09 -8.78
N ALA I 88 78.59 -18.07 -7.87
CA ALA I 88 77.43 -18.88 -7.44
C ALA I 88 76.55 -18.10 -6.48
N VAL I 89 77.16 -17.23 -5.66
CA VAL I 89 76.40 -16.34 -4.82
C VAL I 89 75.65 -15.45 -5.79
N MET I 90 76.45 -14.76 -6.61
CA MET I 90 75.95 -13.81 -7.62
C MET I 90 74.80 -14.36 -8.47
N ALA I 91 74.84 -15.65 -8.77
CA ALA I 91 73.71 -16.31 -9.41
C ALA I 91 72.47 -16.23 -8.52
N LEU I 92 72.52 -16.83 -7.32
CA LEU I 92 71.42 -16.79 -6.34
C LEU I 92 70.87 -15.40 -6.12
N GLN I 93 71.73 -14.38 -6.06
CA GLN I 93 71.20 -13.02 -5.94
C GLN I 93 70.43 -12.57 -7.19
N GLU I 94 71.07 -12.67 -8.36
CA GLU I 94 70.37 -12.44 -9.60
C GLU I 94 69.00 -13.10 -9.54
N ALA I 95 68.97 -14.36 -9.14
CA ALA I 95 67.72 -15.08 -9.13
C ALA I 95 66.79 -14.55 -8.04
N SER I 96 67.37 -13.96 -7.00
CA SER I 96 66.59 -13.57 -5.81
C SER I 96 65.81 -12.31 -6.08
N GLU I 97 66.56 -11.28 -6.47
CA GLU I 97 66.00 -9.99 -6.83
C GLU I 97 64.94 -10.12 -7.96
N ALA I 98 65.29 -10.68 -9.11
CA ALA I 98 64.28 -11.00 -10.12
C ALA I 98 62.91 -11.44 -9.53
N TYR I 99 62.97 -12.37 -8.59
CA TYR I 99 61.80 -12.97 -7.97
C TYR I 99 61.02 -11.97 -7.21
N LEU I 100 61.74 -11.12 -6.50
CA LEU I 100 61.12 -10.25 -5.53
C LEU I 100 60.54 -9.11 -6.27
N VAL I 101 61.23 -8.71 -7.33
CA VAL I 101 60.71 -7.65 -8.19
C VAL I 101 59.48 -8.17 -8.93
N ALA I 102 59.56 -9.36 -9.48
CA ALA I 102 58.38 -10.02 -10.02
C ALA I 102 57.31 -9.98 -8.94
N LEU I 103 57.67 -10.36 -7.70
CA LEU I 103 56.73 -10.39 -6.58
C LEU I 103 56.03 -9.07 -6.25
N PHE I 104 56.81 -8.05 -5.96
CA PHE I 104 56.30 -6.71 -5.81
C PHE I 104 55.36 -6.30 -6.94
N GLU I 105 55.76 -6.51 -8.21
CA GLU I 105 54.86 -6.34 -9.36
C GLU I 105 53.45 -6.86 -9.05
N ASP I 106 53.35 -8.16 -8.77
CA ASP I 106 52.07 -8.79 -8.50
C ASP I 106 51.48 -8.37 -7.17
N THR I 107 52.33 -8.07 -6.18
CA THR I 107 51.80 -7.52 -4.94
C THR I 107 51.08 -6.24 -5.34
N ASN I 108 51.82 -5.36 -6.00
CA ASN I 108 51.28 -4.06 -6.36
C ASN I 108 49.90 -4.16 -7.00
N LEU I 109 49.69 -5.19 -7.81
CA LEU I 109 48.43 -5.34 -8.52
C LEU I 109 47.34 -5.59 -7.51
N CYS I 110 47.69 -6.33 -6.46
CA CYS I 110 46.74 -6.70 -5.41
C CYS I 110 46.31 -5.51 -4.55
N ALA I 111 47.26 -4.64 -4.24
CA ALA I 111 46.99 -3.36 -3.61
C ALA I 111 45.97 -2.61 -4.43
N ILE I 112 46.25 -2.48 -5.73
CA ILE I 112 45.37 -1.75 -6.64
C ILE I 112 44.02 -2.46 -6.80
N HIS I 113 44.01 -3.77 -6.61
CA HIS I 113 42.75 -4.47 -6.79
C HIS I 113 41.77 -4.01 -5.72
N ALA I 114 42.35 -3.64 -4.57
CA ALA I 114 41.59 -3.35 -3.36
C ALA I 114 41.37 -1.85 -3.20
N LYS I 115 41.32 -1.15 -4.34
CA LYS I 115 41.13 0.29 -4.39
C LYS I 115 42.13 1.00 -3.47
N ARG I 116 43.27 0.36 -3.24
CA ARG I 116 44.36 0.89 -2.43
C ARG I 116 45.57 1.20 -3.30
N VAL I 117 46.56 1.87 -2.73
CA VAL I 117 47.77 2.31 -3.45
C VAL I 117 49.02 1.89 -2.69
N THR I 118 48.80 1.49 -1.44
CA THR I 118 49.82 1.04 -0.51
C THR I 118 49.84 -0.49 -0.44
N ILE I 119 51.00 -1.11 -0.65
CA ILE I 119 51.11 -2.59 -0.54
C ILE I 119 51.24 -3.09 0.91
N MET I 120 50.65 -4.25 1.18
CA MET I 120 50.51 -4.74 2.54
C MET I 120 50.84 -6.21 2.58
N PRO I 121 51.28 -6.71 3.75
CA PRO I 121 51.53 -8.13 3.79
C PRO I 121 50.37 -8.90 3.15
N LYS I 122 49.11 -8.56 3.46
CA LYS I 122 48.00 -9.37 2.92
C LYS I 122 48.02 -9.42 1.41
N ASP I 123 48.40 -8.32 0.76
CA ASP I 123 48.59 -8.34 -0.68
C ASP I 123 49.59 -9.42 -1.08
N ILE I 124 50.87 -9.26 -0.70
CA ILE I 124 51.87 -10.32 -0.93
C ILE I 124 51.25 -11.71 -0.73
N GLN I 125 50.50 -11.87 0.33
CA GLN I 125 49.92 -13.15 0.70
C GLN I 125 48.94 -13.68 -0.32
N LEU I 126 48.19 -12.79 -0.94
CA LEU I 126 47.27 -13.18 -1.99
C LEU I 126 48.01 -13.57 -3.27
N ALA I 127 49.09 -12.84 -3.57
CA ALA I 127 49.88 -13.14 -4.76
C ALA I 127 50.48 -14.55 -4.66
N ARG I 128 51.00 -14.87 -3.48
CA ARG I 128 51.63 -16.15 -3.27
C ARG I 128 50.59 -17.27 -3.25
N ARG I 129 49.45 -17.08 -2.60
CA ARG I 129 48.43 -18.11 -2.69
C ARG I 129 48.13 -18.39 -4.17
N ILE I 130 47.94 -17.33 -4.95
CA ILE I 130 47.51 -17.44 -6.36
C ILE I 130 48.61 -18.02 -7.28
N ARG I 131 49.83 -17.50 -7.17
CA ARG I 131 51.01 -18.14 -7.77
C ARG I 131 51.08 -19.63 -7.41
N GLY I 132 50.41 -20.02 -6.33
CA GLY I 132 50.49 -21.39 -5.85
C GLY I 132 51.84 -21.66 -5.22
N GLU I 133 52.37 -20.66 -4.52
CA GLU I 133 53.53 -20.86 -3.65
C GLU I 133 53.04 -21.30 -2.24
N ARG I 134 53.96 -21.85 -1.44
CA ARG I 134 53.69 -22.19 -0.02
C ARG I 134 54.90 -21.90 0.90
N THR K 33 -70.03 47.39 39.28
CA THR K 33 -71.18 46.68 38.63
C THR K 33 -71.08 45.16 38.75
N ARG K 34 -72.13 44.44 38.35
CA ARG K 34 -72.17 42.98 38.43
C ARG K 34 -71.24 42.33 37.41
N LYS K 35 -70.21 41.66 37.91
CA LYS K 35 -69.41 40.76 37.09
C LYS K 35 -69.78 39.31 37.45
N GLU K 36 -70.56 38.68 36.58
CA GLU K 36 -70.93 37.28 36.76
C GLU K 36 -69.72 36.38 36.64
N SER K 37 -69.84 35.19 37.22
CA SER K 37 -68.75 34.22 37.32
C SER K 37 -69.30 32.87 37.78
N TYR K 38 -68.59 31.81 37.40
CA TYR K 38 -68.86 30.48 37.90
C TYR K 38 -68.10 30.24 39.20
N ALA K 39 -67.81 31.30 39.95
CA ALA K 39 -66.96 31.15 41.14
C ALA K 39 -67.64 30.36 42.26
N ILE K 40 -68.96 30.44 42.34
CA ILE K 40 -69.68 29.76 43.40
C ILE K 40 -69.82 28.28 43.06
N TYR K 41 -70.32 28.00 41.86
CA TYR K 41 -70.45 26.64 41.39
C TYR K 41 -69.12 25.91 41.40
N VAL K 42 -68.03 26.59 41.06
CA VAL K 42 -66.76 25.91 41.14
C VAL K 42 -66.43 25.63 42.60
N TYR K 43 -66.65 26.59 43.49
CA TYR K 43 -66.43 26.32 44.91
C TYR K 43 -67.26 25.09 45.34
N LYS K 44 -68.56 25.18 45.13
CA LYS K 44 -69.45 24.09 45.49
C LYS K 44 -68.80 22.77 45.14
N VAL K 45 -68.57 22.52 43.85
CA VAL K 45 -67.99 21.27 43.37
C VAL K 45 -66.63 20.96 44.02
N LEU K 46 -65.72 21.93 44.10
CA LEU K 46 -64.49 21.68 44.87
C LEU K 46 -64.80 21.18 46.29
N LYS K 47 -65.80 21.77 46.97
CA LYS K 47 -66.07 21.36 48.36
C LYS K 47 -66.59 19.95 48.42
N GLN K 48 -67.54 19.66 47.55
CA GLN K 48 -67.90 18.28 47.28
C GLN K 48 -66.72 17.36 47.04
N VAL K 49 -65.64 17.82 46.44
CA VAL K 49 -64.60 16.87 46.00
C VAL K 49 -63.32 16.90 46.81
N HIS K 50 -62.98 18.06 47.37
CA HIS K 50 -61.82 18.15 48.24
C HIS K 50 -62.12 19.14 49.36
N PRO K 51 -63.01 18.76 50.31
CA PRO K 51 -63.55 19.66 51.35
C PRO K 51 -62.55 20.43 52.22
N ASP K 52 -61.31 19.98 52.36
CA ASP K 52 -60.37 20.81 53.13
C ASP K 52 -59.45 21.61 52.20
N THR K 53 -60.00 22.13 51.12
CA THR K 53 -59.15 22.69 50.07
C THR K 53 -59.69 23.96 49.44
N GLY K 54 -58.84 24.98 49.41
CA GLY K 54 -59.21 26.29 48.87
C GLY K 54 -58.59 26.63 47.54
N ILE K 55 -59.17 27.61 46.86
CA ILE K 55 -58.66 28.00 45.56
C ILE K 55 -58.19 29.46 45.59
N SER K 56 -57.04 29.71 44.98
CA SER K 56 -56.49 31.07 44.83
C SER K 56 -57.23 31.88 43.79
N SER K 57 -57.21 33.18 43.99
CA SER K 57 -57.76 34.15 43.04
C SER K 57 -57.44 33.86 41.56
N LYS K 58 -56.16 33.60 41.26
CA LYS K 58 -55.72 33.28 39.91
C LYS K 58 -56.30 31.95 39.43
N ALA K 59 -56.09 30.91 40.24
CA ALA K 59 -56.69 29.60 40.01
C ALA K 59 -58.18 29.69 39.72
N MET K 60 -58.90 30.41 40.55
CA MET K 60 -60.33 30.56 40.30
C MET K 60 -60.46 31.08 38.88
N SER K 61 -59.80 32.23 38.64
CA SER K 61 -59.85 32.91 37.35
C SER K 61 -59.67 31.90 36.21
N ILE K 62 -58.55 31.18 36.23
CA ILE K 62 -58.30 30.10 35.28
C ILE K 62 -59.47 29.15 35.13
N MET K 63 -59.84 28.45 36.21
CA MET K 63 -61.06 27.64 36.22
C MET K 63 -62.16 28.37 35.44
N ASN K 64 -62.51 29.55 35.93
CA ASN K 64 -63.52 30.38 35.28
C ASN K 64 -63.36 30.52 33.78
N SER K 65 -62.11 30.54 33.31
CA SER K 65 -61.85 30.59 31.88
C SER K 65 -62.26 29.26 31.25
N PHE K 66 -61.73 28.18 31.80
CA PHE K 66 -61.94 26.82 31.30
C PHE K 66 -63.42 26.51 31.07
N VAL K 67 -64.27 26.91 32.02
CA VAL K 67 -65.69 26.66 31.85
C VAL K 67 -66.19 27.38 30.60
N ASN K 68 -65.91 28.69 30.52
CA ASN K 68 -66.29 29.47 29.32
C ASN K 68 -65.76 28.90 27.96
N ASP K 69 -64.52 28.41 27.93
CA ASP K 69 -63.93 27.91 26.71
C ASP K 69 -64.74 26.73 26.21
N VAL K 70 -64.86 25.73 27.08
CA VAL K 70 -65.60 24.49 26.82
C VAL K 70 -67.07 24.75 26.57
N PHE K 71 -67.64 25.72 27.28
CA PHE K 71 -68.97 26.20 26.88
C PHE K 71 -69.08 26.57 25.38
N GLU K 72 -68.22 27.48 24.89
CA GLU K 72 -68.30 27.90 23.49
C GLU K 72 -68.03 26.73 22.60
N ARG K 73 -67.02 25.95 22.92
CA ARG K 73 -66.59 24.90 22.04
C ARG K 73 -67.76 23.95 21.78
N ILE K 74 -68.39 23.54 22.87
CA ILE K 74 -69.58 22.72 22.83
C ILE K 74 -70.69 23.45 22.09
N ALA K 75 -71.11 24.58 22.64
CA ALA K 75 -72.24 25.33 22.08
C ALA K 75 -72.08 25.58 20.58
N GLY K 76 -70.91 26.05 20.17
CA GLY K 76 -70.59 26.27 18.76
C GLY K 76 -70.79 25.04 17.90
N GLU K 77 -70.17 23.92 18.29
CA GLU K 77 -70.21 22.70 17.47
C GLU K 77 -71.62 22.12 17.42
N ALA K 78 -72.41 22.41 18.45
CA ALA K 78 -73.82 22.04 18.43
C ALA K 78 -74.54 22.86 17.37
N SER K 79 -74.29 24.17 17.40
CA SER K 79 -74.81 25.13 16.44
C SER K 79 -74.54 24.74 14.98
N ARG K 80 -73.32 24.31 14.69
CA ARG K 80 -72.99 23.75 13.38
C ARG K 80 -73.88 22.57 13.03
N LEU K 81 -74.12 21.68 14.00
CA LEU K 81 -74.96 20.47 13.79
C LEU K 81 -76.41 20.78 13.47
N ALA K 82 -77.00 21.69 14.24
CA ALA K 82 -78.31 22.21 13.87
C ALA K 82 -78.26 22.65 12.40
N HIS K 83 -77.37 23.59 12.09
CA HIS K 83 -77.25 24.16 10.75
C HIS K 83 -77.08 23.13 9.67
N TYR K 84 -76.15 22.19 9.87
CA TYR K 84 -75.81 21.21 8.83
C TYR K 84 -77.00 20.37 8.45
N ASN K 85 -77.95 20.27 9.40
CA ASN K 85 -79.12 19.42 9.26
C ASN K 85 -80.38 20.24 9.09
N LYS K 86 -80.24 21.38 8.43
CA LYS K 86 -81.32 22.34 8.27
C LYS K 86 -82.29 22.34 9.47
N ARG K 87 -81.77 22.65 10.64
CA ARG K 87 -82.59 22.57 11.85
C ARG K 87 -82.50 23.85 12.71
N SER K 88 -83.64 24.31 13.19
CA SER K 88 -83.76 25.64 13.81
C SER K 88 -83.47 25.67 15.30
N THR K 89 -83.12 24.52 15.86
CA THR K 89 -83.13 24.39 17.32
C THR K 89 -82.05 23.44 17.88
N ILE K 90 -81.38 23.90 18.93
CA ILE K 90 -80.37 23.12 19.62
C ILE K 90 -81.03 22.42 20.80
N THR K 91 -81.21 21.10 20.66
CA THR K 91 -81.74 20.23 21.71
C THR K 91 -80.58 19.43 22.25
N SER K 92 -80.73 18.86 23.43
CA SER K 92 -79.67 18.05 24.03
C SER K 92 -79.17 16.90 23.14
N ARG K 93 -79.91 16.52 22.11
CA ARG K 93 -79.36 15.56 21.17
C ARG K 93 -78.11 16.14 20.51
N GLU K 94 -78.21 17.41 20.06
CA GLU K 94 -77.10 18.22 19.54
C GLU K 94 -75.95 18.35 20.54
N ILE K 95 -76.24 18.88 21.74
CA ILE K 95 -75.26 19.02 22.82
C ILE K 95 -74.57 17.71 23.10
N GLN K 96 -75.32 16.61 23.02
CA GLN K 96 -74.68 15.32 23.11
C GLN K 96 -73.70 15.08 21.99
N THR K 97 -74.16 15.03 20.75
CA THR K 97 -73.23 14.63 19.69
C THR K 97 -72.08 15.60 19.56
N ALA K 98 -72.36 16.89 19.79
CA ALA K 98 -71.31 17.91 20.02
C ALA K 98 -70.23 17.38 20.94
N VAL K 99 -70.65 16.79 22.05
CA VAL K 99 -69.74 16.26 23.04
C VAL K 99 -68.89 15.12 22.49
N ARG K 100 -69.51 14.30 21.62
CA ARG K 100 -68.80 13.14 21.09
C ARG K 100 -67.73 13.50 20.09
N LEU K 101 -67.83 14.72 19.52
CA LEU K 101 -66.79 15.25 18.62
C LEU K 101 -65.67 15.96 19.40
N LEU K 102 -66.06 16.81 20.34
CA LEU K 102 -65.14 17.60 21.14
C LEU K 102 -64.19 16.90 22.09
N LEU K 103 -64.74 16.01 22.92
CA LEU K 103 -64.00 15.39 24.02
C LEU K 103 -63.25 14.12 23.60
N PRO K 104 -62.13 13.81 24.29
CA PRO K 104 -61.53 12.49 24.10
C PRO K 104 -62.29 11.39 24.87
N GLY K 105 -62.20 10.15 24.37
CA GLY K 105 -62.94 8.97 24.91
C GLY K 105 -63.46 8.92 26.35
N GLU K 106 -62.62 8.52 27.29
CA GLU K 106 -63.11 8.30 28.63
C GLU K 106 -63.85 9.54 29.15
N LEU K 107 -63.27 10.71 28.88
CA LEU K 107 -63.89 11.97 29.20
C LEU K 107 -65.26 12.08 28.52
N ALA K 108 -65.33 11.85 27.21
CA ALA K 108 -66.58 11.92 26.46
C ALA K 108 -67.64 10.99 27.05
N LYS K 109 -67.30 9.70 27.13
CA LYS K 109 -68.23 8.65 27.60
C LYS K 109 -68.87 9.02 28.94
N HIS K 110 -68.04 9.21 29.95
CA HIS K 110 -68.54 9.66 31.25
C HIS K 110 -69.43 10.89 31.17
N ALA K 111 -68.91 11.96 30.56
CA ALA K 111 -69.67 13.21 30.36
C ALA K 111 -71.05 13.00 29.73
N VAL K 112 -71.10 12.20 28.66
CA VAL K 112 -72.37 11.80 28.03
C VAL K 112 -73.31 11.17 29.05
N SER K 113 -72.83 10.14 29.75
CA SER K 113 -73.66 9.44 30.73
C SER K 113 -74.15 10.47 31.75
N GLU K 114 -73.21 11.12 32.40
CA GLU K 114 -73.46 12.20 33.34
C GLU K 114 -74.54 13.17 32.86
N GLY K 115 -74.46 13.54 31.58
CA GLY K 115 -75.36 14.49 31.00
C GLY K 115 -76.76 13.95 30.81
N THR K 116 -76.88 12.81 30.11
CA THR K 116 -78.20 12.25 29.77
C THR K 116 -78.92 11.78 31.03
N LYS K 117 -78.14 11.57 32.08
CA LYS K 117 -78.68 11.28 33.39
C LYS K 117 -79.47 12.47 33.94
N ALA K 118 -78.86 13.65 33.99
CA ALA K 118 -79.51 14.82 34.61
C ALA K 118 -80.73 15.31 33.83
N VAL K 119 -80.81 14.90 32.57
CA VAL K 119 -81.92 15.21 31.67
C VAL K 119 -83.11 14.36 32.04
N THR K 120 -82.89 13.06 31.97
CA THR K 120 -83.79 12.08 32.54
C THR K 120 -84.27 12.56 33.93
N LYS K 121 -83.35 12.79 34.86
CA LYS K 121 -83.68 13.33 36.19
C LYS K 121 -84.55 14.58 36.11
N TYR K 122 -84.25 15.45 35.15
CA TYR K 122 -84.94 16.72 34.96
C TYR K 122 -86.37 16.59 34.42
N THR K 123 -86.56 15.74 33.42
CA THR K 123 -87.88 15.44 32.88
C THR K 123 -88.86 15.05 34.00
N SER K 124 -88.54 13.94 34.67
CA SER K 124 -89.38 13.35 35.71
C SER K 124 -89.78 14.34 36.81
N ALA K 125 -88.81 15.12 37.29
CA ALA K 125 -89.05 16.09 38.37
C ALA K 125 -89.55 17.45 37.85
N ALA L 15 -88.50 21.45 44.79
CA ALA L 15 -87.47 22.51 44.55
C ALA L 15 -87.85 23.44 43.38
N LYS L 16 -87.41 24.69 43.46
CA LYS L 16 -87.68 25.69 42.41
C LYS L 16 -86.56 25.71 41.35
N THR L 17 -85.32 25.88 41.80
CA THR L 17 -84.13 25.85 40.93
C THR L 17 -84.11 24.65 40.00
N ARG L 18 -84.09 24.91 38.70
CA ARG L 18 -83.98 23.87 37.66
C ARG L 18 -82.73 23.03 37.88
N SER L 19 -81.76 23.64 38.58
CA SER L 19 -80.54 22.95 38.98
C SER L 19 -80.89 21.80 39.88
N SER L 20 -81.76 22.06 40.85
CA SER L 20 -82.17 21.03 41.79
C SER L 20 -82.99 19.94 41.13
N ARG L 21 -83.95 20.32 40.30
CA ARG L 21 -84.68 19.35 39.49
C ARG L 21 -83.74 18.38 38.76
N ALA L 22 -82.53 18.84 38.45
CA ALA L 22 -81.57 18.02 37.72
C ALA L 22 -80.51 17.49 38.65
N GLY L 23 -80.59 17.90 39.92
CA GLY L 23 -79.61 17.51 40.91
C GLY L 23 -78.23 17.86 40.43
N LEU L 24 -78.05 19.16 40.20
CA LEU L 24 -76.80 19.71 39.68
C LEU L 24 -76.37 20.91 40.48
N GLN L 25 -75.05 21.09 40.53
CA GLN L 25 -74.45 22.27 41.13
C GLN L 25 -74.45 23.50 40.20
N PHE L 26 -74.48 23.26 38.90
CA PHE L 26 -74.35 24.33 37.93
C PHE L 26 -75.68 25.03 37.64
N PRO L 27 -75.64 26.37 37.40
CA PRO L 27 -76.89 27.11 37.21
C PRO L 27 -77.47 26.93 35.81
N VAL L 28 -78.47 26.08 35.70
CA VAL L 28 -79.13 25.70 34.44
C VAL L 28 -79.88 26.89 33.83
N GLY L 29 -80.24 27.86 34.69
CA GLY L 29 -80.86 29.10 34.22
C GLY L 29 -79.86 29.96 33.45
N ARG L 30 -78.65 30.06 34.01
CA ARG L 30 -77.56 30.79 33.37
C ARG L 30 -77.23 30.12 32.01
N VAL L 31 -76.88 28.85 32.04
CA VAL L 31 -76.56 28.13 30.82
C VAL L 31 -77.69 28.28 29.78
N HIS L 32 -78.88 28.63 30.24
CA HIS L 32 -80.01 28.76 29.33
C HIS L 32 -80.02 30.13 28.67
N ARG L 33 -79.85 31.17 29.48
CA ARG L 33 -79.78 32.53 28.99
C ARG L 33 -78.63 32.61 27.98
N LEU L 34 -77.44 32.17 28.38
CA LEU L 34 -76.27 32.23 27.52
C LEU L 34 -76.53 31.60 26.15
N LEU L 35 -77.05 30.38 26.11
CA LEU L 35 -77.29 29.74 24.82
C LEU L 35 -78.19 30.56 23.88
N ARG L 36 -79.04 31.40 24.45
CA ARG L 36 -79.92 32.26 23.63
C ARG L 36 -79.24 33.58 23.23
N LYS L 37 -78.72 34.30 24.22
CA LYS L 37 -77.92 35.50 23.96
C LYS L 37 -76.57 35.12 23.35
N GLY L 38 -76.59 34.24 22.34
CA GLY L 38 -75.35 33.68 21.80
C GLY L 38 -75.49 33.22 20.38
N ASN L 39 -76.70 33.31 19.84
CA ASN L 39 -76.87 33.14 18.41
C ASN L 39 -76.23 31.83 17.94
N TYR L 40 -76.70 30.72 18.52
CA TYR L 40 -76.25 29.40 18.10
C TYR L 40 -77.37 28.80 17.27
N ALA L 41 -78.59 29.18 17.63
CA ALA L 41 -79.78 28.86 16.84
C ALA L 41 -80.96 29.71 17.27
N GLU L 42 -81.93 29.77 16.37
CA GLU L 42 -83.21 30.42 16.66
C GLU L 42 -83.65 30.03 18.05
N ARG L 43 -83.92 28.73 18.19
CA ARG L 43 -84.58 28.20 19.36
C ARG L 43 -83.67 27.21 20.09
N VAL L 44 -83.85 27.14 21.39
CA VAL L 44 -83.10 26.21 22.24
C VAL L 44 -84.08 25.23 22.90
N GLY L 45 -83.75 23.94 22.87
CA GLY L 45 -84.48 22.94 23.63
C GLY L 45 -84.40 23.22 25.13
N ALA L 46 -84.99 22.36 25.95
CA ALA L 46 -84.93 22.56 27.40
C ALA L 46 -84.03 21.55 28.06
N GLY L 47 -83.66 20.52 27.31
CA GLY L 47 -82.75 19.49 27.83
C GLY L 47 -81.28 19.82 27.58
N ALA L 48 -81.07 20.59 26.51
CA ALA L 48 -79.75 21.06 26.10
C ALA L 48 -79.01 21.90 27.19
N PRO L 49 -79.67 22.90 27.80
CA PRO L 49 -79.01 23.58 28.94
C PRO L 49 -78.60 22.59 30.00
N VAL L 50 -79.57 21.75 30.40
CA VAL L 50 -79.42 20.75 31.46
C VAL L 50 -78.21 19.88 31.20
N TYR L 51 -78.23 19.23 30.04
CA TYR L 51 -77.14 18.39 29.58
C TYR L 51 -75.82 19.15 29.66
N LEU L 52 -75.74 20.26 28.93
CA LEU L 52 -74.55 21.10 28.96
C LEU L 52 -74.15 21.54 30.38
N ALA L 53 -75.10 21.98 31.20
CA ALA L 53 -74.75 22.47 32.53
C ALA L 53 -74.09 21.36 33.36
N ALA L 54 -74.50 20.13 33.06
CA ALA L 54 -73.99 18.93 33.70
C ALA L 54 -72.61 18.55 33.21
N VAL L 55 -72.44 18.54 31.89
CA VAL L 55 -71.13 18.27 31.29
C VAL L 55 -70.11 19.29 31.74
N LEU L 56 -70.51 20.55 31.82
CA LEU L 56 -69.62 21.53 32.41
C LEU L 56 -69.13 21.07 33.79
N GLU L 57 -70.07 20.64 34.64
CA GLU L 57 -69.83 20.10 36.01
C GLU L 57 -68.93 18.87 36.05
N TYR L 58 -69.21 17.90 35.18
CA TYR L 58 -68.39 16.71 35.15
C TYR L 58 -66.93 17.16 35.04
N LEU L 59 -66.64 17.97 34.03
CA LEU L 59 -65.27 18.47 33.75
C LEU L 59 -64.66 19.35 34.86
N THR L 60 -65.40 20.32 35.39
CA THR L 60 -64.78 21.10 36.46
C THR L 60 -64.43 20.18 37.62
N ALA L 61 -65.30 19.20 37.89
CA ALA L 61 -65.06 18.16 38.89
C ALA L 61 -63.86 17.29 38.55
N GLU L 62 -63.92 16.63 37.39
CA GLU L 62 -62.80 15.86 36.88
C GLU L 62 -61.47 16.60 37.04
N ILE L 63 -61.44 17.91 36.82
CA ILE L 63 -60.18 18.67 36.90
C ILE L 63 -59.84 19.02 38.32
N LEU L 64 -60.75 19.68 39.01
CA LEU L 64 -60.55 20.00 40.42
C LEU L 64 -60.05 18.80 41.23
N GLU L 65 -60.54 17.60 40.90
CA GLU L 65 -60.11 16.36 41.55
C GLU L 65 -58.61 16.24 41.46
N LEU L 66 -58.10 16.17 40.23
CA LEU L 66 -56.65 16.04 39.98
C LEU L 66 -55.78 17.24 40.41
N ALA L 67 -56.39 18.41 40.47
CA ALA L 67 -55.66 19.60 40.92
C ALA L 67 -55.38 19.50 42.42
N GLY L 68 -56.45 19.25 43.19
CA GLY L 68 -56.38 18.96 44.64
C GLY L 68 -55.34 17.92 45.03
N ASN L 69 -55.26 16.88 44.23
CA ASN L 69 -54.24 15.88 44.47
C ASN L 69 -52.88 16.47 44.25
N ALA L 70 -52.79 17.34 43.25
CA ALA L 70 -51.55 18.00 42.92
C ALA L 70 -51.22 18.96 44.04
N ALA L 71 -52.24 19.63 44.57
CA ALA L 71 -52.05 20.57 45.64
C ALA L 71 -51.53 19.82 46.86
N ARG L 72 -52.13 18.64 47.11
CA ARG L 72 -51.82 17.79 48.28
C ARG L 72 -50.35 17.39 48.31
N ASP L 73 -49.86 16.80 47.23
CA ASP L 73 -48.45 16.40 47.15
C ASP L 73 -47.54 17.60 47.41
N ASN L 74 -47.93 18.75 46.89
CA ASN L 74 -47.15 19.96 47.15
C ASN L 74 -47.49 20.58 48.54
N LYS L 75 -47.97 19.73 49.44
CA LYS L 75 -48.34 20.11 50.82
C LYS L 75 -49.17 21.38 50.95
N LYS L 76 -50.17 21.55 50.10
CA LYS L 76 -50.89 22.82 50.12
C LYS L 76 -52.40 22.69 50.18
N THR L 77 -52.96 23.58 50.99
CA THR L 77 -54.38 23.80 51.25
C THR L 77 -55.10 24.39 50.04
N ARG L 78 -54.38 25.12 49.21
CA ARG L 78 -55.03 25.98 48.22
C ARG L 78 -54.51 25.73 46.83
N ILE L 79 -55.44 25.41 45.92
CA ILE L 79 -55.14 25.16 44.50
C ILE L 79 -54.72 26.43 43.73
N ILE L 80 -53.45 26.51 43.37
CA ILE L 80 -52.87 27.57 42.55
C ILE L 80 -52.56 27.01 41.13
N PRO L 81 -52.49 27.87 40.09
CA PRO L 81 -52.47 27.33 38.71
C PRO L 81 -51.40 26.25 38.41
N ARG L 82 -50.22 26.31 39.02
CA ARG L 82 -49.28 25.19 38.85
C ARG L 82 -50.08 23.91 39.06
N HIS L 83 -50.86 23.89 40.15
CA HIS L 83 -51.66 22.72 40.48
C HIS L 83 -52.64 22.37 39.36
N LEU L 84 -53.18 23.37 38.66
CA LEU L 84 -54.06 23.02 37.55
C LEU L 84 -53.21 22.47 36.40
N GLN L 85 -52.04 23.08 36.20
CA GLN L 85 -51.18 22.73 35.10
C GLN L 85 -50.69 21.28 35.22
N LEU L 86 -49.97 20.98 36.31
CA LEU L 86 -49.66 19.59 36.71
C LEU L 86 -50.83 18.61 36.50
N ALA L 87 -52.01 18.99 37.01
CA ALA L 87 -53.20 18.22 36.76
C ALA L 87 -53.36 17.96 35.23
N VAL L 88 -53.59 19.02 34.46
CA VAL L 88 -53.87 18.91 33.04
C VAL L 88 -52.87 18.13 32.17
N ARG L 89 -51.57 18.37 32.34
CA ARG L 89 -50.60 17.79 31.42
C ARG L 89 -50.19 16.39 31.87
N ASN L 90 -50.54 16.05 33.10
CA ASN L 90 -50.38 14.65 33.55
C ASN L 90 -51.50 13.71 33.09
N ASP L 91 -52.68 14.24 32.84
CA ASP L 91 -53.75 13.45 32.30
C ASP L 91 -53.81 13.36 30.76
N GLU L 92 -53.29 12.28 30.19
CA GLU L 92 -53.35 12.11 28.73
C GLU L 92 -54.52 12.87 28.14
N GLU L 93 -55.73 12.53 28.57
CA GLU L 93 -56.96 13.05 27.98
C GLU L 93 -57.32 14.53 28.20
N LEU L 94 -57.26 15.01 29.44
CA LEU L 94 -57.50 16.44 29.73
C LEU L 94 -56.50 17.26 28.95
N ASN L 95 -55.24 16.82 29.01
CA ASN L 95 -54.15 17.44 28.27
C ASN L 95 -54.41 17.64 26.79
N LYS L 96 -55.30 16.84 26.20
CA LYS L 96 -55.56 16.90 24.77
C LYS L 96 -56.72 17.85 24.53
N LEU L 97 -57.76 17.73 25.34
CA LEU L 97 -58.78 18.78 25.38
C LEU L 97 -58.16 20.19 25.44
N LEU L 98 -57.12 20.37 26.24
CA LEU L 98 -56.46 21.66 26.38
C LEU L 98 -55.06 21.65 25.77
N GLY L 99 -54.96 20.97 24.62
CA GLY L 99 -53.69 20.83 23.96
C GLY L 99 -53.22 22.10 23.29
N ARG L 100 -54.14 23.01 22.97
CA ARG L 100 -53.77 24.34 22.49
C ARG L 100 -54.10 25.45 23.50
N VAL L 101 -53.79 25.25 24.79
CA VAL L 101 -54.21 26.26 25.78
C VAL L 101 -53.14 26.61 26.80
N THR L 102 -53.15 27.84 27.25
CA THR L 102 -52.08 28.23 28.12
C THR L 102 -52.66 28.62 29.41
N ILE L 103 -52.03 28.16 30.47
CA ILE L 103 -52.47 28.55 31.79
C ILE L 103 -51.52 29.54 32.38
N ALA L 104 -51.96 30.79 32.47
CA ALA L 104 -51.20 31.80 33.28
C ALA L 104 -50.54 31.16 34.53
N GLN L 105 -49.23 31.31 34.71
CA GLN L 105 -48.55 30.77 35.88
C GLN L 105 -48.46 29.21 36.01
N GLY L 106 -49.02 28.50 35.03
CA GLY L 106 -48.71 27.08 34.85
C GLY L 106 -47.27 26.63 35.03
N GLY L 107 -46.32 27.12 34.24
CA GLY L 107 -44.97 26.54 34.26
C GLY L 107 -45.04 25.34 33.33
N VAL L 108 -43.98 24.53 33.29
CA VAL L 108 -44.02 23.27 32.49
C VAL L 108 -43.75 21.99 33.31
N LEU L 109 -43.99 20.81 32.73
CA LEU L 109 -43.67 19.55 33.43
C LEU L 109 -42.18 19.27 33.46
N PRO L 110 -41.65 18.85 34.65
CA PRO L 110 -40.24 18.49 34.73
C PRO L 110 -39.98 17.27 33.88
N ASN L 111 -39.24 17.49 32.79
CA ASN L 111 -38.84 16.47 31.85
C ASN L 111 -37.54 16.94 31.21
N ILE L 112 -36.47 16.18 31.42
CA ILE L 112 -35.13 16.45 30.90
C ILE L 112 -34.75 15.30 29.99
N GLN L 113 -34.34 15.63 28.77
CA GLN L 113 -34.03 14.62 27.77
C GLN L 113 -32.84 13.79 28.19
N SER L 114 -32.86 12.52 27.76
CA SER L 114 -31.84 11.51 28.12
C SER L 114 -30.43 11.98 27.81
N VAL L 115 -30.18 12.23 26.52
CA VAL L 115 -28.86 12.55 25.99
C VAL L 115 -28.19 13.75 26.67
N LEU L 116 -28.93 14.48 27.49
CA LEU L 116 -28.39 15.65 28.19
C LEU L 116 -27.94 15.30 29.60
N LEU L 117 -28.25 14.08 30.03
CA LEU L 117 -27.86 13.53 31.34
C LEU L 117 -26.44 12.96 31.31
N PRO L 118 -25.64 13.26 32.36
CA PRO L 118 -24.26 12.74 32.47
C PRO L 118 -24.20 11.20 32.59
N LYS L 119 -23.12 10.60 32.12
CA LYS L 119 -22.99 9.13 32.12
C LYS L 119 -22.04 8.61 33.20
N ASN M 25 -55.89 -6.13 3.82
CA ASN M 25 -56.61 -4.82 3.81
C ASN M 25 -55.71 -3.58 3.90
N ILE M 26 -55.18 -3.32 5.09
CA ILE M 26 -54.22 -2.22 5.27
C ILE M 26 -53.04 -2.46 4.33
N GLN M 27 -52.51 -3.67 4.34
CA GLN M 27 -51.41 -4.05 3.46
C GLN M 27 -51.81 -3.90 1.99
N GLY M 28 -53.07 -3.54 1.76
CA GLY M 28 -53.57 -3.16 0.43
C GLY M 28 -53.00 -1.83 -0.04
N ILE M 29 -52.53 -1.03 0.92
CA ILE M 29 -51.76 0.18 0.64
C ILE M 29 -50.36 -0.28 0.23
N THR M 30 -50.17 -0.45 -1.07
CA THR M 30 -48.98 -1.09 -1.62
C THR M 30 -47.71 -0.24 -1.45
N LYS M 31 -46.59 -0.93 -1.28
CA LYS M 31 -45.26 -0.31 -1.29
C LYS M 31 -45.08 0.70 -2.45
N PRO M 32 -45.35 0.29 -3.70
CA PRO M 32 -45.21 1.26 -4.79
C PRO M 32 -46.10 2.50 -4.66
N ALA M 33 -47.32 2.32 -4.17
CA ALA M 33 -48.23 3.44 -3.97
C ALA M 33 -47.64 4.43 -2.95
N ILE M 34 -47.18 3.90 -1.83
CA ILE M 34 -46.49 4.67 -0.80
C ILE M 34 -45.25 5.35 -1.38
N ARG M 35 -44.61 4.69 -2.34
CA ARG M 35 -43.40 5.22 -2.96
C ARG M 35 -43.75 6.47 -3.78
N ARG M 36 -44.82 6.36 -4.57
CA ARG M 36 -45.28 7.47 -5.40
C ARG M 36 -45.60 8.70 -4.56
N LEU M 37 -46.31 8.49 -3.45
CA LEU M 37 -46.70 9.58 -2.57
C LEU M 37 -45.46 10.30 -2.03
N ALA M 38 -44.45 9.52 -1.67
CA ALA M 38 -43.22 10.12 -1.19
C ALA M 38 -42.46 10.86 -2.31
N ARG M 39 -42.61 10.39 -3.55
CA ARG M 39 -41.99 11.06 -4.70
C ARG M 39 -42.61 12.44 -4.92
N ARG M 40 -43.94 12.47 -5.04
CA ARG M 40 -44.70 13.72 -5.05
C ARG M 40 -44.39 14.51 -3.79
N GLY M 41 -43.92 13.80 -2.76
CA GLY M 41 -43.53 14.40 -1.49
C GLY M 41 -42.18 15.08 -1.52
N GLY M 42 -41.37 14.76 -2.54
CA GLY M 42 -40.05 15.35 -2.69
C GLY M 42 -38.92 14.46 -2.18
N VAL M 43 -39.28 13.24 -1.79
CA VAL M 43 -38.36 12.28 -1.17
C VAL M 43 -37.59 11.46 -2.20
N LYS M 44 -36.27 11.33 -2.01
CA LYS M 44 -35.43 10.59 -2.95
C LYS M 44 -35.20 9.14 -2.55
N ARG M 45 -34.87 8.92 -1.28
CA ARG M 45 -34.50 7.59 -0.80
C ARG M 45 -35.34 7.13 0.40
N ILE M 46 -35.84 5.89 0.33
CA ILE M 46 -36.79 5.38 1.32
C ILE M 46 -36.34 4.09 2.04
N SER M 47 -36.19 4.18 3.37
CA SER M 47 -35.97 3.03 4.24
C SER M 47 -37.11 2.01 4.17
N GLY M 48 -36.83 0.75 4.47
CA GLY M 48 -37.83 -0.31 4.44
C GLY M 48 -38.92 -0.17 5.48
N LEU M 49 -38.53 0.30 6.66
CA LEU M 49 -39.44 0.38 7.81
C LEU M 49 -40.50 1.49 7.68
N ILE M 50 -40.20 2.46 6.83
CA ILE M 50 -41.12 3.54 6.49
C ILE M 50 -42.49 3.03 6.09
N TYR M 51 -42.53 2.09 5.15
CA TYR M 51 -43.78 1.62 4.55
C TYR M 51 -44.83 1.26 5.59
N GLU M 52 -44.45 0.42 6.54
CA GLU M 52 -45.30 0.06 7.66
C GLU M 52 -45.64 1.27 8.51
N GLU M 53 -44.64 2.10 8.80
CA GLU M 53 -44.88 3.32 9.58
C GLU M 53 -45.96 4.20 8.93
N THR M 54 -45.79 4.43 7.63
CA THR M 54 -46.79 5.12 6.82
C THR M 54 -48.20 4.58 7.06
N ARG M 55 -48.30 3.24 7.16
CA ARG M 55 -49.59 2.57 7.30
C ARG M 55 -50.27 2.91 8.60
N GLY M 56 -49.55 2.78 9.71
CA GLY M 56 -50.11 3.19 11.00
C GLY M 56 -50.59 4.63 10.96
N VAL M 57 -49.71 5.48 10.41
CA VAL M 57 -49.98 6.89 10.21
C VAL M 57 -51.27 7.13 9.44
N LEU M 58 -51.40 6.48 8.29
CA LEU M 58 -52.56 6.66 7.43
C LEU M 58 -53.80 6.18 8.15
N LYS M 59 -53.65 5.07 8.86
CA LYS M 59 -54.74 4.43 9.58
C LYS M 59 -55.29 5.42 10.61
N VAL M 60 -54.41 5.92 11.49
CA VAL M 60 -54.76 6.90 12.53
C VAL M 60 -55.53 8.04 11.89
N PHE M 61 -55.02 8.51 10.76
CA PHE M 61 -55.63 9.61 10.04
C PHE M 61 -57.08 9.31 9.68
N LEU M 62 -57.31 8.29 8.85
CA LEU M 62 -58.67 7.90 8.49
C LEU M 62 -59.56 7.67 9.70
N GLU M 63 -59.06 6.91 10.66
CA GLU M 63 -59.85 6.65 11.85
C GLU M 63 -60.45 7.95 12.34
N ASN M 64 -59.59 8.89 12.75
CA ASN M 64 -60.07 10.14 13.35
C ASN M 64 -61.10 10.85 12.46
N VAL M 65 -60.82 10.88 11.16
CA VAL M 65 -61.67 11.58 10.20
C VAL M 65 -62.97 10.83 10.02
N ILE M 66 -62.88 9.51 9.92
CA ILE M 66 -64.08 8.69 9.77
C ILE M 66 -64.89 8.59 11.07
N ARG M 67 -64.22 8.61 12.21
CA ARG M 67 -64.93 8.66 13.49
C ARG M 67 -65.84 9.88 13.53
N ASP M 68 -65.25 11.05 13.25
CA ASP M 68 -65.99 12.31 13.20
C ASP M 68 -67.06 12.28 12.10
N ALA M 69 -66.69 11.77 10.93
CA ALA M 69 -67.62 11.63 9.81
C ALA M 69 -68.84 10.86 10.26
N VAL M 70 -68.63 9.62 10.70
CA VAL M 70 -69.72 8.75 11.06
C VAL M 70 -70.61 9.45 12.09
N THR M 71 -70.00 9.99 13.14
CA THR M 71 -70.75 10.76 14.14
C THR M 71 -71.74 11.73 13.50
N TYR M 72 -71.34 12.35 12.39
CA TYR M 72 -72.26 13.22 11.66
C TYR M 72 -73.40 12.40 11.06
N THR M 73 -73.06 11.28 10.41
CA THR M 73 -74.06 10.38 9.86
C THR M 73 -74.99 9.84 10.96
N GLU M 74 -74.42 9.30 12.04
CA GLU M 74 -75.21 8.84 13.18
C GLU M 74 -76.17 9.92 13.64
N HIS M 75 -75.75 11.18 13.58
CA HIS M 75 -76.61 12.28 14.06
C HIS M 75 -77.62 12.72 12.99
N ALA M 76 -77.33 12.37 11.74
CA ALA M 76 -78.22 12.69 10.63
C ALA M 76 -79.18 11.55 10.42
N LYS M 77 -79.09 10.54 11.28
CA LYS M 77 -79.91 9.33 11.19
C LYS M 77 -79.90 8.75 9.78
N ARG M 78 -78.72 8.48 9.26
CA ARG M 78 -78.62 7.92 7.94
C ARG M 78 -77.74 6.68 7.95
N LYS M 79 -78.03 5.74 7.06
CA LYS M 79 -77.20 4.55 6.89
C LYS M 79 -76.18 4.80 5.77
N THR M 80 -76.18 6.02 5.24
CA THR M 80 -75.25 6.37 4.17
C THR M 80 -74.41 7.62 4.48
N VAL M 81 -73.18 7.41 4.91
CA VAL M 81 -72.17 8.46 5.06
C VAL M 81 -72.03 9.25 3.75
N THR M 82 -72.24 10.56 3.85
CA THR M 82 -72.23 11.45 2.69
C THR M 82 -70.85 12.05 2.51
N ALA M 83 -70.68 12.87 1.47
CA ALA M 83 -69.45 13.65 1.31
C ALA M 83 -69.39 14.77 2.35
N MET M 84 -70.55 15.34 2.64
CA MET M 84 -70.65 16.47 3.54
C MET M 84 -70.27 16.13 4.98
N ASP M 85 -70.51 14.88 5.38
CA ASP M 85 -70.06 14.40 6.68
C ASP M 85 -68.55 14.38 6.69
N VAL M 86 -67.96 13.77 5.66
CA VAL M 86 -66.52 13.81 5.46
C VAL M 86 -66.02 15.25 5.53
N VAL M 87 -66.47 16.08 4.59
CA VAL M 87 -66.08 17.48 4.54
C VAL M 87 -66.21 18.15 5.91
N TYR M 88 -67.31 17.92 6.62
CA TYR M 88 -67.46 18.54 7.94
C TYR M 88 -66.41 18.02 8.90
N ALA M 89 -65.97 16.80 8.68
CA ALA M 89 -65.03 16.16 9.58
C ALA M 89 -63.68 16.81 9.42
N LEU M 90 -63.25 16.90 8.15
CA LEU M 90 -61.98 17.50 7.80
C LEU M 90 -61.91 18.94 8.32
N LYS M 91 -63.01 19.68 8.26
CA LYS M 91 -63.06 21.02 8.85
C LYS M 91 -62.76 20.95 10.33
N ARG M 92 -63.64 20.28 11.10
CA ARG M 92 -63.38 19.94 12.49
C ARG M 92 -61.91 19.73 12.80
N GLN M 93 -61.23 18.95 11.95
CA GLN M 93 -59.84 18.55 12.18
C GLN M 93 -58.80 19.51 11.60
N GLY M 94 -59.26 20.61 11.01
CA GLY M 94 -58.35 21.58 10.44
C GLY M 94 -57.60 21.08 9.22
N ARG M 95 -58.29 20.25 8.43
CA ARG M 95 -57.75 19.76 7.17
C ARG M 95 -58.78 19.97 6.06
N THR M 96 -59.36 21.17 6.05
CA THR M 96 -60.39 21.60 5.11
C THR M 96 -60.13 21.18 3.69
N LEU M 97 -61.15 20.66 3.02
CA LEU M 97 -61.02 20.24 1.63
C LEU M 97 -62.08 20.91 0.73
N TYR M 98 -61.63 21.32 -0.46
CA TYR M 98 -62.46 22.02 -1.42
C TYR M 98 -62.81 21.12 -2.58
N GLY M 99 -64.06 21.15 -3.00
CA GLY M 99 -64.45 20.44 -4.21
C GLY M 99 -65.43 19.32 -3.99
N PHE M 100 -66.12 19.33 -2.87
CA PHE M 100 -67.14 18.33 -2.58
C PHE M 100 -68.33 18.99 -1.90
N GLY M 101 -68.60 20.23 -2.28
CA GLY M 101 -69.67 21.00 -1.67
C GLY M 101 -69.16 21.71 -0.43
N GLY M 102 -68.24 22.67 -0.59
CA GLY M 102 -67.76 23.49 0.53
C GLY M 102 -68.94 24.18 1.21
N HIS N 39 -28.20 0.03 -21.18
CA HIS N 39 -27.29 0.16 -20.00
C HIS N 39 -28.04 0.34 -18.67
N ARG N 40 -27.34 0.86 -17.67
CA ARG N 40 -27.87 1.00 -16.31
C ARG N 40 -27.79 2.45 -15.84
N TYR N 41 -28.92 2.95 -15.32
CA TYR N 41 -28.96 4.28 -14.72
C TYR N 41 -28.48 4.24 -13.27
N ARG N 42 -27.61 5.19 -12.93
CA ARG N 42 -27.01 5.26 -11.60
C ARG N 42 -28.09 5.39 -10.51
N PRO N 43 -28.03 4.52 -9.48
CA PRO N 43 -28.91 4.54 -8.31
C PRO N 43 -29.27 5.96 -7.85
N GLY N 44 -30.56 6.31 -7.99
CA GLY N 44 -31.07 7.60 -7.54
C GLY N 44 -31.48 8.53 -8.64
N THR N 45 -31.25 8.14 -9.89
CA THR N 45 -31.43 9.05 -11.01
C THR N 45 -32.81 8.94 -11.64
N VAL N 46 -33.42 7.77 -11.49
CA VAL N 46 -34.82 7.59 -11.85
C VAL N 46 -35.69 8.16 -10.73
N ALA N 47 -35.15 8.12 -9.50
CA ALA N 47 -35.79 8.73 -8.34
C ALA N 47 -36.06 10.20 -8.62
N LEU N 48 -35.00 10.94 -8.94
CA LEU N 48 -35.13 12.34 -9.32
C LEU N 48 -36.10 12.51 -10.49
N ARG N 49 -35.99 11.66 -11.50
CA ARG N 49 -36.89 11.70 -12.65
C ARG N 49 -38.35 11.46 -12.27
N GLU N 50 -38.59 10.52 -11.36
CA GLU N 50 -39.96 10.25 -10.87
C GLU N 50 -40.53 11.40 -10.07
N ILE N 51 -39.73 12.00 -9.19
CA ILE N 51 -40.17 13.17 -8.44
C ILE N 51 -40.75 14.19 -9.42
N ARG N 52 -39.98 14.50 -10.46
CA ARG N 52 -40.38 15.49 -11.47
C ARG N 52 -41.74 15.15 -12.07
N ARG N 53 -41.92 13.86 -12.38
CA ARG N 53 -43.13 13.35 -13.03
C ARG N 53 -44.39 13.49 -12.17
N TYR N 54 -44.24 13.28 -10.86
CA TYR N 54 -45.37 13.26 -9.94
C TYR N 54 -45.76 14.64 -9.42
N GLN N 55 -44.78 15.52 -9.28
CA GLN N 55 -45.05 16.90 -8.91
C GLN N 55 -45.68 17.66 -10.07
N LYS N 56 -45.49 17.13 -11.28
CA LYS N 56 -46.11 17.69 -12.47
C LYS N 56 -47.55 17.22 -12.68
N SER N 57 -47.91 16.10 -12.04
CA SER N 57 -49.24 15.53 -12.21
C SER N 57 -50.08 15.70 -10.95
N THR N 58 -51.39 15.58 -11.10
CA THR N 58 -52.32 15.74 -9.98
C THR N 58 -53.18 14.50 -9.77
N GLU N 59 -52.91 13.45 -10.51
CA GLU N 59 -53.66 12.20 -10.38
C GLU N 59 -53.31 11.47 -9.08
N LEU N 60 -54.29 10.76 -8.53
CA LEU N 60 -54.15 10.09 -7.23
C LEU N 60 -53.28 8.85 -7.33
N LEU N 61 -52.56 8.57 -6.25
CA LEU N 61 -51.45 7.63 -6.31
C LEU N 61 -51.70 6.28 -5.65
N ILE N 62 -52.75 6.19 -4.83
CA ILE N 62 -53.22 4.91 -4.33
C ILE N 62 -54.39 4.51 -5.19
N ARG N 63 -54.32 3.33 -5.80
CA ARG N 63 -55.43 2.81 -6.60
C ARG N 63 -56.68 2.66 -5.72
N LYS N 64 -57.81 3.06 -6.29
CA LYS N 64 -59.05 3.34 -5.54
C LYS N 64 -59.57 2.20 -4.69
N LEU N 65 -59.54 0.98 -5.22
CA LEU N 65 -60.26 -0.13 -4.59
C LEU N 65 -59.63 -0.68 -3.31
N PRO N 66 -58.30 -0.90 -3.28
CA PRO N 66 -57.67 -1.23 -2.00
C PRO N 66 -58.02 -0.18 -0.96
N PHE N 67 -57.81 1.09 -1.33
CA PHE N 67 -58.13 2.22 -0.49
C PHE N 67 -59.58 2.17 -0.06
N GLN N 68 -60.47 1.98 -1.03
CA GLN N 68 -61.88 1.92 -0.74
C GLN N 68 -62.17 0.82 0.27
N ARG N 69 -61.54 -0.34 0.10
CA ARG N 69 -61.74 -1.43 1.02
C ARG N 69 -61.17 -1.13 2.40
N LEU N 70 -60.08 -0.38 2.43
CA LEU N 70 -59.54 0.05 3.71
C LEU N 70 -60.51 0.97 4.44
N VAL N 71 -61.18 1.83 3.68
CA VAL N 71 -62.11 2.80 4.25
C VAL N 71 -63.31 2.13 4.92
N ARG N 72 -63.93 1.21 4.19
CA ARG N 72 -65.10 0.46 4.68
C ARG N 72 -64.78 -0.36 5.94
N GLU N 73 -63.62 -1.02 5.93
CA GLU N 73 -63.12 -1.74 7.08
C GLU N 73 -63.11 -0.86 8.32
N ILE N 74 -62.45 0.29 8.22
CA ILE N 74 -62.24 1.19 9.36
C ILE N 74 -63.55 1.74 9.92
N ALA N 75 -64.50 2.01 9.03
CA ALA N 75 -65.80 2.57 9.41
C ALA N 75 -66.70 1.52 10.06
N GLN N 76 -66.64 0.29 9.56
CA GLN N 76 -67.38 -0.83 10.14
C GLN N 76 -67.12 -0.93 11.65
N ASP N 77 -65.87 -0.66 12.05
CA ASP N 77 -65.48 -0.63 13.46
C ASP N 77 -66.20 0.46 14.26
N PHE N 78 -66.80 1.43 13.57
CA PHE N 78 -67.53 2.50 14.26
C PHE N 78 -69.04 2.32 14.15
N LYS N 79 -69.48 1.78 13.01
CA LYS N 79 -70.90 1.49 12.81
C LYS N 79 -71.12 0.46 11.71
N THR N 80 -72.09 -0.41 11.95
CA THR N 80 -72.38 -1.55 11.07
C THR N 80 -73.40 -1.19 9.99
N ASP N 81 -73.38 -1.96 8.89
CA ASP N 81 -74.39 -1.85 7.82
C ASP N 81 -74.43 -0.39 7.33
N LEU N 82 -73.30 0.05 6.78
CA LEU N 82 -73.14 1.45 6.33
C LEU N 82 -72.88 1.53 4.84
N ARG N 83 -73.30 2.63 4.25
CA ARG N 83 -73.06 2.90 2.83
C ARG N 83 -72.28 4.18 2.63
N PHE N 84 -71.45 4.22 1.60
CA PHE N 84 -70.65 5.41 1.32
C PHE N 84 -71.01 5.99 -0.03
N GLN N 85 -71.15 7.31 -0.09
CA GLN N 85 -71.22 7.98 -1.38
C GLN N 85 -69.85 7.93 -2.05
N SER N 86 -69.84 7.64 -3.36
CA SER N 86 -68.57 7.54 -4.10
C SER N 86 -67.76 8.83 -4.01
N SER N 87 -68.46 9.96 -3.92
CA SER N 87 -67.81 11.24 -3.64
C SER N 87 -67.27 11.29 -2.22
N ALA N 88 -67.91 10.57 -1.31
CA ALA N 88 -67.48 10.55 0.08
C ALA N 88 -66.15 9.82 0.20
N VAL N 89 -65.95 8.84 -0.66
CA VAL N 89 -64.71 8.07 -0.67
C VAL N 89 -63.58 8.88 -1.34
N MET N 90 -63.90 9.52 -2.47
CA MET N 90 -62.95 10.40 -3.14
C MET N 90 -62.46 11.48 -2.18
N ALA N 91 -63.40 12.16 -1.54
CA ALA N 91 -63.09 13.21 -0.55
C ALA N 91 -62.05 12.74 0.45
N LEU N 92 -62.34 11.61 1.10
CA LEU N 92 -61.38 10.98 1.99
C LEU N 92 -60.05 10.74 1.29
N GLN N 93 -60.09 10.17 0.09
CA GLN N 93 -58.86 9.86 -0.63
C GLN N 93 -57.99 11.06 -0.87
N GLU N 94 -58.59 12.13 -1.40
CA GLU N 94 -57.87 13.38 -1.63
C GLU N 94 -57.26 13.87 -0.32
N ALA N 95 -58.11 14.01 0.70
CA ALA N 95 -57.69 14.54 2.00
C ALA N 95 -56.50 13.78 2.58
N SER N 96 -56.51 12.46 2.38
CA SER N 96 -55.52 11.57 2.94
C SER N 96 -54.20 11.66 2.20
N GLU N 97 -54.25 11.52 0.88
CA GLU N 97 -53.04 11.64 0.09
C GLU N 97 -52.40 13.01 0.30
N ALA N 98 -53.11 14.08 -0.07
CA ALA N 98 -52.60 15.43 0.15
C ALA N 98 -51.87 15.55 1.48
N TYR N 99 -52.46 14.96 2.53
CA TYR N 99 -51.91 14.95 3.90
C TYR N 99 -50.59 14.22 4.00
N LEU N 100 -50.51 13.08 3.31
CA LEU N 100 -49.36 12.19 3.41
C LEU N 100 -48.19 12.79 2.68
N VAL N 101 -48.51 13.55 1.64
CA VAL N 101 -47.51 14.16 0.77
C VAL N 101 -46.87 15.30 1.54
N ALA N 102 -47.70 16.24 1.96
CA ALA N 102 -47.33 17.20 2.97
C ALA N 102 -46.43 16.55 4.00
N LEU N 103 -46.89 15.46 4.60
CA LEU N 103 -46.11 14.75 5.60
C LEU N 103 -44.72 14.29 5.16
N PHE N 104 -44.63 13.70 3.97
CA PHE N 104 -43.33 13.29 3.46
C PHE N 104 -42.42 14.51 3.28
N GLU N 105 -42.94 15.57 2.67
CA GLU N 105 -42.27 16.87 2.61
C GLU N 105 -41.59 17.14 3.94
N ASP N 106 -42.36 17.24 5.01
CA ASP N 106 -41.79 17.61 6.29
C ASP N 106 -40.88 16.51 6.84
N THR N 107 -41.21 15.28 6.51
CA THR N 107 -40.39 14.15 6.93
C THR N 107 -39.02 14.37 6.32
N ASN N 108 -39.02 14.44 4.99
CA ASN N 108 -37.84 14.67 4.18
C ASN N 108 -36.92 15.78 4.67
N LEU N 109 -37.49 16.85 5.23
CA LEU N 109 -36.68 17.92 5.78
C LEU N 109 -35.92 17.46 7.01
N CYS N 110 -36.56 16.64 7.83
CA CYS N 110 -35.91 16.10 9.01
C CYS N 110 -34.74 15.18 8.62
N ALA N 111 -34.97 14.31 7.63
CA ALA N 111 -33.93 13.47 7.07
C ALA N 111 -32.75 14.37 6.77
N ILE N 112 -33.01 15.37 5.93
CA ILE N 112 -32.00 16.36 5.56
C ILE N 112 -31.38 17.06 6.76
N HIS N 113 -32.19 17.38 7.77
CA HIS N 113 -31.65 18.05 8.95
C HIS N 113 -30.56 17.21 9.62
N ALA N 114 -30.68 15.89 9.46
CA ALA N 114 -29.77 14.92 10.05
C ALA N 114 -28.64 14.50 9.08
N LYS N 115 -28.33 15.40 8.14
CA LYS N 115 -27.30 15.18 7.12
C LYS N 115 -27.53 13.89 6.33
N ARG N 116 -28.75 13.36 6.42
CA ARG N 116 -29.15 12.16 5.70
C ARG N 116 -29.84 12.47 4.36
N VAL N 117 -30.18 11.43 3.60
CA VAL N 117 -30.84 11.61 2.30
C VAL N 117 -31.96 10.58 2.16
N THR N 118 -32.01 9.67 3.13
CA THR N 118 -33.02 8.64 3.23
C THR N 118 -33.95 9.00 4.36
N ILE N 119 -35.25 9.02 4.10
CA ILE N 119 -36.23 9.20 5.18
C ILE N 119 -36.38 7.91 5.98
N MET N 120 -36.61 8.06 7.28
CA MET N 120 -36.65 6.94 8.19
C MET N 120 -37.76 7.17 9.19
N PRO N 121 -38.32 6.09 9.78
CA PRO N 121 -39.44 6.29 10.68
C PRO N 121 -39.16 7.32 11.77
N LYS N 122 -37.91 7.47 12.17
CA LYS N 122 -37.58 8.39 13.26
C LYS N 122 -37.82 9.86 12.87
N ASP N 123 -37.88 10.10 11.56
CA ASP N 123 -38.14 11.43 10.99
C ASP N 123 -39.61 11.75 11.13
N ILE N 124 -40.44 10.91 10.51
CA ILE N 124 -41.89 10.96 10.65
C ILE N 124 -42.32 11.23 12.09
N GLN N 125 -41.76 10.47 13.03
CA GLN N 125 -42.07 10.64 14.45
C GLN N 125 -41.76 12.05 14.92
N LEU N 126 -40.59 12.58 14.52
CA LEU N 126 -40.23 13.96 14.83
C LEU N 126 -41.14 14.97 14.13
N ALA N 127 -41.47 14.71 12.87
CA ALA N 127 -42.32 15.61 12.11
C ALA N 127 -43.64 15.75 12.84
N ARG N 128 -44.33 14.63 12.98
CA ARG N 128 -45.60 14.55 13.67
C ARG N 128 -45.54 15.09 15.09
N ARG N 129 -44.48 14.76 15.82
CA ARG N 129 -44.32 15.24 17.17
C ARG N 129 -44.43 16.75 17.16
N ILE N 130 -43.70 17.39 16.26
CA ILE N 130 -43.63 18.85 16.24
C ILE N 130 -44.90 19.50 15.71
N ARG N 131 -45.51 18.85 14.73
CA ARG N 131 -46.86 19.20 14.30
C ARG N 131 -47.83 19.20 15.46
N GLY N 132 -47.54 18.36 16.46
CA GLY N 132 -48.44 18.15 17.59
C GLY N 132 -49.54 17.16 17.22
N GLU N 133 -49.27 16.28 16.26
CA GLU N 133 -50.22 15.25 15.88
C GLU N 133 -50.11 14.13 16.90
N ARG N 134 -49.01 13.39 16.79
CA ARG N 134 -48.56 12.47 17.84
C ARG N 134 -48.15 13.29 19.10
N ALA N 135 -48.10 12.59 20.23
CA ALA N 135 -47.75 13.14 21.54
C ALA N 135 -46.29 13.63 21.57
N LYS O 32 -87.05 17.60 -8.60
CA LYS O 32 -85.56 17.47 -8.65
C LYS O 32 -84.92 18.71 -8.00
N THR O 33 -84.61 18.58 -6.71
CA THR O 33 -84.22 19.69 -5.82
C THR O 33 -83.34 20.80 -6.43
N ARG O 34 -83.61 22.02 -5.99
CA ARG O 34 -83.09 23.23 -6.59
C ARG O 34 -81.85 23.77 -5.85
N LYS O 35 -80.78 22.97 -5.81
CA LYS O 35 -79.56 23.34 -5.06
C LYS O 35 -78.83 24.57 -5.59
N GLU O 36 -78.62 25.55 -4.71
CA GLU O 36 -77.96 26.81 -5.02
C GLU O 36 -76.44 26.70 -5.12
N SER O 37 -75.81 27.73 -5.68
CA SER O 37 -74.36 27.90 -5.61
C SER O 37 -74.00 29.33 -5.99
N TYR O 38 -72.70 29.59 -6.14
CA TYR O 38 -72.20 30.87 -6.65
C TYR O 38 -71.75 30.79 -8.11
N ALA O 39 -71.93 29.62 -8.73
CA ALA O 39 -71.38 29.29 -10.06
C ALA O 39 -71.44 30.40 -11.10
N ILE O 40 -72.65 30.90 -11.39
CA ILE O 40 -72.84 31.87 -12.47
C ILE O 40 -72.11 33.19 -12.25
N TYR O 41 -71.97 33.60 -10.98
CA TYR O 41 -71.32 34.86 -10.62
C TYR O 41 -69.81 34.75 -10.68
N VAL O 42 -69.30 33.60 -10.26
CA VAL O 42 -67.91 33.25 -10.46
C VAL O 42 -67.56 33.45 -11.94
N TYR O 43 -68.40 32.90 -12.81
CA TYR O 43 -68.24 33.01 -14.25
C TYR O 43 -68.20 34.47 -14.75
N LYS O 44 -69.27 35.21 -14.48
CA LYS O 44 -69.32 36.63 -14.80
C LYS O 44 -68.05 37.38 -14.38
N VAL O 45 -67.56 37.11 -13.17
CA VAL O 45 -66.31 37.72 -12.70
C VAL O 45 -65.10 37.19 -13.49
N LEU O 46 -65.15 35.91 -13.86
CA LEU O 46 -64.11 35.33 -14.72
C LEU O 46 -64.01 36.12 -16.02
N LYS O 47 -65.16 36.43 -16.61
CA LYS O 47 -65.21 37.23 -17.84
C LYS O 47 -64.65 38.64 -17.60
N GLN O 48 -65.01 39.22 -16.46
CA GLN O 48 -64.48 40.52 -16.07
C GLN O 48 -62.95 40.58 -16.01
N VAL O 49 -62.29 39.43 -15.89
CA VAL O 49 -60.83 39.43 -15.72
C VAL O 49 -60.07 38.70 -16.82
N HIS O 50 -60.68 37.65 -17.36
CA HIS O 50 -60.07 36.86 -18.42
C HIS O 50 -61.09 36.50 -19.50
N PRO O 51 -61.62 37.51 -20.22
CA PRO O 51 -62.77 37.34 -21.12
C PRO O 51 -62.70 36.10 -22.02
N ASP O 52 -61.52 35.80 -22.55
CA ASP O 52 -61.36 34.65 -23.44
C ASP O 52 -60.79 33.44 -22.73
N THR O 53 -61.41 33.05 -21.61
CA THR O 53 -60.99 31.88 -20.82
C THR O 53 -62.19 31.17 -20.17
N GLY O 54 -62.09 29.86 -20.01
CA GLY O 54 -63.18 29.06 -19.40
C GLY O 54 -62.78 28.26 -18.16
N ILE O 55 -63.72 27.45 -17.66
CA ILE O 55 -63.53 26.73 -16.40
C ILE O 55 -64.15 25.30 -16.43
N SER O 56 -63.55 24.40 -15.66
CA SER O 56 -64.10 23.04 -15.51
C SER O 56 -65.01 22.96 -14.30
N SER O 57 -65.90 21.96 -14.30
CA SER O 57 -66.81 21.72 -13.18
C SER O 57 -66.02 21.47 -11.91
N LYS O 58 -64.98 20.64 -12.03
CA LYS O 58 -64.11 20.31 -10.91
C LYS O 58 -63.48 21.54 -10.24
N ALA O 59 -63.06 22.51 -11.05
CA ALA O 59 -62.52 23.76 -10.54
C ALA O 59 -63.63 24.69 -10.08
N MET O 60 -64.82 24.50 -10.64
CA MET O 60 -65.98 25.31 -10.29
C MET O 60 -66.41 25.01 -8.86
N SER O 61 -66.35 23.73 -8.51
CA SER O 61 -66.65 23.32 -7.15
C SER O 61 -65.67 24.03 -6.21
N ILE O 62 -64.38 23.96 -6.54
CA ILE O 62 -63.35 24.60 -5.73
C ILE O 62 -63.58 26.09 -5.53
N MET O 63 -64.06 26.77 -6.57
CA MET O 63 -64.38 28.18 -6.47
C MET O 63 -65.58 28.39 -5.57
N ASN O 64 -66.59 27.54 -5.72
CA ASN O 64 -67.73 27.59 -4.82
C ASN O 64 -67.39 27.24 -3.35
N SER O 65 -66.54 26.24 -3.15
CA SER O 65 -66.09 25.91 -1.81
C SER O 65 -65.37 27.11 -1.23
N PHE O 66 -64.45 27.66 -2.02
CA PHE O 66 -63.66 28.79 -1.61
C PHE O 66 -64.55 29.92 -1.12
N VAL O 67 -65.61 30.19 -1.85
CA VAL O 67 -66.52 31.29 -1.52
C VAL O 67 -67.21 31.07 -0.18
N ASN O 68 -67.81 29.89 -0.01
CA ASN O 68 -68.48 29.54 1.24
C ASN O 68 -67.52 29.57 2.44
N ASP O 69 -66.32 29.02 2.29
CA ASP O 69 -65.34 29.02 3.36
C ASP O 69 -65.03 30.46 3.79
N VAL O 70 -64.77 31.31 2.81
CA VAL O 70 -64.40 32.67 3.09
C VAL O 70 -65.57 33.40 3.74
N PHE O 71 -66.77 33.16 3.20
CA PHE O 71 -68.00 33.71 3.77
C PHE O 71 -68.18 33.36 5.26
N GLU O 72 -67.97 32.08 5.61
CA GLU O 72 -68.07 31.66 7.01
C GLU O 72 -67.06 32.42 7.87
N ARG O 73 -65.79 32.35 7.46
CA ARG O 73 -64.71 32.89 8.28
C ARG O 73 -64.93 34.36 8.59
N ILE O 74 -65.39 35.11 7.58
CA ILE O 74 -65.61 36.54 7.75
C ILE O 74 -66.85 36.75 8.61
N ALA O 75 -67.95 36.10 8.21
CA ALA O 75 -69.19 36.15 8.97
C ALA O 75 -68.97 35.79 10.46
N GLY O 76 -68.26 34.69 10.70
CA GLY O 76 -67.94 34.20 12.03
C GLY O 76 -67.24 35.22 12.89
N GLU O 77 -66.15 35.78 12.37
CA GLU O 77 -65.35 36.82 13.05
C GLU O 77 -66.18 38.01 13.42
N ALA O 78 -67.00 38.43 12.46
CA ALA O 78 -67.91 39.52 12.60
C ALA O 78 -68.83 39.24 13.77
N SER O 79 -69.39 38.04 13.76
CA SER O 79 -70.25 37.57 14.84
C SER O 79 -69.64 37.72 16.26
N ARG O 80 -68.39 37.31 16.42
CA ARG O 80 -67.74 37.42 17.73
C ARG O 80 -67.54 38.88 18.10
N LEU O 81 -67.03 39.65 17.13
CA LEU O 81 -66.88 41.11 17.21
C LEU O 81 -68.08 41.80 17.86
N ALA O 82 -69.26 41.61 17.27
CA ALA O 82 -70.51 42.05 17.88
C ALA O 82 -70.62 41.64 19.35
N HIS O 83 -70.63 40.32 19.61
CA HIS O 83 -70.69 39.81 20.98
C HIS O 83 -69.69 40.49 21.91
N TYR O 84 -68.42 40.45 21.53
CA TYR O 84 -67.34 41.03 22.30
C TYR O 84 -67.67 42.45 22.75
N ASN O 85 -68.41 43.16 21.91
CA ASN O 85 -68.69 44.56 22.12
C ASN O 85 -70.13 44.81 22.56
N LYS O 86 -70.75 43.77 23.13
CA LYS O 86 -72.11 43.84 23.68
C LYS O 86 -73.04 44.61 22.75
N ARG O 87 -73.13 44.16 21.51
CA ARG O 87 -73.94 44.81 20.48
C ARG O 87 -74.58 43.77 19.58
N SER O 88 -75.77 44.09 19.09
CA SER O 88 -76.64 43.12 18.43
C SER O 88 -76.60 43.12 16.93
N THR O 89 -75.82 44.02 16.33
CA THR O 89 -75.88 44.20 14.90
C THR O 89 -74.54 44.03 14.21
N ILE O 90 -74.57 43.28 13.10
CA ILE O 90 -73.42 43.09 12.23
C ILE O 90 -73.52 44.06 11.08
N THR O 91 -72.81 45.19 11.21
CA THR O 91 -72.79 46.22 10.19
C THR O 91 -71.60 46.02 9.25
N SER O 92 -71.57 46.83 8.19
CA SER O 92 -70.44 46.87 7.27
C SER O 92 -69.12 47.09 8.00
N ARG O 93 -69.18 47.79 9.14
CA ARG O 93 -68.00 48.06 9.96
C ARG O 93 -67.48 46.78 10.59
N GLU O 94 -68.37 46.05 11.27
CA GLU O 94 -68.04 44.74 11.78
C GLU O 94 -67.43 43.92 10.66
N ILE O 95 -68.13 43.80 9.53
CA ILE O 95 -67.58 43.05 8.41
C ILE O 95 -66.19 43.54 8.11
N GLN O 96 -66.03 44.85 8.08
CA GLN O 96 -64.76 45.42 7.72
C GLN O 96 -63.66 44.89 8.61
N THR O 97 -63.76 45.16 9.90
CA THR O 97 -62.66 44.77 10.80
C THR O 97 -62.42 43.25 10.81
N ALA O 98 -63.49 42.48 10.67
CA ALA O 98 -63.42 41.03 10.43
C ALA O 98 -62.42 40.69 9.33
N VAL O 99 -62.61 41.35 8.19
CA VAL O 99 -61.72 41.32 7.04
C VAL O 99 -60.29 41.65 7.41
N ARG O 100 -60.10 42.63 8.29
CA ARG O 100 -58.74 43.03 8.64
C ARG O 100 -58.03 42.03 9.54
N LEU O 101 -58.81 41.28 10.31
CA LEU O 101 -58.28 40.18 11.09
C LEU O 101 -58.10 38.95 10.21
N LEU O 102 -59.02 38.74 9.26
CA LEU O 102 -58.91 37.52 8.47
C LEU O 102 -57.88 37.52 7.35
N LEU O 103 -57.55 38.70 6.84
CA LEU O 103 -56.74 38.79 5.61
C LEU O 103 -55.33 39.32 5.83
N PRO O 104 -54.38 38.82 5.01
CA PRO O 104 -52.95 39.22 4.96
C PRO O 104 -52.73 40.63 4.39
N GLY O 105 -52.17 41.52 5.23
CA GLY O 105 -51.75 42.89 4.85
C GLY O 105 -52.23 43.45 3.51
N GLU O 106 -51.81 42.86 2.39
CA GLU O 106 -52.10 43.44 1.08
C GLU O 106 -53.49 43.11 0.60
N LEU O 107 -53.89 41.86 0.80
CA LEU O 107 -55.16 41.35 0.30
C LEU O 107 -56.32 41.99 1.06
N ALA O 108 -56.08 42.21 2.36
CA ALA O 108 -56.95 43.00 3.22
C ALA O 108 -57.13 44.39 2.68
N LYS O 109 -56.01 45.02 2.33
CA LYS O 109 -55.97 46.40 1.87
C LYS O 109 -56.92 46.63 0.71
N HIS O 110 -56.72 45.88 -0.36
CA HIS O 110 -57.63 45.96 -1.50
C HIS O 110 -59.07 45.66 -1.12
N ALA O 111 -59.26 44.60 -0.34
CA ALA O 111 -60.58 44.18 0.13
C ALA O 111 -61.36 45.33 0.78
N VAL O 112 -60.71 46.06 1.69
CA VAL O 112 -61.35 47.20 2.35
C VAL O 112 -61.77 48.23 1.30
N SER O 113 -60.88 48.50 0.33
CA SER O 113 -61.20 49.33 -0.82
C SER O 113 -62.53 48.92 -1.38
N GLU O 114 -62.50 47.83 -2.16
CA GLU O 114 -63.68 47.31 -2.84
C GLU O 114 -64.91 47.31 -1.93
N GLY O 115 -64.67 46.99 -0.66
CA GLY O 115 -65.70 47.03 0.36
C GLY O 115 -66.26 48.42 0.56
N THR O 116 -65.40 49.37 0.94
CA THR O 116 -65.85 50.74 1.17
C THR O 116 -66.44 51.38 -0.10
N LYS O 117 -65.85 51.08 -1.25
CA LYS O 117 -66.33 51.53 -2.56
C LYS O 117 -67.77 51.10 -2.84
N ALA O 118 -67.99 49.80 -3.03
CA ALA O 118 -69.32 49.28 -3.40
C ALA O 118 -70.42 49.72 -2.43
N VAL O 119 -70.04 49.87 -1.16
CA VAL O 119 -70.96 50.37 -0.14
C VAL O 119 -71.38 51.81 -0.41
N THR O 120 -70.40 52.71 -0.58
CA THR O 120 -70.69 54.12 -0.88
C THR O 120 -71.48 54.23 -2.17
N LYS O 121 -71.07 53.48 -3.19
CA LYS O 121 -71.77 53.43 -4.47
C LYS O 121 -73.19 52.92 -4.32
N TYR O 122 -73.38 52.01 -3.38
CA TYR O 122 -74.70 51.49 -3.06
C TYR O 122 -75.53 52.59 -2.41
N THR O 123 -74.97 53.23 -1.38
CA THR O 123 -75.69 54.30 -0.69
C THR O 123 -75.93 55.53 -1.57
N SER O 124 -75.28 55.58 -2.73
CA SER O 124 -75.59 56.57 -3.77
C SER O 124 -76.99 56.29 -4.30
N ALA O 125 -77.09 55.20 -5.06
CA ALA O 125 -78.37 54.75 -5.64
C ALA O 125 -79.38 54.37 -4.56
N LYS O 126 -80.66 54.30 -4.97
CA LYS O 126 -81.77 53.94 -4.08
C LYS O 126 -83.03 53.65 -4.90
N THR P 17 -82.29 45.07 -8.70
CA THR P 17 -81.43 44.35 -7.73
C THR P 17 -80.73 45.29 -6.72
N ARG P 18 -79.50 44.92 -6.35
CA ARG P 18 -78.64 45.73 -5.49
C ARG P 18 -77.19 45.50 -5.88
N SER P 19 -76.95 44.39 -6.58
CA SER P 19 -75.66 44.09 -7.19
C SER P 19 -75.35 45.21 -8.15
N SER P 20 -76.33 45.52 -8.99
CA SER P 20 -76.35 46.72 -9.83
C SER P 20 -76.04 47.99 -9.05
N ARG P 21 -76.87 48.28 -8.04
CA ARG P 21 -76.80 49.52 -7.28
C ARG P 21 -75.48 49.70 -6.51
N ALA P 22 -74.61 48.69 -6.59
CA ALA P 22 -73.31 48.70 -5.92
C ALA P 22 -72.21 48.28 -6.90
N GLY P 23 -72.62 48.04 -8.15
CA GLY P 23 -71.70 47.72 -9.25
C GLY P 23 -71.08 46.35 -9.10
N LEU P 24 -71.75 45.52 -8.32
CA LEU P 24 -71.25 44.20 -8.00
C LEU P 24 -71.82 43.15 -8.92
N GLN P 25 -71.05 42.10 -9.12
CA GLN P 25 -71.46 40.92 -9.84
C GLN P 25 -72.04 39.89 -8.89
N PHE P 26 -71.75 40.05 -7.60
CA PHE P 26 -72.08 39.04 -6.60
C PHE P 26 -73.40 39.33 -5.90
N PRO P 27 -74.26 38.30 -5.80
CA PRO P 27 -75.64 38.45 -5.39
C PRO P 27 -75.74 39.07 -4.01
N VAL P 28 -75.98 40.38 -3.98
CA VAL P 28 -76.13 41.15 -2.75
C VAL P 28 -77.36 40.70 -1.94
N GLY P 29 -78.36 40.15 -2.62
CA GLY P 29 -79.54 39.58 -1.97
C GLY P 29 -79.21 38.29 -1.24
N ARG P 30 -78.88 37.25 -2.00
CA ARG P 30 -78.37 35.98 -1.47
C ARG P 30 -77.61 36.16 -0.17
N VAL P 31 -76.64 37.08 -0.17
CA VAL P 31 -75.76 37.31 0.96
C VAL P 31 -76.52 37.80 2.20
N HIS P 32 -77.47 38.71 1.99
CA HIS P 32 -78.22 39.29 3.10
C HIS P 32 -79.10 38.22 3.76
N ARG P 33 -79.54 37.27 2.95
CA ARG P 33 -80.36 36.17 3.43
C ARG P 33 -79.50 35.31 4.35
N LEU P 34 -78.33 34.94 3.83
CA LEU P 34 -77.43 34.01 4.50
C LEU P 34 -76.89 34.48 5.84
N LEU P 35 -76.70 35.78 5.96
CA LEU P 35 -76.23 36.33 7.22
C LEU P 35 -77.30 36.25 8.29
N ARG P 36 -78.54 36.54 7.90
CA ARG P 36 -79.67 36.55 8.83
C ARG P 36 -79.99 35.14 9.31
N LYS P 37 -79.98 34.20 8.36
CA LYS P 37 -80.33 32.82 8.64
C LYS P 37 -79.22 31.99 9.28
N GLY P 38 -77.96 32.34 9.03
CA GLY P 38 -76.80 31.60 9.56
C GLY P 38 -76.41 31.94 10.98
N ASN P 39 -77.26 32.67 11.68
CA ASN P 39 -77.14 32.82 13.13
C ASN P 39 -75.87 33.50 13.61
N TYR P 40 -75.55 34.63 12.97
CA TYR P 40 -74.38 35.42 13.33
C TYR P 40 -74.74 36.53 14.29
N ALA P 41 -75.95 37.08 14.15
CA ALA P 41 -76.47 38.04 15.13
C ALA P 41 -77.96 38.22 15.01
N GLU P 42 -78.53 38.84 16.05
CA GLU P 42 -79.94 39.18 16.11
C GLU P 42 -80.38 39.96 14.87
N ARG P 43 -79.78 41.13 14.68
CA ARG P 43 -80.04 41.99 13.52
C ARG P 43 -78.83 42.16 12.57
N VAL P 44 -79.13 42.53 11.32
CA VAL P 44 -78.13 42.60 10.24
C VAL P 44 -78.26 43.86 9.38
N GLY P 45 -77.26 44.73 9.47
CA GLY P 45 -77.21 45.97 8.69
C GLY P 45 -77.40 45.89 7.17
N ALA P 46 -77.66 47.05 6.56
CA ALA P 46 -77.88 47.12 5.12
C ALA P 46 -76.58 47.15 4.33
N GLY P 47 -75.53 47.74 4.91
CA GLY P 47 -74.26 47.85 4.23
C GLY P 47 -73.50 46.55 4.12
N ALA P 48 -73.64 45.71 5.15
CA ALA P 48 -72.83 44.51 5.31
C ALA P 48 -72.98 43.43 4.21
N PRO P 49 -74.21 43.13 3.77
CA PRO P 49 -74.31 42.20 2.63
C PRO P 49 -73.62 42.75 1.39
N VAL P 50 -73.51 44.08 1.35
CA VAL P 50 -72.87 44.75 0.23
C VAL P 50 -71.36 44.75 0.47
N TYR P 51 -70.93 45.22 1.63
CA TYR P 51 -69.51 45.20 1.93
C TYR P 51 -68.93 43.81 1.69
N LEU P 52 -69.61 42.78 2.22
CA LEU P 52 -69.10 41.42 2.14
C LEU P 52 -69.16 40.82 0.72
N ALA P 53 -70.31 40.89 0.07
CA ALA P 53 -70.44 40.40 -1.29
C ALA P 53 -69.30 40.92 -2.17
N ALA P 54 -68.85 42.14 -1.83
CA ALA P 54 -67.80 42.85 -2.55
C ALA P 54 -66.46 42.22 -2.32
N VAL P 55 -66.17 41.97 -1.04
CA VAL P 55 -64.93 41.36 -0.59
C VAL P 55 -64.87 39.95 -1.12
N LEU P 56 -66.00 39.27 -1.12
CA LEU P 56 -66.10 37.97 -1.76
C LEU P 56 -65.81 38.10 -3.24
N GLU P 57 -66.46 39.08 -3.88
CA GLU P 57 -66.22 39.35 -5.31
C GLU P 57 -64.76 39.70 -5.56
N TYR P 58 -64.22 40.61 -4.75
CA TYR P 58 -62.82 40.99 -4.90
C TYR P 58 -61.91 39.76 -4.96
N LEU P 59 -61.98 38.91 -3.93
CA LEU P 59 -61.07 37.77 -3.75
C LEU P 59 -61.24 36.70 -4.81
N THR P 60 -62.47 36.45 -5.24
CA THR P 60 -62.68 35.47 -6.30
C THR P 60 -62.08 35.96 -7.61
N ALA P 61 -61.96 37.28 -7.74
CA ALA P 61 -61.30 37.88 -8.89
C ALA P 61 -59.79 37.60 -8.87
N GLU P 62 -59.15 37.87 -7.74
CA GLU P 62 -57.72 37.66 -7.60
C GLU P 62 -57.30 36.23 -7.91
N ILE P 63 -58.13 35.27 -7.50
CA ILE P 63 -57.89 33.86 -7.79
C ILE P 63 -58.06 33.59 -9.27
N LEU P 64 -59.20 34.01 -9.81
CA LEU P 64 -59.53 33.78 -11.20
C LEU P 64 -58.48 34.43 -12.10
N GLU P 65 -58.06 35.64 -11.72
CA GLU P 65 -56.89 36.30 -12.30
C GLU P 65 -55.74 35.30 -12.47
N LEU P 66 -55.09 34.98 -11.34
CA LEU P 66 -53.81 34.27 -11.34
C LEU P 66 -53.90 32.83 -11.80
N ALA P 67 -55.07 32.22 -11.65
CA ALA P 67 -55.30 30.88 -12.20
C ALA P 67 -55.34 30.95 -13.71
N GLY P 68 -56.19 31.83 -14.25
CA GLY P 68 -56.27 32.05 -15.70
C GLY P 68 -54.88 32.26 -16.30
N ASN P 69 -54.15 33.26 -15.79
CA ASN P 69 -52.74 33.42 -16.08
C ASN P 69 -52.09 32.04 -16.17
N ALA P 70 -52.15 31.29 -15.07
CA ALA P 70 -51.56 29.95 -14.98
C ALA P 70 -52.05 28.99 -16.07
N ALA P 71 -53.32 29.09 -16.45
CA ALA P 71 -53.85 28.27 -17.54
C ALA P 71 -53.27 28.71 -18.90
N ARG P 72 -53.03 30.01 -19.05
CA ARG P 72 -52.31 30.52 -20.22
C ARG P 72 -50.91 29.93 -20.20
N ASP P 73 -50.20 30.15 -19.09
CA ASP P 73 -48.84 29.64 -18.90
C ASP P 73 -48.76 28.15 -19.17
N ASN P 74 -49.81 27.42 -18.78
CA ASN P 74 -49.87 25.98 -18.97
C ASN P 74 -50.64 25.62 -20.25
N LYS P 75 -50.90 26.66 -21.05
CA LYS P 75 -51.43 26.55 -22.42
C LYS P 75 -52.76 25.82 -22.57
N LYS P 76 -53.78 26.34 -21.89
CA LYS P 76 -55.14 25.80 -21.92
C LYS P 76 -56.10 26.97 -21.84
N THR P 77 -57.26 26.84 -22.46
CA THR P 77 -58.28 27.88 -22.36
C THR P 77 -59.16 27.69 -21.10
N ARG P 78 -59.25 26.44 -20.62
CA ARG P 78 -60.07 26.13 -19.44
C ARG P 78 -59.28 25.86 -18.17
N ILE P 79 -59.71 26.49 -17.08
CA ILE P 79 -59.10 26.35 -15.75
C ILE P 79 -59.50 25.04 -15.07
N ILE P 80 -58.51 24.22 -14.75
CA ILE P 80 -58.73 23.04 -13.94
C ILE P 80 -58.19 23.29 -12.53
N PRO P 81 -58.56 22.42 -11.56
CA PRO P 81 -58.11 22.58 -10.18
C PRO P 81 -56.62 22.90 -10.04
N ARG P 82 -55.77 22.26 -10.84
CA ARG P 82 -54.34 22.52 -10.78
C ARG P 82 -54.02 24.00 -10.90
N HIS P 83 -54.63 24.65 -11.90
CA HIS P 83 -54.38 26.06 -12.18
C HIS P 83 -54.72 26.89 -10.97
N LEU P 84 -55.74 26.46 -10.23
CA LEU P 84 -56.07 27.12 -8.98
C LEU P 84 -54.93 26.91 -7.98
N GLN P 85 -54.57 25.64 -7.75
CA GLN P 85 -53.48 25.31 -6.84
C GLN P 85 -52.20 26.12 -7.16
N LEU P 86 -51.76 26.07 -8.42
CA LEU P 86 -50.58 26.82 -8.83
C LEU P 86 -50.72 28.30 -8.48
N ALA P 87 -51.89 28.87 -8.79
CA ALA P 87 -52.14 30.28 -8.54
C ALA P 87 -52.01 30.58 -7.08
N VAL P 88 -52.48 29.63 -6.26
CA VAL P 88 -52.62 29.82 -4.84
C VAL P 88 -51.30 29.66 -4.12
N ARG P 89 -50.63 28.55 -4.38
CA ARG P 89 -49.38 28.24 -3.68
C ARG P 89 -48.26 29.18 -4.12
N ASN P 90 -48.30 29.62 -5.38
CA ASN P 90 -47.33 30.61 -5.84
C ASN P 90 -47.55 32.01 -5.32
N ASP P 91 -48.81 32.39 -5.07
CA ASP P 91 -49.08 33.66 -4.40
C ASP P 91 -48.80 33.56 -2.90
N GLU P 92 -47.87 34.39 -2.44
CA GLU P 92 -47.47 34.39 -1.04
C GLU P 92 -48.65 34.74 -0.11
N GLU P 93 -49.41 35.78 -0.47
CA GLU P 93 -50.55 36.20 0.35
C GLU P 93 -51.79 35.30 0.28
N LEU P 94 -52.08 34.73 -0.89
CA LEU P 94 -53.23 33.82 -1.02
C LEU P 94 -52.94 32.51 -0.29
N ASN P 95 -51.73 32.00 -0.48
CA ASN P 95 -51.30 30.75 0.16
C ASN P 95 -51.42 30.79 1.66
N LYS P 96 -51.15 31.94 2.26
CA LYS P 96 -51.32 32.05 3.69
C LYS P 96 -52.78 31.83 3.94
N LEU P 97 -53.60 32.73 3.41
CA LEU P 97 -55.05 32.63 3.59
C LEU P 97 -55.53 31.18 3.53
N LEU P 98 -55.20 30.46 2.46
CA LEU P 98 -55.56 29.05 2.35
C LEU P 98 -54.40 28.17 2.83
N GLY P 99 -53.85 28.54 3.98
CA GLY P 99 -52.81 27.80 4.67
C GLY P 99 -53.24 26.43 5.19
N ARG P 100 -54.51 26.30 5.56
CA ARG P 100 -55.04 25.01 6.04
C ARG P 100 -56.04 24.35 5.06
N VAL P 101 -55.92 24.61 3.76
CA VAL P 101 -56.90 24.04 2.82
C VAL P 101 -56.24 23.16 1.80
N THR P 102 -56.68 21.92 1.77
CA THR P 102 -56.26 21.05 0.67
C THR P 102 -57.24 21.22 -0.50
N ILE P 103 -56.71 21.53 -1.68
CA ILE P 103 -57.52 21.72 -2.89
C ILE P 103 -57.54 20.43 -3.70
N ALA P 104 -58.70 19.81 -3.83
CA ALA P 104 -58.83 18.56 -4.64
C ALA P 104 -58.16 18.66 -6.01
N GLN P 105 -57.38 17.63 -6.34
CA GLN P 105 -56.65 17.58 -7.61
C GLN P 105 -55.73 18.80 -7.80
N GLY P 106 -55.08 19.20 -6.73
CA GLY P 106 -54.18 20.33 -6.79
C GLY P 106 -52.77 19.91 -7.21
N GLY P 107 -52.34 18.75 -6.72
CA GLY P 107 -50.95 18.36 -6.85
C GLY P 107 -50.11 19.27 -5.97
N VAL P 108 -48.81 19.24 -6.18
CA VAL P 108 -47.89 20.11 -5.45
C VAL P 108 -47.10 20.98 -6.42
N LEU P 109 -46.47 22.03 -5.91
CA LEU P 109 -45.53 22.79 -6.70
C LEU P 109 -44.30 21.92 -6.90
N PRO P 110 -43.59 22.10 -8.04
CA PRO P 110 -42.33 21.37 -8.17
C PRO P 110 -41.27 22.04 -7.30
N ASN P 111 -40.67 21.25 -6.43
CA ASN P 111 -39.62 21.68 -5.52
C ASN P 111 -38.80 20.45 -5.14
N ILE P 112 -37.51 20.49 -5.44
CA ILE P 112 -36.59 19.38 -5.19
C ILE P 112 -35.44 19.94 -4.37
N GLN P 113 -35.19 19.39 -3.19
CA GLN P 113 -34.15 19.93 -2.33
C GLN P 113 -32.77 19.82 -2.96
N SER P 114 -31.98 20.88 -2.84
CA SER P 114 -30.61 20.94 -3.36
C SER P 114 -29.88 19.62 -3.18
N VAL P 115 -29.45 19.33 -1.94
CA VAL P 115 -28.60 18.17 -1.65
C VAL P 115 -29.09 16.85 -2.26
N LEU P 116 -30.32 16.85 -2.76
CA LEU P 116 -30.86 15.69 -3.44
C LEU P 116 -30.45 15.66 -4.91
N LEU P 117 -30.20 16.84 -5.48
CA LEU P 117 -29.74 16.97 -6.88
C LEU P 117 -28.37 16.32 -7.14
N PRO P 118 -28.13 15.85 -8.39
CA PRO P 118 -26.84 15.23 -8.75
C PRO P 118 -25.68 16.21 -8.71
N LYS P 119 -24.45 15.69 -8.62
CA LYS P 119 -23.27 16.53 -8.50
C LYS P 119 -22.49 16.58 -9.82
N LYS Q 20 -41.96 60.21 24.86
CA LYS Q 20 -40.53 60.22 24.42
C LYS Q 20 -40.15 58.99 23.60
N VAL Q 21 -39.30 59.19 22.59
CA VAL Q 21 -39.15 58.25 21.49
C VAL Q 21 -38.58 56.93 21.97
N LEU Q 22 -38.99 55.83 21.32
CA LEU Q 22 -38.62 54.46 21.72
C LEU Q 22 -37.93 53.72 20.60
N ARG Q 23 -36.77 53.17 20.95
CA ARG Q 23 -35.82 52.66 19.95
C ARG Q 23 -35.01 51.50 20.53
N ASP Q 24 -34.83 50.46 19.69
CA ASP Q 24 -34.00 49.27 19.99
C ASP Q 24 -34.45 48.38 21.16
N ASN Q 25 -35.69 48.54 21.63
CA ASN Q 25 -36.15 47.84 22.84
C ASN Q 25 -36.05 46.29 22.86
N ILE Q 26 -36.26 45.64 21.72
CA ILE Q 26 -35.95 44.21 21.58
C ILE Q 26 -34.65 43.83 22.29
N GLN Q 27 -33.71 44.75 22.48
CA GLN Q 27 -32.48 44.34 23.16
C GLN Q 27 -32.66 44.37 24.69
N GLY Q 28 -33.90 44.66 25.12
CA GLY Q 28 -34.29 44.48 26.51
C GLY Q 28 -34.28 43.00 26.83
N ILE Q 29 -34.77 42.20 25.87
CA ILE Q 29 -34.70 40.75 25.87
C ILE Q 29 -33.24 40.28 25.96
N THR Q 30 -32.62 40.59 27.09
CA THR Q 30 -31.26 40.19 27.42
C THR Q 30 -30.98 38.71 27.15
N LYS Q 31 -29.71 38.36 27.08
CA LYS Q 31 -29.26 36.98 26.83
C LYS Q 31 -29.50 36.00 27.99
N PRO Q 32 -29.29 36.42 29.26
CA PRO Q 32 -29.62 35.55 30.36
C PRO Q 32 -31.10 35.13 30.41
N ALA Q 33 -32.01 36.00 29.98
CA ALA Q 33 -33.43 35.65 29.97
C ALA Q 33 -33.70 34.65 28.84
N ILE Q 34 -33.46 35.05 27.60
CA ILE Q 34 -33.54 34.12 26.47
C ILE Q 34 -32.87 32.79 26.85
N ARG Q 35 -32.08 32.83 27.92
CA ARG Q 35 -31.45 31.63 28.46
C ARG Q 35 -32.42 30.90 29.40
N ARG Q 36 -32.77 31.56 30.50
CA ARG Q 36 -33.80 31.10 31.40
C ARG Q 36 -34.99 30.42 30.69
N LEU Q 37 -35.61 31.08 29.71
CA LEU Q 37 -36.66 30.39 28.95
C LEU Q 37 -36.18 29.06 28.34
N ALA Q 38 -35.03 29.06 27.69
CA ALA Q 38 -34.51 27.82 27.08
C ALA Q 38 -34.32 26.67 28.07
N ARG Q 39 -34.24 27.01 29.38
CA ARG Q 39 -33.91 26.04 30.40
C ARG Q 39 -35.20 25.37 30.84
N ARG Q 40 -36.20 26.18 31.15
CA ARG Q 40 -37.54 25.67 31.30
C ARG Q 40 -37.89 24.94 30.03
N GLY Q 41 -37.12 25.11 28.97
CA GLY Q 41 -37.44 24.46 27.71
C GLY Q 41 -36.69 23.16 27.54
N GLY Q 42 -35.81 22.88 28.48
CA GLY Q 42 -35.10 21.61 28.48
C GLY Q 42 -33.82 21.61 27.70
N VAL Q 43 -33.42 22.78 27.23
CA VAL Q 43 -32.18 22.97 26.50
C VAL Q 43 -31.00 23.19 27.46
N LYS Q 44 -29.91 22.49 27.16
CA LYS Q 44 -28.71 22.43 27.96
C LYS Q 44 -27.60 23.25 27.32
N ARG Q 45 -27.41 23.07 26.01
CA ARG Q 45 -26.37 23.76 25.28
C ARG Q 45 -26.90 24.70 24.20
N ILE Q 46 -26.56 25.98 24.34
CA ILE Q 46 -27.09 27.05 23.49
C ILE Q 46 -26.03 27.70 22.60
N SER Q 47 -26.20 27.54 21.29
CA SER Q 47 -25.33 28.21 20.29
C SER Q 47 -25.49 29.72 20.31
N GLY Q 48 -24.39 30.44 20.16
CA GLY Q 48 -24.39 31.91 20.25
C GLY Q 48 -25.27 32.65 19.25
N LEU Q 49 -25.48 32.05 18.08
CA LEU Q 49 -26.35 32.63 17.08
C LEU Q 49 -27.85 32.45 17.37
N ILE Q 50 -28.16 31.78 18.47
CA ILE Q 50 -29.54 31.60 18.90
C ILE Q 50 -30.17 32.91 19.41
N TYR Q 51 -29.45 33.67 20.25
CA TYR Q 51 -30.07 34.83 20.91
C TYR Q 51 -30.69 35.83 19.94
N GLU Q 52 -30.08 36.04 18.76
CA GLU Q 52 -30.70 36.98 17.83
C GLU Q 52 -31.86 36.35 17.11
N GLU Q 53 -31.76 35.08 16.78
CA GLU Q 53 -32.90 34.43 16.12
C GLU Q 53 -34.14 34.44 17.06
N THR Q 54 -33.90 34.33 18.37
CA THR Q 54 -35.03 34.28 19.29
C THR Q 54 -35.75 35.61 19.30
N ARG Q 55 -34.97 36.68 19.37
CA ARG Q 55 -35.53 38.04 19.31
C ARG Q 55 -36.29 38.23 18.00
N GLY Q 56 -35.76 37.64 16.94
CA GLY Q 56 -36.38 37.73 15.63
C GLY Q 56 -37.79 37.20 15.76
N VAL Q 57 -37.86 35.97 16.29
CA VAL Q 57 -39.07 35.19 16.49
C VAL Q 57 -40.05 35.85 17.45
N LEU Q 58 -39.53 36.33 18.58
CA LEU Q 58 -40.37 36.96 19.56
C LEU Q 58 -41.08 38.15 18.94
N LYS Q 59 -40.34 38.88 18.11
CA LYS Q 59 -40.88 40.05 17.40
C LYS Q 59 -42.01 39.67 16.45
N VAL Q 60 -41.77 38.70 15.54
CA VAL Q 60 -42.83 38.25 14.62
C VAL Q 60 -44.00 37.81 15.47
N PHE Q 61 -43.71 37.20 16.63
CA PHE Q 61 -44.78 36.77 17.54
C PHE Q 61 -45.57 37.97 18.08
N LEU Q 62 -44.90 38.89 18.76
CA LEU Q 62 -45.61 40.08 19.30
C LEU Q 62 -46.27 40.95 18.22
N GLU Q 63 -45.67 40.97 17.02
CA GLU Q 63 -46.26 41.77 15.98
C GLU Q 63 -47.54 41.10 15.60
N ASN Q 64 -47.62 39.79 15.73
CA ASN Q 64 -48.89 39.17 15.35
C ASN Q 64 -50.01 39.33 16.36
N VAL Q 65 -49.69 39.17 17.63
CA VAL Q 65 -50.74 39.24 18.62
C VAL Q 65 -51.20 40.68 18.68
N ILE Q 66 -50.28 41.64 18.57
CA ILE Q 66 -50.68 43.05 18.77
C ILE Q 66 -51.36 43.69 17.56
N ARG Q 67 -50.93 43.34 16.35
CA ARG Q 67 -51.72 43.70 15.20
C ARG Q 67 -53.19 43.38 15.47
N ASP Q 68 -53.46 42.14 15.90
CA ASP Q 68 -54.83 41.72 16.22
C ASP Q 68 -55.42 42.36 17.49
N ALA Q 69 -54.65 42.38 18.58
CA ALA Q 69 -55.14 43.00 19.81
C ALA Q 69 -55.64 44.38 19.47
N VAL Q 70 -54.79 45.12 18.75
CA VAL Q 70 -55.05 46.50 18.35
C VAL Q 70 -56.29 46.61 17.49
N THR Q 71 -56.39 45.83 16.43
CA THR Q 71 -57.61 45.80 15.64
C THR Q 71 -58.88 45.66 16.46
N TYR Q 72 -58.87 44.82 17.51
CA TYR Q 72 -59.99 44.80 18.45
C TYR Q 72 -60.10 46.17 19.15
N THR Q 73 -58.98 46.73 19.61
CA THR Q 73 -59.02 48.00 20.35
C THR Q 73 -59.58 49.13 19.50
N GLU Q 74 -59.22 49.12 18.21
CA GLU Q 74 -59.72 50.10 17.26
C GLU Q 74 -61.20 49.90 17.04
N HIS Q 75 -61.63 48.65 16.99
CA HIS Q 75 -63.05 48.39 16.77
C HIS Q 75 -63.85 48.80 17.99
N ALA Q 76 -63.37 48.47 19.17
CA ALA Q 76 -64.02 48.92 20.38
C ALA Q 76 -63.93 50.44 20.56
N LYS Q 77 -63.38 51.13 19.55
CA LYS Q 77 -63.21 52.61 19.55
C LYS Q 77 -62.53 53.14 20.82
N ARG Q 78 -61.37 52.57 21.16
CA ARG Q 78 -60.70 52.88 22.41
C ARG Q 78 -59.25 53.34 22.20
N LYS Q 79 -58.70 54.05 23.17
CA LYS Q 79 -57.30 54.46 23.18
C LYS Q 79 -56.52 53.59 24.16
N THR Q 80 -57.22 52.69 24.85
CA THR Q 80 -56.58 51.81 25.82
C THR Q 80 -56.79 50.38 25.41
N VAL Q 81 -55.70 49.63 25.36
CA VAL Q 81 -55.73 48.20 25.02
C VAL Q 81 -55.93 47.39 26.30
N THR Q 82 -56.97 46.56 26.28
CA THR Q 82 -57.41 45.83 27.47
C THR Q 82 -56.91 44.39 27.49
N ALA Q 83 -56.87 43.82 28.69
CA ALA Q 83 -56.54 42.40 28.83
C ALA Q 83 -57.37 41.54 27.87
N MET Q 84 -58.64 41.90 27.69
CA MET Q 84 -59.52 41.17 26.82
C MET Q 84 -59.18 41.19 25.34
N ASP Q 85 -58.68 42.33 24.84
CA ASP Q 85 -58.33 42.45 23.42
C ASP Q 85 -57.19 41.51 23.15
N VAL Q 86 -56.21 41.52 24.05
CA VAL Q 86 -55.12 40.55 24.01
C VAL Q 86 -55.65 39.11 23.95
N VAL Q 87 -56.59 38.76 24.83
CA VAL Q 87 -56.96 37.37 25.00
C VAL Q 87 -57.71 36.86 23.78
N TYR Q 88 -58.52 37.73 23.21
CA TYR Q 88 -59.24 37.46 22.02
C TYR Q 88 -58.31 37.26 20.82
N ALA Q 89 -57.16 37.93 20.86
CA ALA Q 89 -56.22 37.91 19.76
C ALA Q 89 -55.59 36.54 19.77
N LEU Q 90 -54.94 36.21 20.90
CA LEU Q 90 -54.43 34.86 21.15
C LEU Q 90 -55.42 33.76 20.73
N LYS Q 91 -56.66 33.82 21.24
CA LYS Q 91 -57.66 32.84 20.83
C LYS Q 91 -57.69 32.74 19.30
N ARG Q 92 -57.76 33.90 18.64
CA ARG Q 92 -57.75 34.03 17.17
C ARG Q 92 -56.59 33.28 16.54
N GLN Q 93 -55.39 33.50 17.08
CA GLN Q 93 -54.15 32.90 16.57
C GLN Q 93 -53.97 31.47 17.07
N GLY Q 94 -55.03 30.86 17.59
CA GLY Q 94 -54.93 29.51 18.11
C GLY Q 94 -53.92 29.33 19.22
N ARG Q 95 -53.82 30.33 20.10
CA ARG Q 95 -52.96 30.26 21.28
C ARG Q 95 -53.77 30.73 22.47
N THR Q 96 -54.90 30.05 22.69
CA THR Q 96 -55.85 30.39 23.76
C THR Q 96 -55.16 30.51 25.11
N LEU Q 97 -55.57 31.48 25.91
CA LEU Q 97 -54.93 31.74 27.21
C LEU Q 97 -55.96 31.91 28.33
N TYR Q 98 -55.76 31.13 29.39
CA TYR Q 98 -56.60 31.21 30.57
C TYR Q 98 -55.89 32.03 31.63
N GLY Q 99 -56.66 32.79 32.41
CA GLY Q 99 -56.11 33.52 33.54
C GLY Q 99 -56.39 35.01 33.56
N PHE Q 100 -56.96 35.54 32.46
CA PHE Q 100 -57.12 36.97 32.30
C PHE Q 100 -58.49 37.45 31.84
N GLY Q 101 -59.51 36.64 32.03
CA GLY Q 101 -60.86 36.97 31.56
C GLY Q 101 -61.15 36.10 30.35
N GLY Q 102 -62.40 36.13 29.88
CA GLY Q 102 -62.81 35.36 28.69
C GLY Q 102 -63.51 34.03 28.96
N PRO R 38 -9.30 26.77 44.77
CA PRO R 38 -10.69 27.13 44.41
C PRO R 38 -11.50 25.95 43.83
N HIS R 39 -12.68 26.24 43.32
CA HIS R 39 -13.60 25.20 42.82
C HIS R 39 -14.31 25.60 41.52
N ARG R 40 -14.56 24.60 40.66
CA ARG R 40 -15.10 24.83 39.33
C ARG R 40 -15.99 23.68 38.85
N TYR R 41 -17.30 23.92 38.82
CA TYR R 41 -18.25 22.96 38.24
C TYR R 41 -17.96 22.76 36.76
N ARG R 42 -17.97 21.50 36.35
CA ARG R 42 -17.69 21.13 34.98
C ARG R 42 -18.74 21.66 33.99
N PRO R 43 -18.36 21.86 32.71
CA PRO R 43 -19.31 22.37 31.73
C PRO R 43 -20.53 21.46 31.59
N GLY R 44 -21.70 22.07 31.70
CA GLY R 44 -22.97 21.37 31.53
C GLY R 44 -23.62 21.03 32.86
N THR R 45 -22.86 21.23 33.94
CA THR R 45 -23.30 20.84 35.26
C THR R 45 -24.29 21.84 35.81
N VAL R 46 -24.04 23.12 35.54
CA VAL R 46 -24.95 24.17 36.04
C VAL R 46 -26.18 24.30 35.11
N ALA R 47 -26.01 23.87 33.87
CA ALA R 47 -27.10 23.91 32.90
C ALA R 47 -28.22 23.01 33.39
N LEU R 48 -27.87 21.75 33.61
CA LEU R 48 -28.75 20.74 34.20
C LEU R 48 -29.37 21.23 35.50
N ARG R 49 -28.59 21.86 36.37
CA ARG R 49 -29.14 22.42 37.58
C ARG R 49 -30.19 23.46 37.25
N GLU R 50 -29.83 24.43 36.40
CA GLU R 50 -30.71 25.53 36.04
C GLU R 50 -32.01 25.08 35.38
N ILE R 51 -31.92 24.08 34.51
CA ILE R 51 -33.09 23.46 33.94
C ILE R 51 -34.03 23.09 35.06
N ARG R 52 -33.53 22.29 36.00
CA ARG R 52 -34.35 21.82 37.10
C ARG R 52 -34.90 22.98 37.92
N ARG R 53 -34.09 24.01 38.13
CA ARG R 53 -34.60 25.17 38.82
C ARG R 53 -35.84 25.68 38.10
N TYR R 54 -35.67 26.02 36.82
CA TYR R 54 -36.71 26.74 36.10
C TYR R 54 -37.91 25.87 35.73
N GLN R 55 -37.70 24.56 35.72
CA GLN R 55 -38.82 23.61 35.55
C GLN R 55 -39.67 23.37 36.85
N LYS R 56 -39.14 23.73 38.01
CA LYS R 56 -39.96 23.66 39.23
C LYS R 56 -40.88 24.86 39.37
N SER R 57 -40.44 26.03 38.92
CA SER R 57 -41.21 27.25 39.13
C SER R 57 -42.02 27.68 37.91
N THR R 58 -42.71 28.81 38.08
CA THR R 58 -43.74 29.32 37.17
C THR R 58 -43.61 30.84 36.89
N GLU R 59 -42.86 31.52 37.77
CA GLU R 59 -42.55 32.95 37.67
C GLU R 59 -41.90 33.25 36.34
N LEU R 60 -42.28 34.40 35.78
CA LEU R 60 -41.85 34.84 34.44
C LEU R 60 -40.36 35.04 34.36
N LEU R 61 -39.81 34.79 33.18
CA LEU R 61 -38.37 34.71 33.02
C LEU R 61 -37.75 35.95 32.38
N ILE R 62 -38.53 36.60 31.52
CA ILE R 62 -38.17 37.86 30.92
C ILE R 62 -38.46 38.90 32.00
N ARG R 63 -37.62 39.94 32.07
CA ARG R 63 -37.82 40.99 33.06
C ARG R 63 -38.95 41.86 32.63
N LYS R 64 -39.57 42.49 33.61
CA LYS R 64 -40.95 42.98 33.45
C LYS R 64 -40.93 44.24 32.63
N LEU R 65 -39.92 45.06 32.89
CA LEU R 65 -39.88 46.42 32.39
C LEU R 65 -39.43 46.45 30.94
N PRO R 66 -38.25 45.89 30.63
CA PRO R 66 -37.86 45.63 29.27
C PRO R 66 -39.05 45.13 28.45
N PHE R 67 -39.68 44.05 28.89
CA PHE R 67 -40.79 43.48 28.16
C PHE R 67 -41.81 44.53 27.71
N GLN R 68 -42.13 45.44 28.63
CA GLN R 68 -43.21 46.38 28.41
C GLN R 68 -42.77 47.38 27.34
N ARG R 69 -41.60 47.99 27.60
CA ARG R 69 -41.00 48.87 26.61
C ARG R 69 -41.10 48.27 25.22
N LEU R 70 -40.70 47.00 25.09
CA LEU R 70 -40.81 46.32 23.80
C LEU R 70 -42.22 46.39 23.22
N VAL R 71 -43.20 45.92 24.00
CA VAL R 71 -44.59 45.86 23.54
C VAL R 71 -45.11 47.25 23.18
N ARG R 72 -44.84 48.25 24.03
CA ARG R 72 -45.22 49.64 23.67
C ARG R 72 -44.62 50.13 22.32
N GLU R 73 -43.34 49.87 22.10
CA GLU R 73 -42.76 50.09 20.80
C GLU R 73 -43.65 49.47 19.73
N ILE R 74 -43.49 48.18 19.46
CA ILE R 74 -44.26 47.49 18.41
C ILE R 74 -45.69 48.00 18.20
N ALA R 75 -46.37 48.36 19.28
CA ALA R 75 -47.76 48.76 19.20
C ALA R 75 -47.88 50.17 18.64
N GLN R 76 -46.99 51.04 19.10
CA GLN R 76 -46.84 52.42 18.58
C GLN R 76 -46.75 52.41 17.07
N ASP R 77 -45.77 51.66 16.57
CA ASP R 77 -45.52 51.42 15.15
C ASP R 77 -46.67 50.75 14.38
N PHE R 78 -47.85 50.66 14.99
CA PHE R 78 -49.07 50.10 14.38
C PHE R 78 -50.17 51.14 14.51
N LYS R 79 -50.14 51.84 15.65
CA LYS R 79 -50.99 52.96 15.91
C LYS R 79 -50.39 53.71 17.09
N THR R 80 -50.31 55.02 16.95
CA THR R 80 -49.72 55.87 17.95
C THR R 80 -50.78 56.06 19.00
N ASP R 81 -50.37 56.61 20.14
CA ASP R 81 -51.30 57.10 21.14
C ASP R 81 -52.18 56.00 21.74
N LEU R 82 -51.56 54.83 22.00
CA LEU R 82 -52.20 53.69 22.70
C LEU R 82 -51.77 53.58 24.15
N ARG R 83 -52.74 53.29 25.02
CA ARG R 83 -52.45 52.90 26.40
C ARG R 83 -52.71 51.40 26.67
N PHE R 84 -52.19 50.88 27.79
CA PHE R 84 -52.37 49.47 28.18
C PHE R 84 -52.83 49.27 29.62
N GLN R 85 -53.89 48.49 29.80
CA GLN R 85 -54.14 47.82 31.09
C GLN R 85 -52.91 46.99 31.50
N SER R 86 -52.41 47.22 32.70
CA SER R 86 -51.18 46.56 33.12
C SER R 86 -51.32 45.04 33.05
N SER R 87 -52.54 44.58 33.24
CA SER R 87 -52.87 43.18 33.06
C SER R 87 -52.80 42.73 31.58
N ALA R 88 -52.96 43.65 30.63
CA ALA R 88 -52.94 43.34 29.19
C ALA R 88 -51.52 43.09 28.71
N VAL R 89 -50.56 43.80 29.30
CA VAL R 89 -49.15 43.54 29.01
C VAL R 89 -48.92 42.13 29.52
N MET R 90 -49.18 41.98 30.83
CA MET R 90 -49.00 40.72 31.55
C MET R 90 -49.61 39.51 30.83
N ALA R 91 -50.75 39.71 30.17
CA ALA R 91 -51.30 38.68 29.31
C ALA R 91 -50.32 38.34 28.19
N LEU R 92 -50.01 39.31 27.31
CA LEU R 92 -49.04 39.13 26.22
C LEU R 92 -47.75 38.48 26.64
N GLN R 93 -47.23 38.85 27.82
CA GLN R 93 -46.02 38.16 28.29
C GLN R 93 -46.28 36.68 28.64
N GLU R 94 -47.28 36.43 29.49
CA GLU R 94 -47.70 35.06 29.73
C GLU R 94 -47.76 34.31 28.40
N ALA R 95 -48.39 34.90 27.42
CA ALA R 95 -48.55 34.23 26.15
C ALA R 95 -47.22 34.08 25.42
N SER R 96 -46.29 35.00 25.71
CA SER R 96 -45.05 35.09 24.95
C SER R 96 -44.09 34.00 25.37
N GLU R 97 -43.80 34.00 26.68
CA GLU R 97 -42.94 33.00 27.30
C GLU R 97 -43.47 31.56 27.02
N ALA R 98 -44.70 31.24 27.40
CA ALA R 98 -45.29 29.96 26.99
C ALA R 98 -44.85 29.47 25.59
N TYR R 99 -44.93 30.38 24.62
CA TYR R 99 -44.64 30.11 23.22
C TYR R 99 -43.20 29.75 23.02
N LEU R 100 -42.35 30.48 23.73
CA LEU R 100 -40.94 30.40 23.45
C LEU R 100 -40.43 29.19 24.13
N VAL R 101 -41.01 28.90 25.28
CA VAL R 101 -40.65 27.68 26.01
C VAL R 101 -41.15 26.47 25.21
N ALA R 102 -42.38 26.52 24.74
CA ALA R 102 -42.86 25.51 23.80
C ALA R 102 -41.84 25.42 22.69
N LEU R 103 -41.43 26.58 22.14
CA LEU R 103 -40.46 26.63 21.02
C LEU R 103 -39.11 25.96 21.28
N PHE R 104 -38.41 26.42 22.31
CA PHE R 104 -37.22 25.77 22.75
C PHE R 104 -37.38 24.25 22.91
N GLU R 105 -38.45 23.79 23.58
CA GLU R 105 -38.81 22.36 23.62
C GLU R 105 -38.59 21.70 22.26
N ASP R 106 -39.31 22.17 21.24
CA ASP R 106 -39.23 21.61 19.91
C ASP R 106 -37.91 21.91 19.23
N THR R 107 -37.31 23.06 19.53
CA THR R 107 -35.97 23.32 18.99
C THR R 107 -35.11 22.19 19.53
N ASN R 108 -35.12 22.05 20.84
CA ASN R 108 -34.26 21.06 21.49
C ASN R 108 -34.34 19.70 20.82
N LEU R 109 -35.54 19.31 20.38
CA LEU R 109 -35.74 18.00 19.78
C LEU R 109 -34.98 17.94 18.50
N CYS R 110 -34.93 19.07 17.80
CA CYS R 110 -34.26 19.16 16.50
C CYS R 110 -32.73 19.06 16.61
N ALA R 111 -32.18 19.69 17.64
CA ALA R 111 -30.78 19.54 18.00
C ALA R 111 -30.49 18.07 18.18
N ILE R 112 -31.29 17.41 19.01
CA ILE R 112 -31.11 15.99 19.30
C ILE R 112 -31.34 15.13 18.07
N HIS R 113 -32.15 15.60 17.13
CA HIS R 113 -32.41 14.80 15.97
C HIS R 113 -31.12 14.64 15.18
N ALA R 114 -30.29 15.67 15.28
CA ALA R 114 -29.10 15.81 14.46
C ALA R 114 -27.85 15.34 15.20
N LYS R 115 -28.08 14.39 16.11
CA LYS R 115 -27.02 13.81 16.92
C LYS R 115 -26.20 14.90 17.62
N ARG R 116 -26.84 16.04 17.85
CA ARG R 116 -26.25 17.20 18.51
C ARG R 116 -26.92 17.42 19.87
N VAL R 117 -26.36 18.30 20.68
CA VAL R 117 -26.84 18.58 22.04
C VAL R 117 -27.02 20.09 22.24
N THR R 118 -26.43 20.84 21.30
CA THR R 118 -26.46 22.29 21.26
C THR R 118 -27.51 22.78 20.27
N ILE R 119 -28.42 23.65 20.71
CA ILE R 119 -29.44 24.22 19.79
C ILE R 119 -28.91 25.38 18.93
N MET R 120 -29.40 25.47 17.70
CA MET R 120 -28.84 26.37 16.71
C MET R 120 -29.97 27.05 15.95
N PRO R 121 -29.71 28.25 15.42
CA PRO R 121 -30.77 28.86 14.66
C PRO R 121 -31.41 27.84 13.69
N LYS R 122 -30.61 27.04 12.98
CA LYS R 122 -31.21 26.13 11.99
C LYS R 122 -32.21 25.19 12.62
N ASP R 123 -31.95 24.75 13.85
CA ASP R 123 -32.94 23.96 14.58
C ASP R 123 -34.25 24.74 14.70
N ILE R 124 -34.26 25.85 15.46
CA ILE R 124 -35.44 26.72 15.52
C ILE R 124 -36.15 26.79 14.16
N GLN R 125 -35.36 26.98 13.11
CA GLN R 125 -35.87 27.17 11.76
C GLN R 125 -36.64 25.96 11.25
N LEU R 126 -36.18 24.78 11.61
CA LEU R 126 -36.88 23.56 11.23
C LEU R 126 -38.17 23.38 12.01
N ALA R 127 -38.15 23.76 13.29
CA ALA R 127 -39.34 23.66 14.12
C ALA R 127 -40.46 24.55 13.56
N ARG R 128 -40.10 25.77 13.17
CA ARG R 128 -41.05 26.72 12.67
C ARG R 128 -41.55 26.31 11.29
N ARG R 129 -40.67 25.84 10.40
CA ARG R 129 -41.18 25.34 9.13
C ARG R 129 -42.24 24.27 9.40
N ILE R 130 -41.92 23.34 10.29
CA ILE R 130 -42.78 22.17 10.57
C ILE R 130 -44.10 22.52 11.30
N ARG R 131 -43.99 23.33 12.36
CA ARG R 131 -45.16 23.97 12.96
C ARG R 131 -46.03 24.69 11.90
N GLY R 132 -45.43 24.99 10.75
CA GLY R 132 -46.13 25.74 9.73
C GLY R 132 -46.30 27.19 10.14
N GLU R 133 -45.28 27.74 10.80
CA GLU R 133 -45.20 29.17 11.05
C GLU R 133 -44.48 29.84 9.84
N ARG R 134 -44.63 31.17 9.73
CA ARG R 134 -43.88 31.98 8.73
C ARG R 134 -43.42 33.34 9.28
#